data_5EME
# 
_entry.id   5EME 
# 
_audit_conform.dict_name       mmcif_pdbx.dic 
_audit_conform.dict_version    5.398 
_audit_conform.dict_location   http://mmcif.pdb.org/dictionaries/ascii/mmcif_pdbx.dic 
# 
loop_
_database_2.database_id 
_database_2.database_code 
_database_2.pdbx_database_accession 
_database_2.pdbx_DOI 
PDB   5EME         pdb_00005eme 10.2210/pdb5eme/pdb 
WWPDB D_1000214882 ?            ?                   
# 
loop_
_pdbx_audit_revision_history.ordinal 
_pdbx_audit_revision_history.data_content_type 
_pdbx_audit_revision_history.major_revision 
_pdbx_audit_revision_history.minor_revision 
_pdbx_audit_revision_history.revision_date 
1 'Structure model' 1 0 2016-01-13 
2 'Structure model' 1 1 2016-03-09 
3 'Structure model' 1 2 2017-05-17 
4 'Structure model' 2 0 2023-11-15 
5 'Structure model' 2 1 2024-01-10 
6 'Structure model' 2 2 2024-11-06 
# 
_pdbx_audit_revision_details.ordinal             1 
_pdbx_audit_revision_details.revision_ordinal    1 
_pdbx_audit_revision_details.data_content_type   'Structure model' 
_pdbx_audit_revision_details.provider            repository 
_pdbx_audit_revision_details.type                'Initial release' 
_pdbx_audit_revision_details.description         ? 
_pdbx_audit_revision_details.details             ? 
# 
loop_
_pdbx_audit_revision_group.ordinal 
_pdbx_audit_revision_group.revision_ordinal 
_pdbx_audit_revision_group.data_content_type 
_pdbx_audit_revision_group.group 
1 2 'Structure model' 'Database references'    
2 3 'Structure model' Other                    
3 4 'Structure model' 'Atomic model'           
4 4 'Structure model' 'Data collection'        
5 4 'Structure model' 'Database references'    
6 4 'Structure model' 'Derived calculations'   
7 5 'Structure model' 'Refinement description' 
8 6 'Structure model' 'Structure summary'      
# 
loop_
_pdbx_audit_revision_category.ordinal 
_pdbx_audit_revision_category.revision_ordinal 
_pdbx_audit_revision_category.data_content_type 
_pdbx_audit_revision_category.category 
1 4 'Structure model' atom_site                     
2 4 'Structure model' atom_site_anisotrop           
3 4 'Structure model' chem_comp_atom                
4 4 'Structure model' chem_comp_bond                
5 4 'Structure model' database_2                    
6 4 'Structure model' struct_conn                   
7 5 'Structure model' pdbx_initial_refinement_model 
8 6 'Structure model' pdbx_entry_details            
9 6 'Structure model' pdbx_modification_feature     
# 
loop_
_pdbx_audit_revision_item.ordinal 
_pdbx_audit_revision_item.revision_ordinal 
_pdbx_audit_revision_item.data_content_type 
_pdbx_audit_revision_item.item 
1 4 'Structure model' '_atom_site.auth_atom_id'                 
2 4 'Structure model' '_atom_site.label_atom_id'                
3 4 'Structure model' '_atom_site_anisotrop.pdbx_auth_atom_id'  
4 4 'Structure model' '_atom_site_anisotrop.pdbx_label_atom_id' 
5 4 'Structure model' '_database_2.pdbx_DOI'                    
6 4 'Structure model' '_database_2.pdbx_database_accession'     
7 4 'Structure model' '_struct_conn.pdbx_leaving_atom_flag'     
8 4 'Structure model' '_struct_conn.ptnr1_label_atom_id'        
9 4 'Structure model' '_struct_conn.ptnr2_label_atom_id'        
# 
_pdbx_database_status.status_code                     REL 
_pdbx_database_status.status_code_sf                  REL 
_pdbx_database_status.status_code_mr                  ? 
_pdbx_database_status.entry_id                        5EME 
_pdbx_database_status.recvd_initial_deposition_date   2015-11-06 
_pdbx_database_status.SG_entry                        N 
_pdbx_database_status.deposit_site                    RCSB 
_pdbx_database_status.process_site                    PDBE 
_pdbx_database_status.status_code_cs                  ? 
_pdbx_database_status.methods_development_category    ? 
_pdbx_database_status.pdb_format_compatible           Y 
_pdbx_database_status.status_code_nmr_data            ? 
# 
loop_
_audit_author.name 
_audit_author.pdbx_ordinal 
'Kiliszek, A.'   1 
'Banaszak, K.'   2 
'Dauter, Z.'     3 
'Rypniewski, W.' 4 
# 
_citation.abstract                  ? 
_citation.abstract_id_CAS           ? 
_citation.book_id_ISBN              ? 
_citation.book_publisher            ? 
_citation.book_publisher_city       ? 
_citation.book_title                ? 
_citation.coordinate_linkage        ? 
_citation.country                   UK 
_citation.database_id_Medline       ? 
_citation.details                   ? 
_citation.id                        primary 
_citation.journal_abbrev            'Nucleic Acids Res.' 
_citation.journal_id_ASTM           NARHAD 
_citation.journal_id_CSD            0389 
_citation.journal_id_ISSN           1362-4962 
_citation.journal_full              ? 
_citation.journal_issue             ? 
_citation.journal_volume            44 
_citation.language                  ? 
_citation.page_first                1937 
_citation.page_last                 1943 
_citation.title                     
;The first crystal structures of RNA-PNA duplexes and a PNA-PNA duplex containing mismatches-toward anti-sense therapy against TREDs.
;
_citation.year                      2016 
_citation.database_id_CSD           ? 
_citation.pdbx_database_id_DOI      10.1093/nar/gkv1513 
_citation.pdbx_database_id_PubMed   26717983 
_citation.unpublished_flag          ? 
# 
loop_
_citation_author.citation_id 
_citation_author.name 
_citation_author.ordinal 
_citation_author.identifier_ORCID 
primary 'Kiliszek, A.'   1 ? 
primary 'Banaszak, K.'   2 ? 
primary 'Dauter, Z.'     3 ? 
primary 'Rypniewski, W.' 4 ? 
# 
loop_
_entity.id 
_entity.type 
_entity.src_method 
_entity.pdbx_description 
_entity.formula_weight 
_entity.pdbx_number_of_molecules 
_entity.pdbx_ec 
_entity.pdbx_mutation 
_entity.pdbx_fragment 
_entity.details 
1 polymer     syn 
;RNA (5'-R(*GP*CP*AP*GP*CP*AP*GP*C)-3')
;
2564.617 1   ? ? ? ? 
2 polymer     syn 'Antisense PNA strand'                   2186.107 1   ? ? ? ? 
3 non-polymer syn 'CHLORIDE ION'                           35.453   2   ? ? ? ? 
4 water       nat water                                    18.015   105 ? ? ? ? 
# 
loop_
_entity_poly.entity_id 
_entity_poly.type 
_entity_poly.nstd_linkage 
_entity_poly.nstd_monomer 
_entity_poly.pdbx_seq_one_letter_code 
_entity_poly.pdbx_seq_one_letter_code_can 
_entity_poly.pdbx_strand_id 
_entity_poly.pdbx_target_identifier 
1 polyribonucleotide     no no  GCAGCAGC                                   GCAGCAGC A ? 
2 'peptide nucleic acid' no yes '(GPN)(CPN)(TPN)(GPN)(CPN)(TPN)(GPN)(CPN)' XXXXXXXX B ? 
# 
loop_
_pdbx_entity_nonpoly.entity_id 
_pdbx_entity_nonpoly.name 
_pdbx_entity_nonpoly.comp_id 
3 'CHLORIDE ION' CL  
4 water          HOH 
# 
loop_
_entity_poly_seq.entity_id 
_entity_poly_seq.num 
_entity_poly_seq.mon_id 
_entity_poly_seq.hetero 
1 1 G   n 
1 2 C   n 
1 3 A   n 
1 4 G   n 
1 5 C   n 
1 6 A   n 
1 7 G   n 
1 8 C   n 
2 1 GPN n 
2 2 CPN n 
2 3 TPN n 
2 4 GPN n 
2 5 CPN n 
2 6 TPN n 
2 7 GPN n 
2 8 CPN n 
# 
loop_
_pdbx_entity_src_syn.entity_id 
_pdbx_entity_src_syn.pdbx_src_id 
_pdbx_entity_src_syn.pdbx_alt_source_flag 
_pdbx_entity_src_syn.pdbx_beg_seq_num 
_pdbx_entity_src_syn.pdbx_end_seq_num 
_pdbx_entity_src_syn.organism_scientific 
_pdbx_entity_src_syn.organism_common_name 
_pdbx_entity_src_syn.ncbi_taxonomy_id 
_pdbx_entity_src_syn.details 
1 1 sample 1 8 'Homo sapiens'        Human 9606  ? 
2 1 sample 1 8 'synthetic construct' ?     32630 ? 
# 
loop_
_chem_comp.id 
_chem_comp.type 
_chem_comp.mon_nstd_flag 
_chem_comp.name 
_chem_comp.pdbx_synonyms 
_chem_comp.formula 
_chem_comp.formula_weight 
A   'RNA linking' y "ADENOSINE-5'-MONOPHOSPHATE"                   ? 'C10 H14 N5 O7 P' 347.221 
C   'RNA linking' y "CYTIDINE-5'-MONOPHOSPHATE"                    ? 'C9 H14 N3 O8 P'  323.197 
CL  non-polymer   . 'CHLORIDE ION'                                 ? 'Cl -1'           35.453  
CPN peptide-like  . 2-AMINOETHYLGLYCINE-CARBONYLMETHYLENE-CYTOSINE ? 'C10 H16 N5 O4 1' 270.265 
G   'RNA linking' y "GUANOSINE-5'-MONOPHOSPHATE"                   ? 'C10 H14 N5 O8 P' 363.221 
GPN peptide-like  . 2-AMINOETHYLGLYCINE-CARBONYLMETHYLENE-GUANINE  ? 'C11 H16 N7 O4 1' 310.289 
HOH non-polymer   . WATER                                          ? 'H2 O'            18.015  
TPN peptide-like  . 2-AMINOETHYLGLYCINE-CARBONYLMETHYLENE-THYMINE  ? 'C11 H17 N4 O5 1' 285.276 
# 
loop_
_pdbx_poly_seq_scheme.asym_id 
_pdbx_poly_seq_scheme.entity_id 
_pdbx_poly_seq_scheme.seq_id 
_pdbx_poly_seq_scheme.mon_id 
_pdbx_poly_seq_scheme.ndb_seq_num 
_pdbx_poly_seq_scheme.pdb_seq_num 
_pdbx_poly_seq_scheme.auth_seq_num 
_pdbx_poly_seq_scheme.pdb_mon_id 
_pdbx_poly_seq_scheme.auth_mon_id 
_pdbx_poly_seq_scheme.pdb_strand_id 
_pdbx_poly_seq_scheme.pdb_ins_code 
_pdbx_poly_seq_scheme.hetero 
A 1 1 G   1 1   1 G   G   A . n 
A 1 2 C   2 2   2 C   C   A . n 
A 1 3 A   3 3   3 A   A   A . n 
A 1 4 G   4 4   4 G   G   A . n 
A 1 5 C   5 5   5 C   C   A . n 
A 1 6 A   6 6   6 A   A   A . n 
A 1 7 G   7 7   7 G   G   A . n 
A 1 8 C   8 8   8 C   C   A . n 
B 2 1 GPN 1 101 1 GPN GPN B . n 
B 2 2 CPN 2 102 2 CPN CPN B . n 
B 2 3 TPN 3 103 3 TPN TPN B . n 
B 2 4 GPN 4 104 4 GPN GPN B . n 
B 2 5 CPN 5 105 5 CPN CPN B . n 
B 2 6 TPN 6 106 6 TPN TPN B . n 
B 2 7 GPN 7 107 7 GPN GPN B . n 
B 2 8 CPN 8 108 8 CPN CPN B . n 
# 
loop_
_pdbx_nonpoly_scheme.asym_id 
_pdbx_nonpoly_scheme.entity_id 
_pdbx_nonpoly_scheme.mon_id 
_pdbx_nonpoly_scheme.ndb_seq_num 
_pdbx_nonpoly_scheme.pdb_seq_num 
_pdbx_nonpoly_scheme.auth_seq_num 
_pdbx_nonpoly_scheme.pdb_mon_id 
_pdbx_nonpoly_scheme.auth_mon_id 
_pdbx_nonpoly_scheme.pdb_strand_id 
_pdbx_nonpoly_scheme.pdb_ins_code 
C 3 CL  1  101 1   CL  CL  A . 
D 3 CL  1  201 2   CL  CL  B . 
E 4 HOH 1  201 3   HOH HOH A . 
E 4 HOH 2  202 61  HOH HOH A . 
E 4 HOH 3  203 84  HOH HOH A . 
E 4 HOH 4  204 102 HOH HOH A . 
E 4 HOH 5  205 30  HOH HOH A . 
E 4 HOH 6  206 54  HOH HOH A . 
E 4 HOH 7  207 38  HOH HOH A . 
E 4 HOH 8  208 1   HOH HOH A . 
E 4 HOH 9  209 6   HOH HOH A . 
E 4 HOH 10 210 16  HOH HOH A . 
E 4 HOH 11 211 18  HOH HOH A . 
E 4 HOH 12 212 41  HOH HOH A . 
E 4 HOH 13 213 26  HOH HOH A . 
E 4 HOH 14 214 73  HOH HOH A . 
E 4 HOH 15 215 2   HOH HOH A . 
E 4 HOH 16 216 50  HOH HOH A . 
E 4 HOH 17 217 27  HOH HOH A . 
E 4 HOH 18 218 46  HOH HOH A . 
E 4 HOH 19 219 58  HOH HOH A . 
E 4 HOH 20 220 55  HOH HOH A . 
E 4 HOH 21 221 70  HOH HOH A . 
E 4 HOH 22 222 48  HOH HOH A . 
E 4 HOH 23 223 52  HOH HOH A . 
E 4 HOH 24 224 69  HOH HOH A . 
E 4 HOH 25 225 83  HOH HOH A . 
E 4 HOH 26 226 22  HOH HOH A . 
E 4 HOH 27 227 74  HOH HOH A . 
E 4 HOH 28 228 11  HOH HOH A . 
E 4 HOH 29 229 47  HOH HOH A . 
E 4 HOH 30 230 39  HOH HOH A . 
E 4 HOH 31 231 60  HOH HOH A . 
E 4 HOH 32 232 56  HOH HOH A . 
E 4 HOH 33 233 98  HOH HOH A . 
E 4 HOH 34 234 34  HOH HOH A . 
E 4 HOH 35 235 99  HOH HOH A . 
E 4 HOH 36 236 89  HOH HOH A . 
E 4 HOH 37 237 25  HOH HOH A . 
E 4 HOH 38 238 71  HOH HOH A . 
E 4 HOH 39 239 68  HOH HOH A . 
E 4 HOH 40 240 42  HOH HOH A . 
E 4 HOH 41 241 62  HOH HOH A . 
E 4 HOH 42 242 88  HOH HOH A . 
E 4 HOH 43 243 87  HOH HOH A . 
E 4 HOH 44 244 49  HOH HOH A . 
E 4 HOH 45 245 31  HOH HOH A . 
E 4 HOH 46 246 105 HOH HOH A . 
E 4 HOH 47 247 33  HOH HOH A . 
E 4 HOH 48 248 4   HOH HOH A . 
E 4 HOH 49 249 92  HOH HOH A . 
E 4 HOH 50 250 90  HOH HOH A . 
E 4 HOH 51 251 104 HOH HOH A . 
E 4 HOH 52 252 67  HOH HOH A . 
E 4 HOH 53 253 93  HOH HOH A . 
E 4 HOH 54 254 94  HOH HOH A . 
E 4 HOH 55 255 63  HOH HOH A . 
E 4 HOH 56 256 81  HOH HOH A . 
E 4 HOH 57 257 97  HOH HOH A . 
E 4 HOH 58 258 51  HOH HOH A . 
F 4 HOH 1  301 23  HOH HOH B . 
F 4 HOH 2  302 72  HOH HOH B . 
F 4 HOH 3  303 29  HOH HOH B . 
F 4 HOH 4  304 20  HOH HOH B . 
F 4 HOH 5  305 15  HOH HOH B . 
F 4 HOH 6  306 44  HOH HOH B . 
F 4 HOH 7  307 21  HOH HOH B . 
F 4 HOH 8  308 28  HOH HOH B . 
F 4 HOH 9  309 40  HOH HOH B . 
F 4 HOH 10 310 86  HOH HOH B . 
F 4 HOH 11 311 36  HOH HOH B . 
F 4 HOH 12 312 85  HOH HOH B . 
F 4 HOH 13 313 103 HOH HOH B . 
F 4 HOH 14 314 82  HOH HOH B . 
F 4 HOH 15 315 35  HOH HOH B . 
F 4 HOH 16 316 45  HOH HOH B . 
F 4 HOH 17 317 57  HOH HOH B . 
F 4 HOH 18 318 19  HOH HOH B . 
F 4 HOH 19 319 37  HOH HOH B . 
F 4 HOH 20 320 9   HOH HOH B . 
F 4 HOH 21 321 65  HOH HOH B . 
F 4 HOH 22 322 13  HOH HOH B . 
F 4 HOH 23 323 53  HOH HOH B . 
F 4 HOH 24 324 76  HOH HOH B . 
F 4 HOH 25 325 100 HOH HOH B . 
F 4 HOH 26 326 17  HOH HOH B . 
F 4 HOH 27 327 32  HOH HOH B . 
F 4 HOH 28 328 24  HOH HOH B . 
F 4 HOH 29 329 43  HOH HOH B . 
F 4 HOH 30 330 78  HOH HOH B . 
F 4 HOH 31 331 10  HOH HOH B . 
F 4 HOH 32 332 75  HOH HOH B . 
F 4 HOH 33 333 79  HOH HOH B . 
F 4 HOH 34 334 66  HOH HOH B . 
F 4 HOH 35 335 101 HOH HOH B . 
F 4 HOH 36 336 8   HOH HOH B . 
F 4 HOH 37 337 12  HOH HOH B . 
F 4 HOH 38 338 7   HOH HOH B . 
F 4 HOH 39 339 59  HOH HOH B . 
F 4 HOH 40 340 5   HOH HOH B . 
F 4 HOH 41 341 91  HOH HOH B . 
F 4 HOH 42 342 77  HOH HOH B . 
F 4 HOH 43 343 14  HOH HOH B . 
F 4 HOH 44 344 80  HOH HOH B . 
F 4 HOH 45 345 64  HOH HOH B . 
F 4 HOH 46 346 96  HOH HOH B . 
F 4 HOH 47 347 95  HOH HOH B . 
# 
loop_
_software.citation_id 
_software.classification 
_software.compiler_name 
_software.compiler_version 
_software.contact_author 
_software.contact_author_email 
_software.date 
_software.description 
_software.dependencies 
_software.hardware 
_software.language 
_software.location 
_software.mods 
_software.name 
_software.os 
_software.os_version 
_software.type 
_software.version 
_software.pdbx_ordinal 
? refinement       ? ? ? ? ? ? ? ? ? ? ? REFMAC ? ? ? 5.8.0124 1 
? 'data reduction' ? ? ? ? ? ? ? ? ? ? ? XDS    ? ? ? .        2 
? 'data scaling'   ? ? ? ? ? ? ? ? ? ? ? XDS    ? ? ? .        3 
? phasing          ? ? ? ? ? ? ? ? ? ? ? PHASER ? ? ? .        4 
# 
_cell.angle_alpha                  90.00 
_cell.angle_alpha_esd              ? 
_cell.angle_beta                   90.00 
_cell.angle_beta_esd               ? 
_cell.angle_gamma                  120.00 
_cell.angle_gamma_esd              ? 
_cell.entry_id                     5EME 
_cell.details                      ? 
_cell.formula_units_Z              ? 
_cell.length_a                     35.171 
_cell.length_a_esd                 ? 
_cell.length_b                     35.171 
_cell.length_b_esd                 ? 
_cell.length_c                     68.918 
_cell.length_c_esd                 ? 
_cell.volume                       ? 
_cell.volume_esd                   ? 
_cell.Z_PDB                        6 
_cell.reciprocal_angle_alpha       ? 
_cell.reciprocal_angle_beta        ? 
_cell.reciprocal_angle_gamma       ? 
_cell.reciprocal_angle_alpha_esd   ? 
_cell.reciprocal_angle_beta_esd    ? 
_cell.reciprocal_angle_gamma_esd   ? 
_cell.reciprocal_length_a          ? 
_cell.reciprocal_length_b          ? 
_cell.reciprocal_length_c          ? 
_cell.reciprocal_length_a_esd      ? 
_cell.reciprocal_length_b_esd      ? 
_cell.reciprocal_length_c_esd      ? 
_cell.pdbx_unique_axis             ? 
# 
_symmetry.entry_id                         5EME 
_symmetry.cell_setting                     ? 
_symmetry.Int_Tables_number                152 
_symmetry.space_group_name_Hall            ? 
_symmetry.space_group_name_H-M             'P 31 2 1' 
_symmetry.pdbx_full_space_group_name_H-M   ? 
# 
_exptl.absorpt_coefficient_mu     ? 
_exptl.absorpt_correction_T_max   ? 
_exptl.absorpt_correction_T_min   ? 
_exptl.absorpt_correction_type    ? 
_exptl.absorpt_process_details    ? 
_exptl.entry_id                   5EME 
_exptl.crystals_number            ? 
_exptl.details                    ? 
_exptl.method                     'X-RAY DIFFRACTION' 
_exptl.method_details             ? 
# 
_exptl_crystal.colour                      ? 
_exptl_crystal.density_diffrn              ? 
_exptl_crystal.density_Matthews            4.80 
_exptl_crystal.density_method              ? 
_exptl_crystal.density_percent_sol         74.36 
_exptl_crystal.description                 ? 
_exptl_crystal.F_000                       ? 
_exptl_crystal.id                          1 
_exptl_crystal.preparation                 ? 
_exptl_crystal.size_max                    ? 
_exptl_crystal.size_mid                    ? 
_exptl_crystal.size_min                    ? 
_exptl_crystal.size_rad                    ? 
_exptl_crystal.colour_lustre               ? 
_exptl_crystal.colour_modifier             ? 
_exptl_crystal.colour_primary              ? 
_exptl_crystal.density_meas                ? 
_exptl_crystal.density_meas_esd            ? 
_exptl_crystal.density_meas_gt             ? 
_exptl_crystal.density_meas_lt             ? 
_exptl_crystal.density_meas_temp           ? 
_exptl_crystal.density_meas_temp_esd       ? 
_exptl_crystal.density_meas_temp_gt        ? 
_exptl_crystal.density_meas_temp_lt        ? 
_exptl_crystal.pdbx_crystal_image_url      ? 
_exptl_crystal.pdbx_crystal_image_format   ? 
_exptl_crystal.pdbx_mosaicity              ? 
_exptl_crystal.pdbx_mosaicity_esd          ? 
# 
_exptl_crystal_grow.apparatus       ? 
_exptl_crystal_grow.atmosphere      ? 
_exptl_crystal_grow.crystal_id      1 
_exptl_crystal_grow.details         ? 
_exptl_crystal_grow.method          'VAPOR DIFFUSION, SITTING DROP' 
_exptl_crystal_grow.method_ref      ? 
_exptl_crystal_grow.pH              7.0 
_exptl_crystal_grow.pressure        ? 
_exptl_crystal_grow.pressure_esd    ? 
_exptl_crystal_grow.seeding         ? 
_exptl_crystal_grow.seeding_ref     ? 
_exptl_crystal_grow.temp            292 
_exptl_crystal_grow.temp_details    ? 
_exptl_crystal_grow.temp_esd        ? 
_exptl_crystal_grow.time            ? 
_exptl_crystal_grow.pdbx_details    '40mMMgCL2, HEPES, 1.6M (NH4)2SO4' 
_exptl_crystal_grow.pdbx_pH_range   ? 
# 
_diffrn.ambient_environment    ? 
_diffrn.ambient_temp           100 
_diffrn.ambient_temp_details   ? 
_diffrn.ambient_temp_esd       ? 
_diffrn.crystal_id             1 
_diffrn.crystal_support        ? 
_diffrn.crystal_treatment      ? 
_diffrn.details                ? 
_diffrn.id                     1 
_diffrn.ambient_pressure       ? 
_diffrn.ambient_pressure_esd   ? 
_diffrn.ambient_pressure_gt    ? 
_diffrn.ambient_pressure_lt    ? 
_diffrn.ambient_temp_gt        ? 
_diffrn.ambient_temp_lt        ? 
# 
_diffrn_detector.details                      ? 
_diffrn_detector.detector                     CCD 
_diffrn_detector.diffrn_id                    1 
_diffrn_detector.type                         'MARMOSAIC 225 mm CCD' 
_diffrn_detector.area_resol_mean              ? 
_diffrn_detector.dtime                        ? 
_diffrn_detector.pdbx_frames_total            ? 
_diffrn_detector.pdbx_collection_time_total   ? 
_diffrn_detector.pdbx_collection_date         2012-11-17 
# 
_diffrn_radiation.collimation                      ? 
_diffrn_radiation.diffrn_id                        1 
_diffrn_radiation.filter_edge                      ? 
_diffrn_radiation.inhomogeneity                    ? 
_diffrn_radiation.monochromator                    ? 
_diffrn_radiation.polarisn_norm                    ? 
_diffrn_radiation.polarisn_ratio                   ? 
_diffrn_radiation.probe                            ? 
_diffrn_radiation.type                             ? 
_diffrn_radiation.xray_symbol                      ? 
_diffrn_radiation.wavelength_id                    1 
_diffrn_radiation.pdbx_monochromatic_or_laue_m_l   M 
_diffrn_radiation.pdbx_wavelength_list             ? 
_diffrn_radiation.pdbx_wavelength                  ? 
_diffrn_radiation.pdbx_diffrn_protocol             'SINGLE WAVELENGTH' 
_diffrn_radiation.pdbx_analyzer                    ? 
_diffrn_radiation.pdbx_scattering_type             x-ray 
# 
_diffrn_radiation_wavelength.id           1 
_diffrn_radiation_wavelength.wavelength   0.855 
_diffrn_radiation_wavelength.wt           1.0 
# 
_diffrn_source.current                     ? 
_diffrn_source.details                     ? 
_diffrn_source.diffrn_id                   1 
_diffrn_source.power                       ? 
_diffrn_source.size                        ? 
_diffrn_source.source                      SYNCHROTRON 
_diffrn_source.target                      ? 
_diffrn_source.type                        'BESSY BEAMLINE 14.2' 
_diffrn_source.voltage                     ? 
_diffrn_source.take-off_angle              ? 
_diffrn_source.pdbx_wavelength_list        0.855 
_diffrn_source.pdbx_wavelength             ? 
_diffrn_source.pdbx_synchrotron_beamline   14.2 
_diffrn_source.pdbx_synchrotron_site       BESSY 
# 
_reflns.B_iso_Wilson_estimate            ? 
_reflns.entry_id                         5EME 
_reflns.data_reduction_details           ? 
_reflns.data_reduction_method            ? 
_reflns.d_resolution_high                1.15 
_reflns.d_resolution_low                 30.46 
_reflns.details                          ? 
_reflns.limit_h_max                      ? 
_reflns.limit_h_min                      ? 
_reflns.limit_k_max                      ? 
_reflns.limit_k_min                      ? 
_reflns.limit_l_max                      ? 
_reflns.limit_l_min                      ? 
_reflns.number_all                       ? 
_reflns.number_obs                       17805 
_reflns.observed_criterion               ? 
_reflns.observed_criterion_F_max         ? 
_reflns.observed_criterion_F_min         ? 
_reflns.observed_criterion_I_max         ? 
_reflns.observed_criterion_I_min         ? 
_reflns.observed_criterion_sigma_F       ? 
_reflns.observed_criterion_sigma_I       ? 
_reflns.percent_possible_obs             98.2 
_reflns.R_free_details                   ? 
_reflns.Rmerge_F_all                     ? 
_reflns.Rmerge_F_obs                     ? 
_reflns.Friedel_coverage                 ? 
_reflns.number_gt                        ? 
_reflns.threshold_expression             ? 
_reflns.pdbx_redundancy                  9 
_reflns.pdbx_Rmerge_I_obs                ? 
_reflns.pdbx_Rmerge_I_all                ? 
_reflns.pdbx_Rsym_value                  0.064 
_reflns.pdbx_netI_over_av_sigmaI         ? 
_reflns.pdbx_netI_over_sigmaI            18.73 
_reflns.pdbx_res_netI_over_av_sigmaI_2   ? 
_reflns.pdbx_res_netI_over_sigmaI_2      ? 
_reflns.pdbx_chi_squared                 ? 
_reflns.pdbx_scaling_rejects             ? 
_reflns.pdbx_d_res_high_opt              ? 
_reflns.pdbx_d_res_low_opt               ? 
_reflns.pdbx_d_res_opt_method            ? 
_reflns.phase_calculation_details        ? 
_reflns.pdbx_Rrim_I_all                  ? 
_reflns.pdbx_Rpim_I_all                  ? 
_reflns.pdbx_d_opt                       ? 
_reflns.pdbx_number_measured_all         ? 
_reflns.pdbx_diffrn_id                   1 
_reflns.pdbx_ordinal                     1 
_reflns.pdbx_CC_half                     ? 
_reflns.pdbx_R_split                     ? 
# 
_reflns_shell.d_res_high                  1.15 
_reflns_shell.d_res_low                   1.22 
_reflns_shell.meanI_over_sigI_all         ? 
_reflns_shell.meanI_over_sigI_obs         2.99 
_reflns_shell.number_measured_all         ? 
_reflns_shell.number_measured_obs         ? 
_reflns_shell.number_possible             ? 
_reflns_shell.number_unique_all           ? 
_reflns_shell.number_unique_obs           ? 
_reflns_shell.percent_possible_all        96.4 
_reflns_shell.percent_possible_obs        ? 
_reflns_shell.Rmerge_F_all                ? 
_reflns_shell.Rmerge_F_obs                ? 
_reflns_shell.Rmerge_I_all                ? 
_reflns_shell.Rmerge_I_obs                0.74 
_reflns_shell.meanI_over_sigI_gt          ? 
_reflns_shell.meanI_over_uI_all           ? 
_reflns_shell.meanI_over_uI_gt            ? 
_reflns_shell.number_measured_gt          ? 
_reflns_shell.number_unique_gt            ? 
_reflns_shell.percent_possible_gt         ? 
_reflns_shell.Rmerge_F_gt                 ? 
_reflns_shell.Rmerge_I_gt                 ? 
_reflns_shell.pdbx_redundancy             9.8 
_reflns_shell.pdbx_Rsym_value             ? 
_reflns_shell.pdbx_chi_squared            ? 
_reflns_shell.pdbx_netI_over_sigmaI_all   ? 
_reflns_shell.pdbx_netI_over_sigmaI_obs   ? 
_reflns_shell.pdbx_Rrim_I_all             ? 
_reflns_shell.pdbx_Rpim_I_all             ? 
_reflns_shell.pdbx_rejects                ? 
_reflns_shell.pdbx_ordinal                1 
_reflns_shell.pdbx_diffrn_id              1 
_reflns_shell.pdbx_CC_half                ? 
_reflns_shell.pdbx_R_split                ? 
# 
_refine.aniso_B[1][1]                            -0.39 
_refine.aniso_B[1][2]                            -0.19 
_refine.aniso_B[1][3]                            -0.00 
_refine.aniso_B[2][2]                            -0.39 
_refine.aniso_B[2][3]                            0.00 
_refine.aniso_B[3][3]                            1.26 
_refine.B_iso_max                                ? 
_refine.B_iso_mean                               13.795 
_refine.B_iso_min                                ? 
_refine.correlation_coeff_Fo_to_Fc               0.980 
_refine.correlation_coeff_Fo_to_Fc_free          0.979 
_refine.details                                  'HYDROGENS HAVE BEEN ADDED IN THE RIDING POSITIONS' 
_refine.diff_density_max                         ? 
_refine.diff_density_max_esd                     ? 
_refine.diff_density_min                         ? 
_refine.diff_density_min_esd                     ? 
_refine.diff_density_rms                         ? 
_refine.diff_density_rms_esd                     ? 
_refine.entry_id                                 5EME 
_refine.pdbx_refine_id                           'X-RAY DIFFRACTION' 
_refine.ls_abs_structure_details                 ? 
_refine.ls_abs_structure_Flack                   ? 
_refine.ls_abs_structure_Flack_esd               ? 
_refine.ls_abs_structure_Rogers                  ? 
_refine.ls_abs_structure_Rogers_esd              ? 
_refine.ls_d_res_high                            1.15 
_refine.ls_d_res_low                             30.46 
_refine.ls_extinction_coef                       ? 
_refine.ls_extinction_coef_esd                   ? 
_refine.ls_extinction_expression                 ? 
_refine.ls_extinction_method                     ? 
_refine.ls_goodness_of_fit_all                   ? 
_refine.ls_goodness_of_fit_all_esd               ? 
_refine.ls_goodness_of_fit_obs                   ? 
_refine.ls_goodness_of_fit_obs_esd               ? 
_refine.ls_hydrogen_treatment                    ? 
_refine.ls_matrix_type                           ? 
_refine.ls_number_constraints                    ? 
_refine.ls_number_parameters                     ? 
_refine.ls_number_reflns_all                     ? 
_refine.ls_number_reflns_obs                     16914 
_refine.ls_number_reflns_R_free                  891 
_refine.ls_number_reflns_R_work                  ? 
_refine.ls_number_restraints                     ? 
_refine.ls_percent_reflns_obs                    98.08 
_refine.ls_percent_reflns_R_free                 5.0 
_refine.ls_R_factor_all                          ? 
_refine.ls_R_factor_obs                          0.14121 
_refine.ls_R_factor_R_free                       0.17686 
_refine.ls_R_factor_R_free_error                 ? 
_refine.ls_R_factor_R_free_error_details         ? 
_refine.ls_R_factor_R_work                       0.13926 
_refine.ls_R_Fsqd_factor_obs                     ? 
_refine.ls_R_I_factor_obs                        ? 
_refine.ls_redundancy_reflns_all                 ? 
_refine.ls_redundancy_reflns_obs                 ? 
_refine.ls_restrained_S_all                      ? 
_refine.ls_restrained_S_obs                      ? 
_refine.ls_shift_over_esd_max                    ? 
_refine.ls_shift_over_esd_mean                   ? 
_refine.ls_structure_factor_coef                 ? 
_refine.ls_weighting_details                     ? 
_refine.ls_weighting_scheme                      ? 
_refine.ls_wR_factor_all                         ? 
_refine.ls_wR_factor_obs                         ? 
_refine.ls_wR_factor_R_free                      ? 
_refine.ls_wR_factor_R_work                      ? 
_refine.occupancy_max                            ? 
_refine.occupancy_min                            ? 
_refine.solvent_model_details                    'BABINET MODEL WITH MASK' 
_refine.solvent_model_param_bsol                 ? 
_refine.solvent_model_param_ksol                 ? 
_refine.ls_R_factor_gt                           ? 
_refine.ls_goodness_of_fit_gt                    ? 
_refine.ls_goodness_of_fit_ref                   ? 
_refine.ls_shift_over_su_max                     ? 
_refine.ls_shift_over_su_max_lt                  ? 
_refine.ls_shift_over_su_mean                    ? 
_refine.ls_shift_over_su_mean_lt                 ? 
_refine.pdbx_ls_sigma_I                          ? 
_refine.pdbx_ls_sigma_F                          ? 
_refine.pdbx_ls_sigma_Fsqd                       ? 
_refine.pdbx_data_cutoff_high_absF               ? 
_refine.pdbx_data_cutoff_high_rms_absF           ? 
_refine.pdbx_data_cutoff_low_absF                ? 
_refine.pdbx_isotropic_thermal_model             ? 
_refine.pdbx_ls_cross_valid_method               THROUGHOUT 
_refine.pdbx_method_to_determine_struct          'MOLECULAR REPLACEMENT' 
_refine.pdbx_starting_model                      3NJ6 
_refine.pdbx_stereochemistry_target_values       'MAXIMUM LIKELIHOOD' 
_refine.pdbx_R_Free_selection_details            RANDOM 
_refine.pdbx_stereochem_target_val_spec_case     ? 
_refine.pdbx_overall_ESU_R                       0.041 
_refine.pdbx_overall_ESU_R_Free                  0.042 
_refine.pdbx_solvent_vdw_probe_radii             1.20 
_refine.pdbx_solvent_ion_probe_radii             0.80 
_refine.pdbx_solvent_shrinkage_radii             0.80 
_refine.pdbx_real_space_R                        ? 
_refine.pdbx_density_correlation                 ? 
_refine.pdbx_pd_number_of_powder_patterns        ? 
_refine.pdbx_pd_number_of_points                 ? 
_refine.pdbx_pd_meas_number_of_points            ? 
_refine.pdbx_pd_proc_ls_prof_R_factor            ? 
_refine.pdbx_pd_proc_ls_prof_wR_factor           ? 
_refine.pdbx_pd_Marquardt_correlation_coeff      ? 
_refine.pdbx_pd_Fsqrd_R_factor                   ? 
_refine.pdbx_pd_ls_matrix_band_width             ? 
_refine.pdbx_overall_phase_error                 ? 
_refine.pdbx_overall_SU_R_free_Cruickshank_DPI   ? 
_refine.pdbx_overall_SU_R_free_Blow_DPI          ? 
_refine.pdbx_overall_SU_R_Blow_DPI               ? 
_refine.pdbx_TLS_residual_ADP_flag               ? 
_refine.pdbx_diffrn_id                           1 
_refine.overall_SU_B                             1.790 
_refine.overall_SU_ML                            0.036 
_refine.overall_SU_R_Cruickshank_DPI             ? 
_refine.overall_SU_R_free                        ? 
_refine.overall_FOM_free_R_set                   ? 
_refine.overall_FOM_work_R_set                   ? 
_refine.pdbx_average_fsc_overall                 ? 
_refine.pdbx_average_fsc_work                    ? 
_refine.pdbx_average_fsc_free                    ? 
# 
_refine_hist.pdbx_refine_id                   'X-RAY DIFFRACTION' 
_refine_hist.cycle_id                         1 
_refine_hist.pdbx_number_atoms_protein        0 
_refine_hist.pdbx_number_atoms_nucleic_acid   170 
_refine_hist.pdbx_number_atoms_ligand         158 
_refine_hist.number_atoms_solvent             105 
_refine_hist.number_atoms_total               433 
_refine_hist.d_res_high                       1.15 
_refine_hist.d_res_low                        30.46 
# 
loop_
_refine_ls_restr.pdbx_refine_id 
_refine_ls_restr.criterion 
_refine_ls_restr.dev_ideal 
_refine_ls_restr.dev_ideal_target 
_refine_ls_restr.number 
_refine_ls_restr.rejects 
_refine_ls_restr.type 
_refine_ls_restr.weight 
_refine_ls_restr.pdbx_restraint_function 
'X-RAY DIFFRACTION' ? 0.024  0.015  610 ? r_bond_refined_d             ? ? 
'X-RAY DIFFRACTION' ? 0.004  0.020  307 ? r_bond_other_d               ? ? 
'X-RAY DIFFRACTION' ? 2.825  2.027  912 ? r_angle_refined_deg          ? ? 
'X-RAY DIFFRACTION' ? 1.793  3.000  717 ? r_angle_other_deg            ? ? 
'X-RAY DIFFRACTION' ? ?      ?      ?   ? r_dihedral_angle_1_deg       ? ? 
'X-RAY DIFFRACTION' ? ?      ?      ?   ? r_dihedral_angle_2_deg       ? ? 
'X-RAY DIFFRACTION' ? ?      ?      ?   ? r_dihedral_angle_3_deg       ? ? 
'X-RAY DIFFRACTION' ? ?      ?      ?   ? r_dihedral_angle_4_deg       ? ? 
'X-RAY DIFFRACTION' ? 0.136  0.200  60  ? r_chiral_restr               ? ? 
'X-RAY DIFFRACTION' ? 0.028  0.020  475 ? r_gen_planes_refined         ? ? 
'X-RAY DIFFRACTION' ? 0.011  0.020  140 ? r_gen_planes_other           ? ? 
'X-RAY DIFFRACTION' ? ?      ?      ?   ? r_nbd_refined                ? ? 
'X-RAY DIFFRACTION' ? ?      ?      ?   ? r_nbd_other                  ? ? 
'X-RAY DIFFRACTION' ? ?      ?      ?   ? r_nbtor_refined              ? ? 
'X-RAY DIFFRACTION' ? ?      ?      ?   ? r_nbtor_other                ? ? 
'X-RAY DIFFRACTION' ? ?      ?      ?   ? r_xyhbond_nbd_refined        ? ? 
'X-RAY DIFFRACTION' ? ?      ?      ?   ? r_xyhbond_nbd_other          ? ? 
'X-RAY DIFFRACTION' ? ?      ?      ?   ? r_metal_ion_refined          ? ? 
'X-RAY DIFFRACTION' ? ?      ?      ?   ? r_metal_ion_other            ? ? 
'X-RAY DIFFRACTION' ? ?      ?      ?   ? r_symmetry_vdw_refined       ? ? 
'X-RAY DIFFRACTION' ? ?      ?      ?   ? r_symmetry_vdw_other         ? ? 
'X-RAY DIFFRACTION' ? ?      ?      ?   ? r_symmetry_hbond_refined     ? ? 
'X-RAY DIFFRACTION' ? ?      ?      ?   ? r_symmetry_hbond_other       ? ? 
'X-RAY DIFFRACTION' ? ?      ?      ?   ? r_symmetry_metal_ion_refined ? ? 
'X-RAY DIFFRACTION' ? ?      ?      ?   ? r_symmetry_metal_ion_other   ? ? 
'X-RAY DIFFRACTION' ? ?      ?      ?   ? r_mcbond_it                  ? ? 
'X-RAY DIFFRACTION' ? ?      ?      ?   ? r_mcbond_other               ? ? 
'X-RAY DIFFRACTION' ? ?      ?      ?   ? r_mcangle_it                 ? ? 
'X-RAY DIFFRACTION' ? ?      ?      ?   ? r_mcangle_other              ? ? 
'X-RAY DIFFRACTION' ? 2.645  1.240  610 ? r_scbond_it                  ? ? 
'X-RAY DIFFRACTION' ? 2.641  1.240  610 ? r_scbond_other               ? ? 
'X-RAY DIFFRACTION' ? ?      ?      ?   ? r_scangle_it                 ? ? 
'X-RAY DIFFRACTION' ? 3.084  1.882  913 ? r_scangle_other              ? ? 
'X-RAY DIFFRACTION' ? 3.791  13.304 999 ? r_long_range_B_refined       ? ? 
'X-RAY DIFFRACTION' ? 3.324  12.518 948 ? r_long_range_B_other         ? ? 
'X-RAY DIFFRACTION' ? 6.456  3.000  917 ? r_rigid_bond_restr           ? ? 
'X-RAY DIFFRACTION' ? 25.461 5.000  31  ? r_sphericity_free            ? ? 
'X-RAY DIFFRACTION' ? 11.825 5.000  957 ? r_sphericity_bonded          ? ? 
# 
_refine_ls_shell.pdbx_refine_id                   'X-RAY DIFFRACTION' 
_refine_ls_shell.d_res_high                       1.151 
_refine_ls_shell.d_res_low                        1.181 
_refine_ls_shell.number_reflns_all                ? 
_refine_ls_shell.number_reflns_obs                ? 
_refine_ls_shell.number_reflns_R_free             64 
_refine_ls_shell.number_reflns_R_work             1217 
_refine_ls_shell.percent_reflns_obs               97.12 
_refine_ls_shell.percent_reflns_R_free            ? 
_refine_ls_shell.R_factor_all                     ? 
_refine_ls_shell.R_factor_obs                     ? 
_refine_ls_shell.R_factor_R_free                  0.292 
_refine_ls_shell.R_factor_R_free_error            ? 
_refine_ls_shell.R_factor_R_work                  0.221 
_refine_ls_shell.redundancy_reflns_all            ? 
_refine_ls_shell.redundancy_reflns_obs            ? 
_refine_ls_shell.wR_factor_all                    ? 
_refine_ls_shell.wR_factor_obs                    ? 
_refine_ls_shell.wR_factor_R_free                 ? 
_refine_ls_shell.wR_factor_R_work                 ? 
_refine_ls_shell.pdbx_total_number_of_bins_used   20 
_refine_ls_shell.pdbx_phase_error                 ? 
_refine_ls_shell.pdbx_fsc_work                    ? 
_refine_ls_shell.pdbx_fsc_free                    ? 
# 
_struct.entry_id                     5EME 
_struct.title                        'Complex of RNA r(GCAGCAGC) with antisense PNA p(CTGCTGC)' 
_struct.pdbx_model_details           ? 
_struct.pdbx_formula_weight          ? 
_struct.pdbx_formula_weight_method   ? 
_struct.pdbx_model_type_details      ? 
_struct.pdbx_CASP_flag               ? 
# 
_struct_keywords.entry_id        5EME 
_struct_keywords.text            'CAG repeats, RNA/PNA, PNA antisense oligomer, poly-Q dieseases, RNA' 
_struct_keywords.pdbx_keywords   RNA 
# 
loop_
_struct_asym.id 
_struct_asym.pdbx_blank_PDB_chainid_flag 
_struct_asym.pdbx_modified 
_struct_asym.entity_id 
_struct_asym.details 
A N N 1 ? 
B N N 2 ? 
C N N 3 ? 
D N N 3 ? 
E N N 4 ? 
F N N 4 ? 
# 
loop_
_struct_ref.id 
_struct_ref.db_name 
_struct_ref.db_code 
_struct_ref.pdbx_db_accession 
_struct_ref.pdbx_db_isoform 
_struct_ref.entity_id 
_struct_ref.pdbx_seq_one_letter_code 
_struct_ref.pdbx_align_begin 
1 PDB 5EME 5EME ? 1 ? 1 
2 PDB 5EME 5EME ? 2 ? 1 
# 
loop_
_struct_ref_seq.align_id 
_struct_ref_seq.ref_id 
_struct_ref_seq.pdbx_PDB_id_code 
_struct_ref_seq.pdbx_strand_id 
_struct_ref_seq.seq_align_beg 
_struct_ref_seq.pdbx_seq_align_beg_ins_code 
_struct_ref_seq.seq_align_end 
_struct_ref_seq.pdbx_seq_align_end_ins_code 
_struct_ref_seq.pdbx_db_accession 
_struct_ref_seq.db_align_beg 
_struct_ref_seq.pdbx_db_align_beg_ins_code 
_struct_ref_seq.db_align_end 
_struct_ref_seq.pdbx_db_align_end_ins_code 
_struct_ref_seq.pdbx_auth_seq_align_beg 
_struct_ref_seq.pdbx_auth_seq_align_end 
1 1 5EME A 1 ? 8 ? 5EME 1   ? 8   ? 1   8   
2 2 5EME B 1 ? 8 ? 5EME 101 ? 108 ? 101 108 
# 
_pdbx_struct_assembly.id                   1 
_pdbx_struct_assembly.details              author_and_software_defined_assembly 
_pdbx_struct_assembly.method_details       PISA 
_pdbx_struct_assembly.oligomeric_details   dimeric 
_pdbx_struct_assembly.oligomeric_count     2 
# 
loop_
_pdbx_struct_assembly_prop.biol_id 
_pdbx_struct_assembly_prop.type 
_pdbx_struct_assembly_prop.value 
_pdbx_struct_assembly_prop.details 
1 'ABSA (A^2)' 1030 ? 
1 MORE         -9   ? 
1 'SSA (A^2)'  3170 ? 
# 
_pdbx_struct_assembly_gen.assembly_id       1 
_pdbx_struct_assembly_gen.oper_expression   1 
_pdbx_struct_assembly_gen.asym_id_list      A,B,C,D,E,F 
# 
_pdbx_struct_oper_list.id                   1 
_pdbx_struct_oper_list.type                 'identity operation' 
_pdbx_struct_oper_list.name                 1_555 
_pdbx_struct_oper_list.symmetry_operation   x,y,z 
_pdbx_struct_oper_list.matrix[1][1]         1.0000000000 
_pdbx_struct_oper_list.matrix[1][2]         0.0000000000 
_pdbx_struct_oper_list.matrix[1][3]         0.0000000000 
_pdbx_struct_oper_list.vector[1]            0.0000000000 
_pdbx_struct_oper_list.matrix[2][1]         0.0000000000 
_pdbx_struct_oper_list.matrix[2][2]         1.0000000000 
_pdbx_struct_oper_list.matrix[2][3]         0.0000000000 
_pdbx_struct_oper_list.vector[2]            0.0000000000 
_pdbx_struct_oper_list.matrix[3][1]         0.0000000000 
_pdbx_struct_oper_list.matrix[3][2]         0.0000000000 
_pdbx_struct_oper_list.matrix[3][3]         1.0000000000 
_pdbx_struct_oper_list.vector[3]            0.0000000000 
# 
loop_
_struct_conn.id 
_struct_conn.conn_type_id 
_struct_conn.pdbx_leaving_atom_flag 
_struct_conn.pdbx_PDB_id 
_struct_conn.ptnr1_label_asym_id 
_struct_conn.ptnr1_label_comp_id 
_struct_conn.ptnr1_label_seq_id 
_struct_conn.ptnr1_label_atom_id 
_struct_conn.pdbx_ptnr1_label_alt_id 
_struct_conn.pdbx_ptnr1_PDB_ins_code 
_struct_conn.pdbx_ptnr1_standard_comp_id 
_struct_conn.ptnr1_symmetry 
_struct_conn.ptnr2_label_asym_id 
_struct_conn.ptnr2_label_comp_id 
_struct_conn.ptnr2_label_seq_id 
_struct_conn.ptnr2_label_atom_id 
_struct_conn.pdbx_ptnr2_label_alt_id 
_struct_conn.pdbx_ptnr2_PDB_ins_code 
_struct_conn.ptnr1_auth_asym_id 
_struct_conn.ptnr1_auth_comp_id 
_struct_conn.ptnr1_auth_seq_id 
_struct_conn.ptnr2_auth_asym_id 
_struct_conn.ptnr2_auth_comp_id 
_struct_conn.ptnr2_auth_seq_id 
_struct_conn.ptnr2_symmetry 
_struct_conn.pdbx_ptnr3_label_atom_id 
_struct_conn.pdbx_ptnr3_label_seq_id 
_struct_conn.pdbx_ptnr3_label_comp_id 
_struct_conn.pdbx_ptnr3_label_asym_id 
_struct_conn.pdbx_ptnr3_label_alt_id 
_struct_conn.pdbx_ptnr3_PDB_ins_code 
_struct_conn.details 
_struct_conn.pdbx_dist_value 
_struct_conn.pdbx_value_order 
_struct_conn.pdbx_role 
covale1  covale both ? B GPN 1 C ? ? ? 1_555 B CPN 2 N ? ? B GPN 101 B CPN 102 1_555 ? ? ? ? ? ? ? 1.326 ? ? 
covale2  covale both ? B CPN 2 C ? ? ? 1_555 B TPN 3 N A ? B CPN 102 B TPN 103 1_555 ? ? ? ? ? ? ? 1.326 ? ? 
covale3  covale both ? B CPN 2 C ? ? ? 1_555 B TPN 3 N B ? B CPN 102 B TPN 103 1_555 ? ? ? ? ? ? ? 1.327 ? ? 
covale4  covale both ? B TPN 3 C A ? ? 1_555 B GPN 4 N A ? B TPN 103 B GPN 104 1_555 ? ? ? ? ? ? ? 1.345 ? ? 
covale5  covale both ? B TPN 3 C B ? ? 1_555 B GPN 4 N B ? B TPN 103 B GPN 104 1_555 ? ? ? ? ? ? ? 1.329 ? ? 
covale6  covale both ? B GPN 4 C A ? ? 1_555 B CPN 5 N A ? B GPN 104 B CPN 105 1_555 ? ? ? ? ? ? ? 1.323 ? ? 
covale7  covale both ? B GPN 4 C B ? ? 1_555 B CPN 5 N B ? B GPN 104 B CPN 105 1_555 ? ? ? ? ? ? ? 1.328 ? ? 
covale8  covale both ? B CPN 5 C A ? ? 1_555 B TPN 6 N A ? B CPN 105 B TPN 106 1_555 ? ? ? ? ? ? ? 1.329 ? ? 
covale9  covale both ? B CPN 5 C B ? ? 1_555 B TPN 6 N B ? B CPN 105 B TPN 106 1_555 ? ? ? ? ? ? ? 1.329 ? ? 
covale10 covale both ? B TPN 6 C A ? ? 1_555 B GPN 7 N A ? B TPN 106 B GPN 107 1_555 ? ? ? ? ? ? ? 1.335 ? ? 
covale11 covale both ? B TPN 6 C B ? ? 1_555 B GPN 7 N B ? B TPN 106 B GPN 107 1_555 ? ? ? ? ? ? ? 1.329 ? ? 
covale12 covale both ? B GPN 7 C A ? ? 1_555 B CPN 8 N A ? B GPN 107 B CPN 108 1_555 ? ? ? ? ? ? ? 1.328 ? ? 
covale13 covale both ? B GPN 7 C B ? ? 1_555 B CPN 8 N B ? B GPN 107 B CPN 108 1_555 ? ? ? ? ? ? ? 1.342 ? ? 
# 
_struct_conn_type.id          covale 
_struct_conn_type.criteria    ? 
_struct_conn_type.reference   ? 
# 
loop_
_pdbx_modification_feature.ordinal 
_pdbx_modification_feature.label_comp_id 
_pdbx_modification_feature.label_asym_id 
_pdbx_modification_feature.label_seq_id 
_pdbx_modification_feature.label_alt_id 
_pdbx_modification_feature.modified_residue_label_comp_id 
_pdbx_modification_feature.modified_residue_label_asym_id 
_pdbx_modification_feature.modified_residue_label_seq_id 
_pdbx_modification_feature.modified_residue_label_alt_id 
_pdbx_modification_feature.auth_comp_id 
_pdbx_modification_feature.auth_asym_id 
_pdbx_modification_feature.auth_seq_id 
_pdbx_modification_feature.PDB_ins_code 
_pdbx_modification_feature.symmetry 
_pdbx_modification_feature.modified_residue_auth_comp_id 
_pdbx_modification_feature.modified_residue_auth_asym_id 
_pdbx_modification_feature.modified_residue_auth_seq_id 
_pdbx_modification_feature.modified_residue_PDB_ins_code 
_pdbx_modification_feature.modified_residue_symmetry 
_pdbx_modification_feature.comp_id_linking_atom 
_pdbx_modification_feature.modified_residue_id_linking_atom 
_pdbx_modification_feature.modified_residue_id 
_pdbx_modification_feature.ref_pcm_id 
_pdbx_modification_feature.ref_comp_id 
_pdbx_modification_feature.type 
_pdbx_modification_feature.category 
1  GPN B 1 ? . . . . GPN B 101 ? 1_555 . . . . . . . ? 1 GPN None 'Non-standard residue' 
2  CPN B 2 ? . . . . CPN B 102 ? 1_555 . . . . . . . ? 1 CPN None 'Non-standard residue' 
3  TPN B 3 A . . . . TPN B 103 ? 1_555 . . . . . . . ? 1 TPN None 'Non-standard residue' 
4  TPN B 3 B . . . . TPN B 103 ? 1_555 . . . . . . . ? 1 TPN None 'Non-standard residue' 
5  GPN B 4 A . . . . GPN B 104 ? 1_555 . . . . . . . ? 1 GPN None 'Non-standard residue' 
6  GPN B 4 B . . . . GPN B 104 ? 1_555 . . . . . . . ? 1 GPN None 'Non-standard residue' 
7  CPN B 5 A . . . . CPN B 105 ? 1_555 . . . . . . . ? 1 CPN None 'Non-standard residue' 
8  CPN B 5 B . . . . CPN B 105 ? 1_555 . . . . . . . ? 1 CPN None 'Non-standard residue' 
9  TPN B 6 A . . . . TPN B 106 ? 1_555 . . . . . . . ? 1 TPN None 'Non-standard residue' 
10 TPN B 6 B . . . . TPN B 106 ? 1_555 . . . . . . . ? 1 TPN None 'Non-standard residue' 
11 GPN B 7 A . . . . GPN B 107 ? 1_555 . . . . . . . ? 1 GPN None 'Non-standard residue' 
12 GPN B 7 B . . . . GPN B 107 ? 1_555 . . . . . . . ? 1 GPN None 'Non-standard residue' 
13 CPN B 8 A . . . . CPN B 108 ? 1_555 . . . . . . . ? 1 CPN None 'Non-standard residue' 
14 CPN B 8 B . . . . CPN B 108 ? 1_555 . . . . . . . ? 1 CPN None 'Non-standard residue' 
# 
loop_
_struct_site.id 
_struct_site.pdbx_evidence_code 
_struct_site.pdbx_auth_asym_id 
_struct_site.pdbx_auth_comp_id 
_struct_site.pdbx_auth_seq_id 
_struct_site.pdbx_auth_ins_code 
_struct_site.pdbx_num_residues 
_struct_site.details 
AC1 Software A CL  101 ? 2  'binding site for residue CL A 101'                 
AC2 Software B CL  201 ? 1  'binding site for residue CL B 201'                 
AC3 Software B GPN 101 ? 18 'binding site for residues GPN B 101 and CPN B 102' 
AC4 Software B CPN 102 ? 16 'binding site for residues CPN B 102 and TPN B 103' 
AC5 Software B CPN 102 ? 16 'binding site for residues CPN B 102 and TPN B 103' 
AC6 Software B TPN 103 ? 19 'binding site for residues TPN B 103 and GPN B 104' 
AC7 Software B GPN 104 ? 18 'binding site for residues GPN B 104 and CPN B 105' 
AC8 Software B CPN 105 ? 15 'binding site for residues CPN B 105 and TPN B 106' 
AC9 Software B TPN 106 ? 17 'binding site for residues TPN B 106 and GPN B 107' 
AD1 Software B GPN 107 ? 21 'binding site for residues GPN B 107 and CPN B 108' 
# 
loop_
_struct_site_gen.id 
_struct_site_gen.site_id 
_struct_site_gen.pdbx_num_res 
_struct_site_gen.label_comp_id 
_struct_site_gen.label_asym_id 
_struct_site_gen.label_seq_id 
_struct_site_gen.pdbx_auth_ins_code 
_struct_site_gen.auth_comp_id 
_struct_site_gen.auth_asym_id 
_struct_site_gen.auth_seq_id 
_struct_site_gen.label_atom_id 
_struct_site_gen.label_alt_id 
_struct_site_gen.symmetry 
_struct_site_gen.details 
1   AC1 2  G   A 4 ? G   A 4   . ? 1_555 ? 
2   AC1 2  HOH E . ? HOH A 238 . ? 1_555 ? 
3   AC2 1  CPN B 2 ? CPN B 102 . ? 1_555 ? 
4   AC3 18 G   A 1 ? G   A 1   . ? 6_555 ? 
5   AC3 18 C   A 2 ? C   A 2   . ? 6_555 ? 
6   AC3 18 G   A 7 ? G   A 7   . ? 1_555 ? 
7   AC3 18 C   A 8 ? C   A 8   . ? 4_555 ? 
8   AC3 18 C   A 8 ? C   A 8   . ? 1_555 ? 
9   AC3 18 TPN B 3 ? TPN B 103 . ? 1_555 ? 
10  AC3 18 GPN B 7 ? GPN B 107 . ? 1_455 ? 
11  AC3 18 CPN B 8 ? CPN B 108 . ? 6_555 ? 
12  AC3 18 CL  D . ? CL  B 201 . ? 1_555 ? 
13  AC3 18 HOH F . ? HOH B 309 . ? 1_555 ? 
14  AC3 18 HOH F . ? HOH B 311 . ? 1_555 ? 
15  AC3 18 HOH F . ? HOH B 314 . ? 1_555 ? 
16  AC3 18 HOH F . ? HOH B 317 . ? 1_555 ? 
17  AC3 18 HOH F . ? HOH B 318 . ? 1_555 ? 
18  AC3 18 HOH F . ? HOH B 320 . ? 1_555 ? 
19  AC3 18 HOH F . ? HOH B 322 . ? 1_555 ? 
20  AC3 18 HOH F . ? HOH B 325 . ? 1_555 ? 
21  AC3 18 HOH F . ? HOH B 327 . ? 1_555 ? 
22  AC4 16 G   A 1 ? G   A 1   . ? 6_555 ? 
23  AC4 16 A   A 6 ? A   A 6   . ? 1_555 ? 
24  AC4 16 G   A 7 ? G   A 7   . ? 1_555 ? 
25  AC4 16 C   A 8 ? C   A 8   . ? 1_555 ? 
26  AC4 16 GPN B 1 ? GPN B 101 . ? 1_555 ? 
27  AC4 16 GPN B 4 ? GPN B 104 . ? 1_555 ? 
28  AC4 16 CPN B 8 ? CPN B 108 . ? 6_555 ? 
29  AC4 16 CL  D . ? CL  B 201 . ? 1_555 ? 
30  AC4 16 HOH F . ? HOH B 302 . ? 1_555 ? 
31  AC4 16 HOH F . ? HOH B 303 . ? 1_555 ? 
32  AC4 16 HOH F . ? HOH B 306 . ? 1_555 ? 
33  AC4 16 HOH F . ? HOH B 311 . ? 1_555 ? 
34  AC4 16 HOH F . ? HOH B 318 . ? 1_555 ? 
35  AC4 16 HOH F . ? HOH B 319 . ? 1_555 ? 
36  AC4 16 HOH F . ? HOH B 325 . ? 1_555 ? 
37  AC4 16 HOH F . ? HOH B 335 . ? 6_555 ? 
38  AC5 16 G   A 1 ? G   A 1   . ? 6_555 ? 
39  AC5 16 A   A 6 ? A   A 6   . ? 1_555 ? 
40  AC5 16 G   A 7 ? G   A 7   . ? 1_555 ? 
41  AC5 16 C   A 8 ? C   A 8   . ? 1_555 ? 
42  AC5 16 GPN B 1 ? GPN B 101 . ? 1_555 ? 
43  AC5 16 GPN B 4 ? GPN B 104 . ? 1_555 ? 
44  AC5 16 CPN B 8 ? CPN B 108 . ? 6_555 ? 
45  AC5 16 CL  D . ? CL  B 201 . ? 1_555 ? 
46  AC5 16 HOH F . ? HOH B 302 . ? 1_555 ? 
47  AC5 16 HOH F . ? HOH B 303 . ? 1_555 ? 
48  AC5 16 HOH F . ? HOH B 306 . ? 1_555 ? 
49  AC5 16 HOH F . ? HOH B 311 . ? 1_555 ? 
50  AC5 16 HOH F . ? HOH B 318 . ? 1_555 ? 
51  AC5 16 HOH F . ? HOH B 319 . ? 1_555 ? 
52  AC5 16 HOH F . ? HOH B 325 . ? 1_555 ? 
53  AC5 16 HOH F . ? HOH B 335 . ? 6_555 ? 
54  AC6 19 G   A 1 ? G   A 1   . ? 6_555 ? 
55  AC6 19 G   A 4 ? G   A 4   . ? 4_545 ? 
56  AC6 19 C   A 5 ? C   A 5   . ? 4_545 ? 
57  AC6 19 C   A 5 ? C   A 5   . ? 1_555 ? 
58  AC6 19 A   A 6 ? A   A 6   . ? 1_555 ? 
59  AC6 19 G   A 7 ? G   A 7   . ? 1_555 ? 
60  AC6 19 CPN B 2 ? CPN B 102 . ? 1_555 ? 
61  AC6 19 CPN B 5 ? CPN B 105 . ? 1_555 ? 
62  AC6 19 CPN B 8 ? CPN B 108 . ? 6_555 ? 
63  AC6 19 HOH F . ? HOH B 302 . ? 1_555 ? 
64  AC6 19 HOH F . ? HOH B 303 . ? 1_555 ? 
65  AC6 19 HOH F . ? HOH B 306 . ? 1_555 ? 
66  AC6 19 HOH F . ? HOH B 307 . ? 1_555 ? 
67  AC6 19 HOH F . ? HOH B 319 . ? 1_555 ? 
68  AC6 19 HOH F . ? HOH B 321 . ? 1_555 ? 
69  AC6 19 HOH F . ? HOH B 324 . ? 1_555 ? 
70  AC6 19 HOH F . ? HOH B 328 . ? 1_555 ? 
71  AC6 19 HOH F . ? HOH B 329 . ? 1_555 ? 
72  AC6 19 HOH F . ? HOH B 335 . ? 6_555 ? 
73  AC7 18 G   A 4 ? G   A 4   . ? 4_545 ? 
74  AC7 18 G   A 4 ? G   A 4   . ? 1_555 ? 
75  AC7 18 C   A 5 ? C   A 5   . ? 4_545 ? 
76  AC7 18 C   A 5 ? C   A 5   . ? 1_555 ? 
77  AC7 18 A   A 6 ? A   A 6   . ? 1_555 ? 
78  AC7 18 HOH E . ? HOH A 240 . ? 4_545 ? 
79  AC7 18 TPN B 3 ? TPN B 103 . ? 1_555 ? 
80  AC7 18 TPN B 6 ? TPN B 106 . ? 1_555 ? 
81  AC7 18 HOH F . ? HOH B 301 . ? 1_555 ? 
82  AC7 18 HOH F . ? HOH B 303 . ? 1_555 ? 
83  AC7 18 HOH F . ? HOH B 307 . ? 1_555 ? 
84  AC7 18 HOH F . ? HOH B 319 . ? 1_555 ? 
85  AC7 18 HOH F . ? HOH B 321 . ? 1_555 ? 
86  AC7 18 HOH F . ? HOH B 323 . ? 1_555 ? 
87  AC7 18 HOH F . ? HOH B 324 . ? 1_555 ? 
88  AC7 18 HOH F . ? HOH B 326 . ? 1_555 ? 
89  AC7 18 HOH F . ? HOH B 328 . ? 1_555 ? 
90  AC7 18 HOH F . ? HOH B 329 . ? 1_555 ? 
91  AC8 15 A   A 3 ? A   A 3   . ? 1_555 ? 
92  AC8 15 G   A 4 ? G   A 4   . ? 1_555 ? 
93  AC8 15 C   A 5 ? C   A 5   . ? 4_545 ? 
94  AC8 15 C   A 5 ? C   A 5   . ? 1_555 ? 
95  AC8 15 HOH E . ? HOH A 240 . ? 4_545 ? 
96  AC8 15 GPN B 4 ? GPN B 104 . ? 1_555 ? 
97  AC8 15 GPN B 7 ? GPN B 107 . ? 1_555 ? 
98  AC8 15 HOH F . ? HOH B 301 . ? 1_555 ? 
99  AC8 15 HOH F . ? HOH B 305 . ? 1_555 ? 
100 AC8 15 HOH F . ? HOH B 307 . ? 1_555 ? 
101 AC8 15 HOH F . ? HOH B 316 . ? 1_555 ? 
102 AC8 15 HOH F . ? HOH B 323 . ? 1_555 ? 
103 AC8 15 HOH F . ? HOH B 326 . ? 1_555 ? 
104 AC8 15 HOH F . ? HOH B 329 . ? 1_555 ? 
105 AC8 15 HOH F . ? HOH B 330 . ? 1_555 ? 
106 AC9 17 G   A 1 ? G   A 1   . ? 1_555 ? 
107 AC9 17 C   A 2 ? C   A 2   . ? 1_555 ? 
108 AC9 17 A   A 3 ? A   A 3   . ? 1_555 ? 
109 AC9 17 G   A 4 ? G   A 4   . ? 1_555 ? 
110 AC9 17 G   A 7 ? G   A 7   . ? 4_655 ? 
111 AC9 17 C   A 8 ? C   A 8   . ? 4_655 ? 
112 AC9 17 HOH E . ? HOH A 215 . ? 4_655 ? 
113 AC9 17 GPN B 1 ? GPN B 101 . ? 1_655 ? 
114 AC9 17 CPN B 5 ? CPN B 105 . ? 1_555 ? 
115 AC9 17 CPN B 8 ? CPN B 108 . ? 1_555 ? 
116 AC9 17 HOH F . ? HOH B 301 . ? 1_555 ? 
117 AC9 17 HOH F . ? HOH B 305 . ? 1_555 ? 
118 AC9 17 HOH F . ? HOH B 308 . ? 1_555 ? 
119 AC9 17 HOH F . ? HOH B 310 . ? 1_555 ? 
120 AC9 17 HOH F . ? HOH B 315 . ? 1_555 ? 
121 AC9 17 HOH F . ? HOH B 316 . ? 1_555 ? 
122 AC9 17 HOH F . ? HOH B 330 . ? 1_555 ? 
123 AD1 21 G   A 1 ? G   A 1   . ? 1_555 ? 
124 AD1 21 C   A 2 ? C   A 2   . ? 1_555 ? 
125 AD1 21 A   A 3 ? A   A 3   . ? 1_555 ? 
126 AD1 21 G   A 7 ? G   A 7   . ? 4_655 ? 
127 AD1 21 C   A 8 ? C   A 8   . ? 4_655 ? 
128 AD1 21 HOH E . ? HOH A 201 . ? 4_655 ? 
129 AD1 21 HOH E . ? HOH A 215 . ? 4_655 ? 
130 AD1 21 GPN B 1 ? GPN B 101 . ? 1_655 ? 
131 AD1 21 CPN B 2 ? CPN B 102 . ? 6_555 ? 
132 AD1 21 TPN B 3 ? TPN B 103 . ? 6_555 ? 
133 AD1 21 TPN B 6 ? TPN B 106 . ? 1_555 ? 
134 AD1 21 HOH F . ? HOH B 304 . ? 1_555 ? 
135 AD1 21 HOH F . ? HOH B 305 . ? 1_555 ? 
136 AD1 21 HOH F . ? HOH B 308 . ? 1_555 ? 
137 AD1 21 HOH F . ? HOH B 310 . ? 1_555 ? 
138 AD1 21 HOH F . ? HOH B 312 . ? 1_555 ? 
139 AD1 21 HOH F . ? HOH B 313 . ? 1_555 ? 
140 AD1 21 HOH F . ? HOH B 315 . ? 1_555 ? 
141 AD1 21 HOH F . ? HOH B 316 . ? 1_555 ? 
142 AD1 21 HOH F . ? HOH B 324 . ? 6_555 ? 
143 AD1 21 HOH F . ? HOH B 333 . ? 1_555 ? 
# 
_pdbx_entry_details.entry_id                   5EME 
_pdbx_entry_details.compound_details           ? 
_pdbx_entry_details.source_details             ? 
_pdbx_entry_details.nonpolymer_details         ? 
_pdbx_entry_details.sequence_details           ? 
_pdbx_entry_details.has_ligand_of_interest     ? 
_pdbx_entry_details.has_protein_modification   Y 
# 
_pdbx_validate_rmsd_bond.id                        1 
_pdbx_validate_rmsd_bond.PDB_model_num             1 
_pdbx_validate_rmsd_bond.auth_atom_id_1            "C2'" 
_pdbx_validate_rmsd_bond.auth_asym_id_1            A 
_pdbx_validate_rmsd_bond.auth_comp_id_1            A 
_pdbx_validate_rmsd_bond.auth_seq_id_1             3 
_pdbx_validate_rmsd_bond.PDB_ins_code_1            ? 
_pdbx_validate_rmsd_bond.label_alt_id_1            A 
_pdbx_validate_rmsd_bond.auth_atom_id_2            "C1'" 
_pdbx_validate_rmsd_bond.auth_asym_id_2            A 
_pdbx_validate_rmsd_bond.auth_comp_id_2            A 
_pdbx_validate_rmsd_bond.auth_seq_id_2             3 
_pdbx_validate_rmsd_bond.PDB_ins_code_2            ? 
_pdbx_validate_rmsd_bond.label_alt_id_2            ? 
_pdbx_validate_rmsd_bond.bond_value                1.475 
_pdbx_validate_rmsd_bond.bond_target_value         1.526 
_pdbx_validate_rmsd_bond.bond_deviation            -0.051 
_pdbx_validate_rmsd_bond.bond_standard_deviation   0.008 
_pdbx_validate_rmsd_bond.linker_flag               N 
# 
loop_
_pdbx_validate_rmsd_angle.id 
_pdbx_validate_rmsd_angle.PDB_model_num 
_pdbx_validate_rmsd_angle.auth_atom_id_1 
_pdbx_validate_rmsd_angle.auth_asym_id_1 
_pdbx_validate_rmsd_angle.auth_comp_id_1 
_pdbx_validate_rmsd_angle.auth_seq_id_1 
_pdbx_validate_rmsd_angle.PDB_ins_code_1 
_pdbx_validate_rmsd_angle.label_alt_id_1 
_pdbx_validate_rmsd_angle.auth_atom_id_2 
_pdbx_validate_rmsd_angle.auth_asym_id_2 
_pdbx_validate_rmsd_angle.auth_comp_id_2 
_pdbx_validate_rmsd_angle.auth_seq_id_2 
_pdbx_validate_rmsd_angle.PDB_ins_code_2 
_pdbx_validate_rmsd_angle.label_alt_id_2 
_pdbx_validate_rmsd_angle.auth_atom_id_3 
_pdbx_validate_rmsd_angle.auth_asym_id_3 
_pdbx_validate_rmsd_angle.auth_comp_id_3 
_pdbx_validate_rmsd_angle.auth_seq_id_3 
_pdbx_validate_rmsd_angle.PDB_ins_code_3 
_pdbx_validate_rmsd_angle.label_alt_id_3 
_pdbx_validate_rmsd_angle.angle_value 
_pdbx_validate_rmsd_angle.angle_target_value 
_pdbx_validate_rmsd_angle.angle_deviation 
_pdbx_validate_rmsd_angle.angle_standard_deviation 
_pdbx_validate_rmsd_angle.linker_flag 
1 1 "C3'" A A 3 ? A "C2'" A A 3 ? A "C1'" A A 3 ? ? 95.33  101.30 -5.97 0.70 N 
2 1 "C3'" A G 7 ? B "C2'" A G 7 ? B "C1'" A G 7 ? B 95.62  101.30 -5.68 0.70 N 
3 1 N1    A C 8 ? ? "C1'" A C 8 ? ? "C2'" A C 8 ? B 104.85 112.00 -7.15 1.10 N 
# 
loop_
_chem_comp_atom.comp_id 
_chem_comp_atom.atom_id 
_chem_comp_atom.type_symbol 
_chem_comp_atom.pdbx_aromatic_flag 
_chem_comp_atom.pdbx_stereo_config 
_chem_comp_atom.pdbx_ordinal 
A   OP3    O  N N 1   
A   P      P  N N 2   
A   OP1    O  N N 3   
A   OP2    O  N N 4   
A   "O5'"  O  N N 5   
A   "C5'"  C  N N 6   
A   "C4'"  C  N R 7   
A   "O4'"  O  N N 8   
A   "C3'"  C  N S 9   
A   "O3'"  O  N N 10  
A   "C2'"  C  N R 11  
A   "O2'"  O  N N 12  
A   "C1'"  C  N R 13  
A   N9     N  Y N 14  
A   C8     C  Y N 15  
A   N7     N  Y N 16  
A   C5     C  Y N 17  
A   C6     C  Y N 18  
A   N6     N  N N 19  
A   N1     N  Y N 20  
A   C2     C  Y N 21  
A   N3     N  Y N 22  
A   C4     C  Y N 23  
A   HOP3   H  N N 24  
A   HOP2   H  N N 25  
A   "H5'"  H  N N 26  
A   "H5''" H  N N 27  
A   "H4'"  H  N N 28  
A   "H3'"  H  N N 29  
A   "HO3'" H  N N 30  
A   "H2'"  H  N N 31  
A   "HO2'" H  N N 32  
A   "H1'"  H  N N 33  
A   H8     H  N N 34  
A   H61    H  N N 35  
A   H62    H  N N 36  
A   H2     H  N N 37  
C   OP3    O  N N 38  
C   P      P  N N 39  
C   OP1    O  N N 40  
C   OP2    O  N N 41  
C   "O5'"  O  N N 42  
C   "C5'"  C  N N 43  
C   "C4'"  C  N R 44  
C   "O4'"  O  N N 45  
C   "C3'"  C  N S 46  
C   "O3'"  O  N N 47  
C   "C2'"  C  N R 48  
C   "O2'"  O  N N 49  
C   "C1'"  C  N R 50  
C   N1     N  N N 51  
C   C2     C  N N 52  
C   O2     O  N N 53  
C   N3     N  N N 54  
C   C4     C  N N 55  
C   N4     N  N N 56  
C   C5     C  N N 57  
C   C6     C  N N 58  
C   HOP3   H  N N 59  
C   HOP2   H  N N 60  
C   "H5'"  H  N N 61  
C   "H5''" H  N N 62  
C   "H4'"  H  N N 63  
C   "H3'"  H  N N 64  
C   "HO3'" H  N N 65  
C   "H2'"  H  N N 66  
C   "HO2'" H  N N 67  
C   "H1'"  H  N N 68  
C   H41    H  N N 69  
C   H42    H  N N 70  
C   H5     H  N N 71  
C   H6     H  N N 72  
CL  CL     CL N N 73  
CPN "C8'"  C  N N 74  
CPN "C7'"  C  N N 75  
CPN "O7'"  O  N N 76  
CPN "C5'"  C  N N 77  
CPN C      C  N N 78  
CPN O      O  N N 79  
CPN OXT    O  N N 80  
CPN "N4'"  N  N N 81  
CPN "C3'"  C  N N 82  
CPN "C2'"  C  N N 83  
CPN N      N  N N 84  
CPN N1     N  N N 85  
CPN C2     C  N N 86  
CPN N3     N  N N 87  
CPN C4     C  N N 88  
CPN C5     C  N N 89  
CPN C6     C  N N 90  
CPN O2     O  N N 91  
CPN N4     N  N N 92  
CPN "H8'1" H  N N 93  
CPN "H8'2" H  N N 94  
CPN "H5'1" H  N N 95  
CPN "H5'2" H  N N 96  
CPN HXT    H  N N 97  
CPN "H3'1" H  N N 98  
CPN "H3'2" H  N N 99  
CPN "H2'1" H  N N 100 
CPN "H2'2" H  N N 101 
CPN H      H  N N 102 
CPN H2     H  N N 103 
CPN H3     H  N N 104 
CPN H5     H  N N 105 
CPN H6     H  N N 106 
CPN HN41   H  N N 107 
CPN HN42   H  N N 108 
G   OP3    O  N N 109 
G   P      P  N N 110 
G   OP1    O  N N 111 
G   OP2    O  N N 112 
G   "O5'"  O  N N 113 
G   "C5'"  C  N N 114 
G   "C4'"  C  N R 115 
G   "O4'"  O  N N 116 
G   "C3'"  C  N S 117 
G   "O3'"  O  N N 118 
G   "C2'"  C  N R 119 
G   "O2'"  O  N N 120 
G   "C1'"  C  N R 121 
G   N9     N  Y N 122 
G   C8     C  Y N 123 
G   N7     N  Y N 124 
G   C5     C  Y N 125 
G   C6     C  N N 126 
G   O6     O  N N 127 
G   N1     N  N N 128 
G   C2     C  N N 129 
G   N2     N  N N 130 
G   N3     N  N N 131 
G   C4     C  Y N 132 
G   HOP3   H  N N 133 
G   HOP2   H  N N 134 
G   "H5'"  H  N N 135 
G   "H5''" H  N N 136 
G   "H4'"  H  N N 137 
G   "H3'"  H  N N 138 
G   "HO3'" H  N N 139 
G   "H2'"  H  N N 140 
G   "HO2'" H  N N 141 
G   "H1'"  H  N N 142 
G   H8     H  N N 143 
G   H1     H  N N 144 
G   H21    H  N N 145 
G   H22    H  N N 146 
GPN "C8'"  C  N N 147 
GPN "C7'"  C  N N 148 
GPN "O7'"  O  N N 149 
GPN "C5'"  C  N N 150 
GPN C      C  N N 151 
GPN O      O  N N 152 
GPN OXT    O  N N 153 
GPN "N4'"  N  N N 154 
GPN "C3'"  C  N N 155 
GPN "C2'"  C  N N 156 
GPN N      N  N N 157 
GPN N9     N  Y N 158 
GPN C8     C  Y N 159 
GPN N7     N  Y N 160 
GPN C5     C  Y N 161 
GPN C6     C  N N 162 
GPN O6     O  N N 163 
GPN N1     N  N N 164 
GPN C2     C  N N 165 
GPN N2     N  N N 166 
GPN N3     N  N N 167 
GPN C4     C  Y N 168 
GPN "H8'1" H  N N 169 
GPN "H8'2" H  N N 170 
GPN "H5'1" H  N N 171 
GPN "H5'2" H  N N 172 
GPN HXT    H  N N 173 
GPN "H3'1" H  N N 174 
GPN "H3'2" H  N N 175 
GPN "H2'1" H  N N 176 
GPN "H2'2" H  N N 177 
GPN H      H  N N 178 
GPN H2     H  N N 179 
GPN H3     H  N N 180 
GPN H8     H  N N 181 
GPN HN1    H  N N 182 
GPN HN21   H  N N 183 
GPN HN22   H  N N 184 
HOH O      O  N N 185 
HOH H1     H  N N 186 
HOH H2     H  N N 187 
TPN "C8'"  C  N N 188 
TPN "C7'"  C  N N 189 
TPN "O7'"  O  N N 190 
TPN "C5'"  C  N N 191 
TPN C      C  N N 192 
TPN O      O  N N 193 
TPN OXT    O  N N 194 
TPN "N4'"  N  N N 195 
TPN "C3'"  C  N N 196 
TPN "C2'"  C  N N 197 
TPN N      N  N N 198 
TPN N1     N  N N 199 
TPN C6     C  N N 200 
TPN C2     C  N N 201 
TPN O2     O  N N 202 
TPN N3     N  N N 203 
TPN C4     C  N N 204 
TPN O4     O  N N 205 
TPN C5     C  N N 206 
TPN C5M    C  N N 207 
TPN "H8'1" H  N N 208 
TPN "H8'2" H  N N 209 
TPN "H5'1" H  N N 210 
TPN "H5'2" H  N N 211 
TPN HXT    H  N N 212 
TPN "H3'1" H  N N 213 
TPN "H3'2" H  N N 214 
TPN "H2'1" H  N N 215 
TPN "H2'2" H  N N 216 
TPN H      H  N N 217 
TPN H2     H  N N 218 
TPN H3     H  N N 219 
TPN H6     H  N N 220 
TPN HN3    H  N N 221 
TPN HM51   H  N N 222 
TPN HM52   H  N N 223 
TPN HM53   H  N N 224 
# 
loop_
_chem_comp_bond.comp_id 
_chem_comp_bond.atom_id_1 
_chem_comp_bond.atom_id_2 
_chem_comp_bond.value_order 
_chem_comp_bond.pdbx_aromatic_flag 
_chem_comp_bond.pdbx_stereo_config 
_chem_comp_bond.pdbx_ordinal 
A   OP3   P      sing N N 1   
A   OP3   HOP3   sing N N 2   
A   P     OP1    doub N N 3   
A   P     OP2    sing N N 4   
A   P     "O5'"  sing N N 5   
A   OP2   HOP2   sing N N 6   
A   "O5'" "C5'"  sing N N 7   
A   "C5'" "C4'"  sing N N 8   
A   "C5'" "H5'"  sing N N 9   
A   "C5'" "H5''" sing N N 10  
A   "C4'" "O4'"  sing N N 11  
A   "C4'" "C3'"  sing N N 12  
A   "C4'" "H4'"  sing N N 13  
A   "O4'" "C1'"  sing N N 14  
A   "C3'" "O3'"  sing N N 15  
A   "C3'" "C2'"  sing N N 16  
A   "C3'" "H3'"  sing N N 17  
A   "O3'" "HO3'" sing N N 18  
A   "C2'" "O2'"  sing N N 19  
A   "C2'" "C1'"  sing N N 20  
A   "C2'" "H2'"  sing N N 21  
A   "O2'" "HO2'" sing N N 22  
A   "C1'" N9     sing N N 23  
A   "C1'" "H1'"  sing N N 24  
A   N9    C8     sing Y N 25  
A   N9    C4     sing Y N 26  
A   C8    N7     doub Y N 27  
A   C8    H8     sing N N 28  
A   N7    C5     sing Y N 29  
A   C5    C6     sing Y N 30  
A   C5    C4     doub Y N 31  
A   C6    N6     sing N N 32  
A   C6    N1     doub Y N 33  
A   N6    H61    sing N N 34  
A   N6    H62    sing N N 35  
A   N1    C2     sing Y N 36  
A   C2    N3     doub Y N 37  
A   C2    H2     sing N N 38  
A   N3    C4     sing Y N 39  
C   OP3   P      sing N N 40  
C   OP3   HOP3   sing N N 41  
C   P     OP1    doub N N 42  
C   P     OP2    sing N N 43  
C   P     "O5'"  sing N N 44  
C   OP2   HOP2   sing N N 45  
C   "O5'" "C5'"  sing N N 46  
C   "C5'" "C4'"  sing N N 47  
C   "C5'" "H5'"  sing N N 48  
C   "C5'" "H5''" sing N N 49  
C   "C4'" "O4'"  sing N N 50  
C   "C4'" "C3'"  sing N N 51  
C   "C4'" "H4'"  sing N N 52  
C   "O4'" "C1'"  sing N N 53  
C   "C3'" "O3'"  sing N N 54  
C   "C3'" "C2'"  sing N N 55  
C   "C3'" "H3'"  sing N N 56  
C   "O3'" "HO3'" sing N N 57  
C   "C2'" "O2'"  sing N N 58  
C   "C2'" "C1'"  sing N N 59  
C   "C2'" "H2'"  sing N N 60  
C   "O2'" "HO2'" sing N N 61  
C   "C1'" N1     sing N N 62  
C   "C1'" "H1'"  sing N N 63  
C   N1    C2     sing N N 64  
C   N1    C6     sing N N 65  
C   C2    O2     doub N N 66  
C   C2    N3     sing N N 67  
C   N3    C4     doub N N 68  
C   C4    N4     sing N N 69  
C   C4    C5     sing N N 70  
C   N4    H41    sing N N 71  
C   N4    H42    sing N N 72  
C   C5    C6     doub N N 73  
C   C5    H5     sing N N 74  
C   C6    H6     sing N N 75  
CPN "C8'" "C7'"  sing N N 76  
CPN "C8'" N1     sing N N 77  
CPN "C8'" "H8'1" sing N N 78  
CPN "C8'" "H8'2" sing N N 79  
CPN "C7'" "O7'"  doub N N 80  
CPN "C7'" "N4'"  sing N N 81  
CPN "C5'" C      sing N N 82  
CPN "C5'" "N4'"  sing N N 83  
CPN "C5'" "H5'1" sing N N 84  
CPN "C5'" "H5'2" sing N N 85  
CPN C     O      doub N N 86  
CPN C     OXT    sing N N 87  
CPN OXT   HXT    sing N N 88  
CPN "N4'" "C3'"  sing N N 89  
CPN "C3'" "C2'"  sing N N 90  
CPN "C3'" "H3'1" sing N N 91  
CPN "C3'" "H3'2" sing N N 92  
CPN "C2'" N      sing N N 93  
CPN "C2'" "H2'1" sing N N 94  
CPN "C2'" "H2'2" sing N N 95  
CPN N     H      sing N N 96  
CPN N     H2     sing N N 97  
CPN N     H3     sing N N 98  
CPN N1    C2     sing N N 99  
CPN N1    C6     sing N N 100 
CPN C2    N3     sing N N 101 
CPN C2    O2     doub N N 102 
CPN N3    C4     doub N N 103 
CPN C4    C5     sing N N 104 
CPN C4    N4     sing N N 105 
CPN C5    C6     doub N N 106 
CPN C5    H5     sing N N 107 
CPN C6    H6     sing N N 108 
CPN N4    HN41   sing N N 109 
CPN N4    HN42   sing N N 110 
G   OP3   P      sing N N 111 
G   OP3   HOP3   sing N N 112 
G   P     OP1    doub N N 113 
G   P     OP2    sing N N 114 
G   P     "O5'"  sing N N 115 
G   OP2   HOP2   sing N N 116 
G   "O5'" "C5'"  sing N N 117 
G   "C5'" "C4'"  sing N N 118 
G   "C5'" "H5'"  sing N N 119 
G   "C5'" "H5''" sing N N 120 
G   "C4'" "O4'"  sing N N 121 
G   "C4'" "C3'"  sing N N 122 
G   "C4'" "H4'"  sing N N 123 
G   "O4'" "C1'"  sing N N 124 
G   "C3'" "O3'"  sing N N 125 
G   "C3'" "C2'"  sing N N 126 
G   "C3'" "H3'"  sing N N 127 
G   "O3'" "HO3'" sing N N 128 
G   "C2'" "O2'"  sing N N 129 
G   "C2'" "C1'"  sing N N 130 
G   "C2'" "H2'"  sing N N 131 
G   "O2'" "HO2'" sing N N 132 
G   "C1'" N9     sing N N 133 
G   "C1'" "H1'"  sing N N 134 
G   N9    C8     sing Y N 135 
G   N9    C4     sing Y N 136 
G   C8    N7     doub Y N 137 
G   C8    H8     sing N N 138 
G   N7    C5     sing Y N 139 
G   C5    C6     sing N N 140 
G   C5    C4     doub Y N 141 
G   C6    O6     doub N N 142 
G   C6    N1     sing N N 143 
G   N1    C2     sing N N 144 
G   N1    H1     sing N N 145 
G   C2    N2     sing N N 146 
G   C2    N3     doub N N 147 
G   N2    H21    sing N N 148 
G   N2    H22    sing N N 149 
G   N3    C4     sing N N 150 
GPN "C8'" "C7'"  sing N N 151 
GPN "C8'" N9     sing N N 152 
GPN "C8'" "H8'1" sing N N 153 
GPN "C8'" "H8'2" sing N N 154 
GPN "C7'" "O7'"  doub N N 155 
GPN "C7'" "N4'"  sing N N 156 
GPN "C5'" C      sing N N 157 
GPN "C5'" "N4'"  sing N N 158 
GPN "C5'" "H5'1" sing N N 159 
GPN "C5'" "H5'2" sing N N 160 
GPN C     O      doub N N 161 
GPN C     OXT    sing N N 162 
GPN OXT   HXT    sing N N 163 
GPN "N4'" "C3'"  sing N N 164 
GPN "C3'" "C2'"  sing N N 165 
GPN "C3'" "H3'1" sing N N 166 
GPN "C3'" "H3'2" sing N N 167 
GPN "C2'" N      sing N N 168 
GPN "C2'" "H2'1" sing N N 169 
GPN "C2'" "H2'2" sing N N 170 
GPN N     H      sing N N 171 
GPN N     H2     sing N N 172 
GPN N     H3     sing N N 173 
GPN N9    C8     sing Y N 174 
GPN N9    C4     sing Y N 175 
GPN C8    N7     doub Y N 176 
GPN C8    H8     sing N N 177 
GPN N7    C5     sing Y N 178 
GPN C5    C6     sing N N 179 
GPN C5    C4     doub Y N 180 
GPN C6    O6     doub N N 181 
GPN C6    N1     sing N N 182 
GPN N1    C2     sing N N 183 
GPN N1    HN1    sing N N 184 
GPN C2    N2     sing N N 185 
GPN C2    N3     doub N N 186 
GPN N2    HN21   sing N N 187 
GPN N2    HN22   sing N N 188 
GPN N3    C4     sing N N 189 
HOH O     H1     sing N N 190 
HOH O     H2     sing N N 191 
TPN "C8'" "C7'"  sing N N 192 
TPN "C8'" N1     sing N N 193 
TPN "C8'" "H8'1" sing N N 194 
TPN "C8'" "H8'2" sing N N 195 
TPN "C7'" "O7'"  doub N N 196 
TPN "C7'" "N4'"  sing N N 197 
TPN "C5'" C      sing N N 198 
TPN "C5'" "N4'"  sing N N 199 
TPN "C5'" "H5'1" sing N N 200 
TPN "C5'" "H5'2" sing N N 201 
TPN C     O      doub N N 202 
TPN C     OXT    sing N N 203 
TPN OXT   HXT    sing N N 204 
TPN "N4'" "C3'"  sing N N 205 
TPN "C3'" "C2'"  sing N N 206 
TPN "C3'" "H3'1" sing N N 207 
TPN "C3'" "H3'2" sing N N 208 
TPN "C2'" N      sing N N 209 
TPN "C2'" "H2'1" sing N N 210 
TPN "C2'" "H2'2" sing N N 211 
TPN N     H      sing N N 212 
TPN N     H2     sing N N 213 
TPN N     H3     sing N N 214 
TPN N1    C6     sing N N 215 
TPN N1    C2     sing N N 216 
TPN C6    C5     doub N N 217 
TPN C6    H6     sing N N 218 
TPN C2    O2     doub N N 219 
TPN C2    N3     sing N N 220 
TPN N3    C4     sing N N 221 
TPN N3    HN3    sing N N 222 
TPN C4    O4     doub N N 223 
TPN C4    C5     sing N N 224 
TPN C5    C5M    sing N N 225 
TPN C5M   HM51   sing N N 226 
TPN C5M   HM52   sing N N 227 
TPN C5M   HM53   sing N N 228 
# 
loop_
_pdbx_audit_support.funding_organization 
_pdbx_audit_support.country 
_pdbx_audit_support.grant_number 
_pdbx_audit_support.ordinal 
'National Science Centre'                  Poland UMO-2011/01/B/NZ1/04429 1 
'Ministry of Science and Higher Education' Poland 0450/IP1/2013/72        2 
# 
_pdbx_initial_refinement_model.id               1 
_pdbx_initial_refinement_model.entity_id_list   ? 
_pdbx_initial_refinement_model.type             'experimental model' 
_pdbx_initial_refinement_model.source_name      PDB 
_pdbx_initial_refinement_model.accession_code   3NJ6 
_pdbx_initial_refinement_model.details          ? 
# 
_atom_sites.entry_id                    5EME 
_atom_sites.fract_transf_matrix[1][1]   -0.02769575 
_atom_sites.fract_transf_matrix[1][2]   -0.01541905 
_atom_sites.fract_transf_matrix[1][3]   0.00855098 
_atom_sites.fract_transf_matrix[2][1]   -0.02376608 
_atom_sites.fract_transf_matrix[2][2]   0.01639950 
_atom_sites.fract_transf_matrix[2][3]   0.01562384 
_atom_sites.fract_transf_matrix[3][1]   -0.00592436 
_atom_sites.fract_transf_matrix[3][2]   0.00356719 
_atom_sites.fract_transf_matrix[3][3]   -0.01275607 
_atom_sites.fract_transf_vector[1]      0.025122 
_atom_sites.fract_transf_vector[2]      -0.358636 
_atom_sites.fract_transf_vector[3]      0.064401 
# 
loop_
_atom_type.symbol 
C  
CL 
N  
O  
P  
# 
loop_
_atom_site.group_PDB 
_atom_site.id 
_atom_site.type_symbol 
_atom_site.label_atom_id 
_atom_site.label_alt_id 
_atom_site.label_comp_id 
_atom_site.label_asym_id 
_atom_site.label_entity_id 
_atom_site.label_seq_id 
_atom_site.pdbx_PDB_ins_code 
_atom_site.Cartn_x 
_atom_site.Cartn_y 
_atom_site.Cartn_z 
_atom_site.occupancy 
_atom_site.B_iso_or_equiv 
_atom_site.pdbx_formal_charge 
_atom_site.auth_seq_id 
_atom_site.auth_comp_id 
_atom_site.auth_asym_id 
_atom_site.auth_atom_id 
_atom_site.pdbx_PDB_model_num 
ATOM   1   O  "O5'" A G   A 1 1 ? -12.458 8.740   -5.195 0.75 43.79 ? 1   G   A "O5'" 1 
ATOM   2   O  "O5'" B G   A 1 1 ? -12.809 9.522   -4.317 0.25 24.24 ? 1   G   A "O5'" 1 
ATOM   3   C  "C5'" A G   A 1 1 ? -12.175 8.461   -3.801 0.75 27.05 ? 1   G   A "C5'" 1 
ATOM   4   C  "C5'" B G   A 1 1 ? -12.446 8.794   -3.087 0.25 21.08 ? 1   G   A "C5'" 1 
ATOM   5   C  "C4'" A G   A 1 1 ? -13.217 7.442   -3.383 0.75 17.18 ? 1   G   A "C4'" 1 
ATOM   6   C  "C4'" B G   A 1 1 ? -13.372 7.592   -2.964 0.25 18.77 ? 1   G   A "C4'" 1 
ATOM   7   O  "O4'" A G   A 1 1 ? -13.562 6.609   -4.529 0.75 17.94 ? 1   G   A "O4'" 1 
ATOM   8   O  "O4'" B G   A 1 1 ? -13.498 6.899   -4.237 0.25 17.85 ? 1   G   A "O4'" 1 
ATOM   9   C  "C3'" A G   A 1 1 ? -12.817 6.443   -2.314 0.75 17.96 ? 1   G   A "C3'" 1 
ATOM   10  C  "C3'" B G   A 1 1 ? -13.004 6.539   -1.942 0.25 24.72 ? 1   G   A "C3'" 1 
ATOM   11  O  "O3'" A G   A 1 1 ? -13.097 6.874   -0.976 0.75 23.10 ? 1   G   A "O3'" 1 
ATOM   12  O  "O3'" B G   A 1 1 ? -13.452 7.013   -0.640 0.25 19.88 ? 1   G   A "O3'" 1 
ATOM   13  C  "C2'" A G   A 1 1 ? -13.667 5.256   -2.686 0.75 18.92 ? 1   G   A "C2'" 1 
ATOM   14  C  "C2'" B G   A 1 1 ? -13.660 5.293   -2.518 0.25 19.04 ? 1   G   A "C2'" 1 
ATOM   15  O  "O2'" A G   A 1 1 ? -14.998 5.523   -2.202 0.75 25.09 ? 1   G   A "O2'" 1 
ATOM   16  O  "O2'" B G   A 1 1 ? -15.032 5.182   -2.266 0.25 14.20 ? 1   G   A "O2'" 1 
ATOM   17  C  "C1'" A G   A 1 1 ? -13.431 5.239   -4.204 0.75 16.73 ? 1   G   A "C1'" 1 
ATOM   18  C  "C1'" B G   A 1 1 ? -13.491 5.475   -4.033 0.25 15.87 ? 1   G   A "C1'" 1 
ATOM   19  N  N9    A G   A 1 1 ? -12.151 4.714   -4.713 0.75 17.66 ? 1   G   A N9    1 
ATOM   20  N  N9    B G   A 1 1 ? -12.274 4.891   -4.600 0.25 15.75 ? 1   G   A N9    1 
ATOM   21  C  C8    A G   A 1 1 ? -11.182 5.419   -5.386 0.75 22.58 ? 1   G   A C8    1 
ATOM   22  C  C8    B G   A 1 1 ? -11.351 5.561   -5.354 0.25 16.48 ? 1   G   A C8    1 
ATOM   23  N  N7    A G   A 1 1 ? -10.233 4.656   -5.869 0.75 23.53 ? 1   G   A N7    1 
ATOM   24  N  N7    B G   A 1 1 ? -10.425 4.778   -5.841 0.25 19.14 ? 1   G   A N7    1 
ATOM   25  C  C5    A G   A 1 1 ? -10.603 3.365   -5.494 0.75 18.70 ? 1   G   A C5    1 
ATOM   26  C  C5    B G   A 1 1 ? -10.804 3.500   -5.444 0.25 15.85 ? 1   G   A C5    1 
ATOM   27  C  C6    A G   A 1 1 ? -9.972  2.098   -5.770 0.75 14.34 ? 1   G   A C6    1 
ATOM   28  C  C6    B G   A 1 1 ? -10.188 2.236   -5.689 0.25 14.51 ? 1   G   A C6    1 
ATOM   29  O  O6    A G   A 1 1 ? -8.908  1.882   -6.411 0.75 18.61 ? 1   G   A O6    1 
ATOM   30  O  O6    B G   A 1 1 ? -9.153  2.000   -6.316 0.25 16.98 ? 1   G   A O6    1 
ATOM   31  N  N1    A G   A 1 1 ? -10.730 1.028   -5.283 0.75 12.26 ? 1   G   A N1    1 
ATOM   32  N  N1    B G   A 1 1 ? -10.866 1.197   -5.058 0.25 14.44 ? 1   G   A N1    1 
ATOM   33  C  C2    A G   A 1 1 ? -11.882 1.173   -4.538 0.75 14.59 ? 1   G   A C2    1 
ATOM   34  C  C2    B G   A 1 1 ? -12.055 1.336   -4.392 0.25 11.54 ? 1   G   A C2    1 
ATOM   35  N  N2    A G   A 1 1 ? -12.432 0.053   -4.069 0.75 11.56 ? 1   G   A N2    1 
ATOM   36  N  N2    B G   A 1 1 ? -12.581 0.211   -3.894 0.25 12.92 ? 1   G   A N2    1 
ATOM   37  N  N3    A G   A 1 1 ? -12.461 2.338   -4.280 0.75 15.40 ? 1   G   A N3    1 
ATOM   38  N  N3    B G   A 1 1 ? -12.615 2.511   -4.131 0.25 14.40 ? 1   G   A N3    1 
ATOM   39  C  C4    A G   A 1 1 ? -11.781 3.381   -4.794 0.75 17.40 ? 1   G   A C4    1 
ATOM   40  C  C4    B G   A 1 1 ? -11.951 3.544   -4.702 0.25 14.82 ? 1   G   A C4    1 
ATOM   41  P  P     A C   A 1 2 ? -12.098 6.732   0.211  0.75 18.87 ? 2   C   A P     1 
ATOM   42  P  P     B C   A 1 2 ? -12.743 6.581   0.666  0.25 27.86 ? 2   C   A P     1 
ATOM   43  O  OP1   A C   A 1 2 ? -12.651 7.515   1.339  0.75 24.82 ? 2   C   A OP1   1 
ATOM   44  O  OP1   B C   A 1 2 ? -13.417 7.314   1.794  0.25 33.01 ? 2   C   A OP1   1 
ATOM   45  O  OP2   A C   A 1 2 ? -10.766 6.924   -0.192 0.75 20.13 ? 2   C   A OP2   1 
ATOM   46  O  OP2   B C   A 1 2 ? -11.246 6.704   0.443  0.25 28.80 ? 2   C   A OP2   1 
ATOM   47  O  "O5'" A C   A 1 2 ? -12.250 5.261   0.765  0.75 21.87 ? 2   C   A "O5'" 1 
ATOM   48  O  "O5'" B C   A 1 2 ? -12.999 5.030   0.784  0.25 24.07 ? 2   C   A "O5'" 1 
ATOM   49  C  "C5'" A C   A 1 2 ? -13.545 4.849   1.145  0.75 18.92 ? 2   C   A "C5'" 1 
ATOM   50  C  "C5'" B C   A 1 2 ? -14.274 4.458   1.115  0.25 23.70 ? 2   C   A "C5'" 1 
ATOM   51  C  "C4'" A C   A 1 2 ? -13.494 3.362   1.221  0.75 19.28 ? 2   C   A "C4'" 1 
ATOM   52  C  "C4'" B C   A 1 2 ? -14.080 2.969   1.125  0.25 18.25 ? 2   C   A "C4'" 1 
ATOM   53  O  "O4'" A C   A 1 2 ? -13.402 2.850   -0.138 0.75 18.26 ? 2   C   A "O4'" 1 
ATOM   54  O  "O4'" B C   A 1 2 ? -13.585 2.528   -0.185 0.25 16.14 ? 2   C   A "O4'" 1 
ATOM   55  C  "C3'" A C   A 1 2 ? -12.261 2.788   1.903  0.75 19.19 ? 2   C   A "C3'" 1 
ATOM   56  C  "C3'" B C   A 1 2 ? -12.983 2.501   2.069  0.25 16.96 ? 2   C   A "C3'" 1 
ATOM   57  O  "O3'" A C   A 1 2 ? -12.407 2.952   3.301  0.75 18.87 ? 2   C   A "O3'" 1 
ATOM   58  O  "O3'" B C   A 1 2 ? -13.412 2.262   3.386  0.25 21.64 ? 2   C   A "O3'" 1 
ATOM   59  C  "C2'" A C   A 1 2 ? -12.375 1.374   1.387  0.75 19.71 ? 2   C   A "C2'" 1 
ATOM   60  C  "C2'" B C   A 1 2 ? -12.698 1.123   1.506  0.25 16.27 ? 2   C   A "C2'" 1 
ATOM   61  O  "O2'" A C   A 1 2 ? -13.471 0.687   1.924  0.75 26.27 ? 2   C   A "O2'" 1 
ATOM   62  O  "O2'" B C   A 1 2 ? -13.758 0.320   1.956  0.25 17.30 ? 2   C   A "O2'" 1 
ATOM   63  C  "C1'" A C   A 1 2 ? -12.676 1.664   -0.081 0.75 16.10 ? 2   C   A "C1'" 1 
ATOM   64  C  "C1'" B C   A 1 2 ? -12.776 1.391   0.004  0.25 16.08 ? 2   C   A "C1'" 1 
ATOM   65  N  N1    A C   A 1 2 ? -11.435 1.847   -0.859 0.75 15.73 ? 2   C   A N1    1 
ATOM   66  N  N1    B C   A 1 2 ? -11.479 1.565   -0.718 0.25 16.50 ? 2   C   A N1    1 
ATOM   67  C  C2    A C   A 1 2 ? -10.742 0.699   -1.201 0.75 13.47 ? 2   C   A C2    1 
ATOM   68  C  C2    B C   A 1 2 ? -10.879 0.415   -1.186 0.25 12.50 ? 2   C   A C2    1 
ATOM   69  O  O2    A C   A 1 2 ? -11.194 -0.414  -0.821 0.75 14.39 ? 2   C   A O2    1 
ATOM   70  O  O2    B C   A 1 2 ? -11.410 -0.686  -0.916 0.25 13.36 ? 2   C   A O2    1 
ATOM   71  N  N3    A C   A 1 2 ? -9.614  0.810   -1.938 0.75 14.15 ? 2   C   A N3    1 
ATOM   72  N  N3    B C   A 1 2 ? -9.783  0.520   -1.974 0.25 12.53 ? 2   C   A N3    1 
ATOM   73  C  C4    A C   A 1 2 ? -9.158  2.016   -2.285 0.75 14.58 ? 2   C   A C4    1 
ATOM   74  C  C4    B C   A 1 2 ? -9.230  1.717   -2.202 0.25 14.34 ? 2   C   A C4    1 
ATOM   75  N  N4    A C   A 1 2 ? -8.064  2.079   -3.051 0.75 14.59 ? 2   C   A N4    1 
ATOM   76  N  N4    B C   A 1 2 ? -8.127  1.779   -2.968 0.25 14.53 ? 2   C   A N4    1 
ATOM   77  C  C5    A C   A 1 2 ? -9.788  3.214   -1.839 0.75 16.09 ? 2   C   A C5    1 
ATOM   78  C  C5    B C   A 1 2 ? -9.802  2.912   -1.686 0.25 14.69 ? 2   C   A C5    1 
ATOM   79  C  C6    A C   A 1 2 ? -10.915 3.085   -1.140 0.75 16.48 ? 2   C   A C6    1 
ATOM   80  C  C6    B C   A 1 2 ? -10.942 2.796   -1.006 0.25 14.91 ? 2   C   A C6    1 
ATOM   81  P  P     A A   A 1 3 ? -11.136 3.050   4.313  0.75 18.88 ? 3   A   A P     1 
ATOM   82  P  P     B A   A 1 3 ? -12.349 2.468   4.613  0.25 23.15 ? 3   A   A P     1 
ATOM   83  O  OP1   A A   A 1 3 ? -11.715 3.432   5.642  0.75 19.70 ? 3   A   A OP1   1 
ATOM   84  O  OP1   B A   A 1 3 ? -13.146 2.621   5.878  0.25 24.85 ? 3   A   A OP1   1 
ATOM   85  O  OP2   A A   A 1 3 ? -9.972  3.800   3.673  0.75 23.06 ? 3   A   A OP2   1 
ATOM   86  O  OP2   B A   A 1 3 ? -11.372 3.532   4.233  0.25 25.16 ? 3   A   A OP2   1 
ATOM   87  O  "O5'" A A   A 1 3 ? -10.551 1.570   4.382  0.75 18.96 ? 3   A   A "O5'" 1 
ATOM   88  O  "O5'" B A   A 1 3 ? -11.527 1.102   4.585  0.25 21.26 ? 3   A   A "O5'" 1 
ATOM   89  C  "C5'" A A   A 1 3 ? -11.388 0.570   4.963  0.75 15.70 ? 3   A   A "C5'" 1 
ATOM   90  C  "C5'" B A   A 1 3 ? -12.046 -0.102  5.085  0.25 21.18 ? 3   A   A "C5'" 1 
ATOM   91  C  "C4'" A A   A 1 3 ? -10.663 -0.760  4.894  0.75 14.77 ? 3   A   A "C4'" 1 
ATOM   92  C  "C4'" B A   A 1 3 ? -10.984 -1.179  4.939  0.25 18.61 ? 3   A   A "C4'" 1 
ATOM   93  O  "O4'" A A   A 1 3 ? -10.700 -1.295  3.561  0.75 17.51 ? 3   A   A "O4'" 1 
ATOM   94  O  "O4'" B A   A 1 3 ? -10.766 -1.390  3.514  0.25 17.28 ? 3   A   A "O4'" 1 
ATOM   95  C  "C3'" A A   A 1 3 ? -9.153  -0.764  5.149  0.75 13.60 ? 3   A   A "C3'" 1 
ATOM   96  C  "C3'" B A   A 1 3 ? -9.537  -0.929  5.397  0.25 16.92 ? 3   A   A "C3'" 1 
ATOM   97  O  "O3'" A A   A 1 3 ? -8.942  -0.910  6.537  0.75 14.59 ? 3   A   A "O3'" 1 
ATOM   98  O  "O3'" B A   A 1 3 ? -9.101  -0.913  6.797  0.25 17.30 ? 3   A   A "O3'" 1 
ATOM   99  C  "C2'" A A   A 1 3 ? -8.719  -2.092  4.574  0.75 15.02 ? 3   A   A "C2'" 1 
ATOM   100 C  "C2'" B A   A 1 3 ? -8.872  -2.119  4.719  0.25 14.86 ? 3   A   A "C2'" 1 
ATOM   101 O  "O2'" A A   A 1 3 ? -9.303  -3.235  5.130  0.75 13.86 ? 3   A   A "O2'" 1 
ATOM   102 O  "O2'" B A   A 1 3 ? -9.236  -3.187  5.618  0.25 19.48 ? 3   A   A "O2'" 1 
ATOM   103 C  "C1'" . A   A 1 3 ? -9.483  -1.954  3.320  1.00 15.32 ? 3   A   A "C1'" 1 
ATOM   104 N  N9    . A   A 1 3 ? -8.746  -1.136  2.337  1.00 13.27 ? 3   A   A N9    1 
ATOM   105 C  C8    . A   A 1 3 ? -8.865  0.218   1.980  1.00 15.23 ? 3   A   A C8    1 
ATOM   106 N  N7    . A   A 1 3 ? -8.008  0.595   1.058  1.00 14.45 ? 3   A   A N7    1 
ATOM   107 C  C5    . A   A 1 3 ? -7.316  -0.581  0.756  1.00 12.82 ? 3   A   A C5    1 
ATOM   108 C  C6    . A   A 1 3 ? -6.269  -0.837  -0.140 1.00 12.99 ? 3   A   A C6    1 
ATOM   109 N  N6    . A   A 1 3 ? -5.771  0.086   -0.984 1.00 13.17 ? 3   A   A N6    1 
ATOM   110 N  N1    . A   A 1 3 ? -5.787  -2.107  -0.219 1.00 12.47 ? 3   A   A N1    1 
ATOM   111 C  C2    . A   A 1 3 ? -6.331  -3.026  0.585  1.00 13.13 ? 3   A   A C2    1 
ATOM   112 N  N3    . A   A 1 3 ? -7.274  -2.890  1.506  1.00 12.40 ? 3   A   A N3    1 
ATOM   113 C  C4    . A   A 1 3 ? -7.748  -1.634  1.554  1.00 13.00 ? 3   A   A C4    1 
ATOM   114 P  P     . G   A 1 4 ? -7.618  -0.374  7.276  1.00 16.61 ? 4   G   A P     1 
ATOM   115 O  OP1   . G   A 1 4 ? -7.759  -0.373  8.747  1.00 19.25 ? 4   G   A OP1   1 
ATOM   116 O  OP2   . G   A 1 4 ? -7.205  0.818   6.568  1.00 19.66 ? 4   G   A OP2   1 
ATOM   117 O  "O5'" . G   A 1 4 ? -6.470  -1.474  6.879  1.00 15.15 ? 4   G   A "O5'" 1 
ATOM   118 C  "C5'" . G   A 1 4 ? -6.599  -2.837  7.472  1.00 13.82 ? 4   G   A "C5'" 1 
ATOM   119 C  "C4'" . G   A 1 4 ? -5.641  -3.789  6.891  1.00 13.17 ? 4   G   A "C4'" 1 
ATOM   120 O  "O4'" . G   A 1 4 ? -5.895  -3.869  5.440  1.00 13.36 ? 4   G   A "O4'" 1 
ATOM   121 C  "C3'" . G   A 1 4 ? -4.179  -3.364  6.942  1.00 10.82 ? 4   G   A "C3'" 1 
ATOM   122 O  "O3'" . G   A 1 4 ? -3.673  -3.669  8.259  1.00 11.71 ? 4   G   A "O3'" 1 
ATOM   123 C  "C2'" . G   A 1 4 ? -3.624  -4.293  5.886  1.00 11.32 ? 4   G   A "C2'" 1 
ATOM   124 O  "O2'" . G   A 1 4 ? -3.622  -5.632  6.317  1.00 13.64 ? 4   G   A "O2'" 1 
ATOM   125 C  "C1'" . G   A 1 4 ? -4.668  -4.111  4.798  1.00 12.64 ? 4   G   A "C1'" 1 
ATOM   126 N  N9    . G   A 1 4 ? -4.386  -2.980  3.891  1.00 11.36 ? 4   G   A N9    1 
ATOM   127 C  C8    . G   A 1 4 ? -4.958  -1.720  3.856  1.00 12.38 ? 4   G   A C8    1 
ATOM   128 N  N7    . G   A 1 4 ? -4.465  -0.986  2.881  1.00 11.44 ? 4   G   A N7    1 
ATOM   129 C  C5    . G   A 1 4 ? -3.469  -1.763  2.311  1.00 10.64 ? 4   G   A C5    1 
ATOM   130 C  C6    . G   A 1 4 ? -2.584  -1.487  1.237  1.00 10.27 ? 4   G   A C6    1 
ATOM   131 O  O6    . G   A 1 4 ? -2.527  -0.480  0.517  1.00 11.37 ? 4   G   A O6    1 
ATOM   132 N  N1    . G   A 1 4 ? -1.728  -2.531  0.995  1.00 10.69 ? 4   G   A N1    1 
ATOM   133 C  C2    . G   A 1 4 ? -1.702  -3.719  1.696  1.00 10.78 ? 4   G   A C2    1 
ATOM   134 N  N2    . G   A 1 4 ? -0.768  -4.592  1.358  1.00 11.56 ? 4   G   A N2    1 
ATOM   135 N  N3    . G   A 1 4 ? -2.561  -4.025  2.645  1.00 10.68 ? 4   G   A N3    1 
ATOM   136 C  C4    . G   A 1 4 ? -3.393  -2.999  2.926  1.00 11.00 ? 4   G   A C4    1 
ATOM   137 P  P     . C   A 1 5 ? -2.424  -2.901  8.860  1.00 13.23 ? 5   C   A P     1 
ATOM   138 O  OP1   . C   A 1 5 ? -2.295  -3.390  10.251 1.00 15.26 ? 5   C   A OP1   1 
ATOM   139 O  OP2   . C   A 1 5 ? -2.550  -1.487  8.564  1.00 15.40 ? 5   C   A OP2   1 
ATOM   140 O  "O5'" . C   A 1 5 ? -1.204  -3.403  7.974  1.00 14.15 ? 5   C   A "O5'" 1 
ATOM   141 C  "C5'" . C   A 1 5 ? -0.798  -4.759  8.048  1.00 15.93 ? 5   C   A "C5'" 1 
ATOM   142 C  "C4'" . C   A 1 5 ? 0.287   -4.998  7.046  1.00 14.56 ? 5   C   A "C4'" 1 
ATOM   143 O  "O4'" A C   A 1 5 ? -0.165  -4.992  5.657  0.75 15.48 ? 5   C   A "O4'" 1 
ATOM   144 O  "O4'" B C   A 1 5 ? -0.175  -4.744  5.718  0.25 14.66 ? 5   C   A "O4'" 1 
ATOM   145 C  "C3'" A C   A 1 5 ? 1.578   -4.222  7.021  0.75 14.19 ? 5   C   A "C3'" 1 
ATOM   146 C  "C3'" B C   A 1 5 ? 1.458   -4.006  7.180  0.25 14.45 ? 5   C   A "C3'" 1 
ATOM   147 O  "O3'" A C   A 1 5 ? 2.317   -4.625  8.147  0.75 15.96 ? 5   C   A "O3'" 1 
ATOM   148 O  "O3'" B C   A 1 5 ? 2.359   -4.164  8.318  0.25 13.64 ? 5   C   A "O3'" 1 
ATOM   149 C  "C2'" A C   A 1 5 ? 2.185   -4.636  5.685  0.75 15.02 ? 5   C   A "C2'" 1 
ATOM   150 C  "C2'" B C   A 1 5 ? 2.158   -4.214  5.844  0.25 11.98 ? 5   C   A "C2'" 1 
ATOM   151 O  "O2'" A C   A 1 5 ? 2.728   -5.962  5.721  0.75 15.12 ? 5   C   A "O2'" 1 
ATOM   152 O  "O2'" B C   A 1 5 ? 2.924   -5.406  5.928  0.25 16.45 ? 5   C   A "O2'" 1 
ATOM   153 C  "C1'" A C   A 1 5 ? 0.929   -4.558  4.820  0.75 14.80 ? 5   C   A "C1'" 1 
ATOM   154 C  "C1'" B C   A 1 5 ? 0.956   -4.434  4.917  0.25 14.29 ? 5   C   A "C1'" 1 
ATOM   155 N  N1    . C   A 1 5 ? 0.677   -3.188  4.269  1.00 12.98 ? 5   C   A N1    1 
ATOM   156 C  C2    . C   A 1 5 ? 1.465   -2.819  3.201  1.00 11.01 ? 5   C   A C2    1 
ATOM   157 O  O2    . C   A 1 5 ? 2.340   -3.611  2.814  1.00 12.52 ? 5   C   A O2    1 
ATOM   158 N  N3    . C   A 1 5 ? 1.244   -1.632  2.595  1.00 11.11 ? 5   C   A N3    1 
ATOM   159 C  C4    . C   A 1 5 ? 0.306   -0.808  3.043  1.00 12.28 ? 5   C   A C4    1 
ATOM   160 N  N4    . C   A 1 5 ? 0.108   0.332   2.417  1.00 12.05 ? 5   C   A N4    1 
ATOM   161 C  C5    . C   A 1 5 ? -0.510  -1.156  4.149  1.00 12.94 ? 5   C   A C5    1 
ATOM   162 C  C6    . C   A 1 5 ? -0.300  -2.342  4.714  1.00 13.28 ? 5   C   A C6    1 
ATOM   163 P  P     A A   A 1 6 ? 3.382   -3.632  8.646  0.75 16.05 ? 6   A   A P     1 
ATOM   164 P  P     B A   A 1 6 ? 3.450   -2.994  8.733  0.25 11.98 ? 6   A   A P     1 
ATOM   165 O  OP1   A A   A 1 6 ? 3.730   -4.191  9.909  0.75 18.67 ? 6   A   A OP1   1 
ATOM   166 O  OP1   B A   A 1 6 ? 3.899   -3.381  10.034 0.25 13.50 ? 6   A   A OP1   1 
ATOM   167 O  OP2   A A   A 1 6 ? 2.849   -2.235  8.650  0.75 22.50 ? 6   A   A OP2   1 
ATOM   168 O  OP2   B A   A 1 6 ? 2.937   -1.636  8.489  0.25 15.07 ? 6   A   A OP2   1 
ATOM   169 O  "O5'" A A   A 1 6 ? 4.609   -3.676  7.634  0.75 13.31 ? 6   A   A "O5'" 1 
ATOM   170 O  "O5'" B A   A 1 6 ? 4.665   -3.077  7.737  0.25 13.17 ? 6   A   A "O5'" 1 
ATOM   171 C  "C5'" A A   A 1 6 ? 5.407   -4.803  7.533  0.75 12.12 ? 6   A   A "C5'" 1 
ATOM   172 C  "C5'" B A   A 1 6 ? 5.591   -4.118  7.774  0.25 13.58 ? 6   A   A "C5'" 1 
ATOM   173 C  "C4'" A A   A 1 6 ? 6.595   -4.522  6.587  0.75 10.81 ? 6   A   A "C4'" 1 
ATOM   174 C  "C4'" B A   A 1 6 ? 6.635   -3.748  6.760  0.25 13.27 ? 6   A   A "C4'" 1 
ATOM   175 O  "O4'" A A   A 1 6 ? 6.098   -4.424  5.225  0.75 10.54 ? 6   A   A "O4'" 1 
ATOM   176 O  "O4'" B A   A 1 6 ? 5.892   -3.726  5.511  0.25 12.06 ? 6   A   A "O4'" 1 
ATOM   177 C  "C3'" A A   A 1 6 ? 7.371   -3.220  6.707  0.75 9.96  ? 6   A   A "C3'" 1 
ATOM   178 C  "C3'" B A   A 1 6 ? 7.353   -2.404  6.761  0.25 12.59 ? 6   A   A "C3'" 1 
ATOM   179 O  "O3'" A A   A 1 6 ? 8.188   -3.340  7.861  0.75 12.07 ? 6   A   A "O3'" 1 
ATOM   180 O  "O3'" B A   A 1 6 ? 8.503   -2.475  7.571  0.25 12.78 ? 6   A   A "O3'" 1 
ATOM   181 C  "C2'" A A   A 1 6 ? 8.061   -3.152  5.345  0.75 11.51 ? 6   A   A "C2'" 1 
ATOM   182 C  "C2'" B A   A 1 6 ? 7.829   -2.398  5.325  0.25 10.53 ? 6   A   A "C2'" 1 
ATOM   183 O  "O2'" A A   A 1 6 ? 9.102   -4.096  5.257  0.75 12.33 ? 6   A   A "O2'" 1 
ATOM   184 O  "O2'" B A   A 1 6 ? 8.753   -3.441  5.217  0.25 10.49 ? 6   A   A "O2'" 1 
ATOM   185 C  "C1'" A A   A 1 6 ? 6.900   -3.533  4.447  0.75 9.95  ? 6   A   A "C1'" 1 
ATOM   186 C  "C1'" B A   A 1 6 ? 6.553   -2.862  4.603  0.25 9.99  ? 6   A   A "C1'" 1 
ATOM   187 N  N9    A A   A 1 6 ? 6.118   -2.350  4.134  0.75 9.24  ? 6   A   A N9    1 
ATOM   188 N  N9    B A   A 1 6 ? 5.683   -1.717  4.374  0.25 10.40 ? 6   A   A N9    1 
ATOM   189 C  C8    A A   A 1 6 ? 4.972   -1.919  4.744  0.75 10.18 ? 6   A   A C8    1 
ATOM   190 C  C8    B A   A 1 6 ? 4.531   -1.302  4.997  0.25 11.16 ? 6   A   A C8    1 
ATOM   191 N  N7    A A   A 1 6 ? 4.477   -0.815  4.217  0.75 9.90  ? 6   A   A N7    1 
ATOM   192 N  N7    B A   A 1 6 ? 3.979   -0.251  4.434  0.25 9.68  ? 6   A   A N7    1 
ATOM   193 C  C5    A A   A 1 6 ? 5.418   -0.443  3.272  0.75 7.37  ? 6   A   A C5    1 
ATOM   194 C  C5    B A   A 1 6 ? 4.860   0.085   3.418  0.25 7.87  ? 6   A   A C5    1 
ATOM   195 C  C6    A A   A 1 6 ? 5.499   0.656   2.419  0.75 8.64  ? 6   A   A C6    1 
ATOM   196 C  C6    B A   A 1 6 ? 4.851   1.136   2.480  0.25 8.64  ? 6   A   A C6    1 
ATOM   197 N  N6    A A   A 1 6 ? 4.589   1.629   2.415  0.75 8.66  ? 6   A   A N6    1 
ATOM   198 N  N6    B A   A 1 6 ? 3.931   2.124   2.488  0.25 9.71  ? 6   A   A N6    1 
ATOM   199 N  N1    A A   A 1 6 ? 6.532   0.712   1.545  0.75 7.54  ? 6   A   A N1    1 
ATOM   200 N  N1    B A   A 1 6 ? 5.895   1.216   1.618  0.25 8.59  ? 6   A   A N1    1 
ATOM   201 C  C2    A A   A 1 6 ? 7.429   -0.288  1.578  0.75 8.76  ? 6   A   A C2    1 
ATOM   202 C  C2    B A   A 1 6 ? 6.783   0.210   1.607  0.25 9.24  ? 6   A   A C2    1 
ATOM   203 N  N3    A A   A 1 6 ? 7.421   -1.391  2.304  0.75 8.61  ? 6   A   A N3    1 
ATOM   204 N  N3    B A   A 1 6 ? 6.918   -0.812  2.473  0.25 8.26  ? 6   A   A N3    1 
ATOM   205 C  C4    A A   A 1 6 ? 6.385   -1.414  3.145  0.75 8.45  ? 6   A   A C4    1 
ATOM   206 C  C4    B A   A 1 6 ? 5.872   -0.848  3.318  0.25 8.42  ? 6   A   A C4    1 
ATOM   207 P  P     A G   A 1 7 ? 8.808   -1.949  8.498  0.75 12.19 ? 7   G   A P     1 
ATOM   208 P  P     B G   A 1 7 ? 9.264   -1.094  8.070  0.25 15.00 ? 7   G   A P     1 
ATOM   209 O  OP1   A G   A 1 7 ? 9.603   -2.420  9.689  0.75 15.88 ? 7   G   A OP1   1 
ATOM   210 O  OP1   B G   A 1 7 ? 10.266  -1.514  9.106  0.25 15.14 ? 7   G   A OP1   1 
ATOM   211 O  OP2   A G   A 1 7 ? 7.722   -0.931  8.667  0.75 14.10 ? 7   G   A OP2   1 
ATOM   212 O  OP2   B G   A 1 7 ? 8.306   0.035   8.436  0.25 18.40 ? 7   G   A OP2   1 
ATOM   213 O  "O5'" A G   A 1 7 ? 9.801   -1.559  7.368  0.75 12.10 ? 7   G   A "O5'" 1 
ATOM   214 O  "O5'" B G   A 1 7 ? 9.972   -0.479  6.785  0.25 12.40 ? 7   G   A "O5'" 1 
ATOM   215 C  "C5'" A G   A 1 7 ? 10.176  -0.169  7.114  0.75 12.34 ? 7   G   A "C5'" 1 
ATOM   216 C  "C5'" B G   A 1 7 ? 11.039  -1.230  6.325  0.25 9.89  ? 7   G   A "C5'" 1 
ATOM   217 C  "C4'" A G   A 1 7 ? 10.949  -0.127  5.861  0.75 10.42 ? 7   G   A "C4'" 1 
ATOM   218 C  "C4'" B G   A 1 7 ? 11.585  -0.552  5.106  0.25 11.49 ? 7   G   A "C4'" 1 
ATOM   219 O  "O4'" A G   A 1 7 ? 9.946   -0.265  4.838  0.75 11.35 ? 7   G   A "O4'" 1 
ATOM   220 O  "O4'" B G   A 1 7 ? 10.592  -0.516  4.051  0.25 11.23 ? 7   G   A "O4'" 1 
ATOM   221 C  "C3'" A G   A 1 7 ? 11.577  1.238   5.581  0.75 10.96 ? 7   G   A "C3'" 1 
ATOM   222 C  "C3'" B G   A 1 7 ? 11.870  0.960   5.228  0.25 12.24 ? 7   G   A "C3'" 1 
ATOM   223 O  "O3'" A G   A 1 7 ? 13.000  1.295   6.044  0.75 11.45 ? 7   G   A "O3'" 1 
ATOM   224 O  "O3'" B G   A 1 7 ? 12.859  1.204   6.237  0.25 13.58 ? 7   G   A "O3'" 1 
ATOM   225 C  "C2'" A G   A 1 7 ? 11.486  1.370   4.070  0.75 10.25 ? 7   G   A "C2'" 1 
ATOM   226 C  "C2'" B G   A 1 7 ? 12.088  1.306   3.761  0.25 10.24 ? 7   G   A "C2'" 1 
ATOM   227 O  "O2'" A G   A 1 7 ? 12.601  0.729   3.485  0.75 11.06 ? 7   G   A "O2'" 1 
ATOM   228 O  "O2'" B G   A 1 7 ? 13.342  0.900   3.169  0.25 14.09 ? 7   G   A "O2'" 1 
ATOM   229 C  "C1'" A G   A 1 7 ? 10.143  0.699   3.824  0.75 10.83 ? 7   G   A "C1'" 1 
ATOM   230 C  "C1'" B G   A 1 7 ? 10.810  0.659   3.265  0.25 11.41 ? 7   G   A "C1'" 1 
ATOM   231 N  N9    A G   A 1 7 ? 9.026   1.631   3.883  0.75 9.38  ? 7   G   A N9    1 
ATOM   232 N  N9    B G   A 1 7 ? 9.607   1.514   3.368  0.25 10.00 ? 7   G   A N9    1 
ATOM   233 C  C8    A G   A 1 7 ? 7.976   1.564   4.732  0.75 11.35 ? 7   G   A C8    1 
ATOM   234 C  C8    B G   A 1 7 ? 8.536   1.378   4.234  0.25 8.95  ? 7   G   A C8    1 
ATOM   235 N  N7    A G   A 1 7 ? 7.133   2.552   4.591  0.75 10.32 ? 7   G   A N7    1 
ATOM   236 N  N7    B G   A 1 7 ? 7.667   2.339   4.120  0.25 10.16 ? 7   G   A N7    1 
ATOM   237 C  C5    A G   A 1 7 ? 7.652   3.295   3.540  0.75 9.89  ? 7   G   A C5    1 
ATOM   238 C  C5    B G   A 1 7 ? 8.159   3.120   3.090  0.25 9.95  ? 7   G   A C5    1 
ATOM   239 C  C6    A G   A 1 7 ? 7.164   4.475   2.888  0.75 8.78  ? 7   G   A C6    1 
ATOM   240 C  C6    B G   A 1 7 ? 7.588   4.248   2.450  0.25 9.47  ? 7   G   A C6    1 
ATOM   241 O  O6    A G   A 1 7 ? 6.124   5.131   3.137  0.75 11.02 ? 7   G   A O6    1 
ATOM   242 O  O6    B G   A 1 7 ? 6.510   4.809   2.690  0.25 10.81 ? 7   G   A O6    1 
ATOM   243 N  N1    A G   A 1 7 ? 8.009   4.877   1.860  0.75 9.24  ? 7   G   A N1    1 
ATOM   244 N  N1    B G   A 1 7 ? 8.436   4.744   1.460  0.25 8.84  ? 7   G   A N1    1 
ATOM   245 C  C2    A G   A 1 7 ? 9.137   4.216   1.465  0.75 9.27  ? 7   G   A C2    1 
ATOM   246 C  C2    B G   A 1 7 ? 9.602   4.148   1.038  0.25 9.04  ? 7   G   A C2    1 
ATOM   247 N  N2    A G   A 1 7 ? 9.850   4.790   0.479  0.75 9.10  ? 7   G   A N2    1 
ATOM   248 N  N2    B G   A 1 7 ? 10.278  4.773   0.037  0.25 10.37 ? 7   G   A N2    1 
ATOM   249 N  N3    A G   A 1 7 ? 9.594   3.121   2.065  0.75 9.04  ? 7   G   A N3    1 
ATOM   250 N  N3    B G   A 1 7 ? 10.120  3.072   1.610  0.25 10.11 ? 7   G   A N3    1 
ATOM   251 C  C4    A G   A 1 7 ? 8.779   2.694   3.039  0.75 8.71  ? 7   G   A C4    1 
ATOM   252 C  C4    B G   A 1 7 ? 9.298   2.566   2.550  0.25 9.47  ? 7   G   A C4    1 
ATOM   253 P  P     A C   A 1 8 ? 13.405  2.619   6.805  0.75 10.59 ? 8   C   A P     1 
ATOM   254 P  P     B C   A 1 8 ? 13.154  2.682   6.924  0.25 12.01 ? 8   C   A P     1 
ATOM   255 O  OP1   A C   A 1 8 ? 14.707  2.389   7.459  0.75 10.53 ? 8   C   A OP1   1 
ATOM   256 O  OP1   B C   A 1 8 ? 14.403  2.478   7.658  0.25 12.67 ? 8   C   A OP1   1 
ATOM   257 O  OP2   A C   A 1 8 ? 12.273  3.070   7.626  0.75 11.62 ? 8   C   A OP2   1 
ATOM   258 O  OP2   B C   A 1 8 ? 11.959  3.180   7.748  0.25 15.31 ? 8   C   A OP2   1 
ATOM   259 O  "O5'" A C   A 1 8 ? 13.583  3.656   5.613  0.75 9.89  ? 8   C   A "O5'" 1 
ATOM   260 O  "O5'" B C   A 1 8 ? 13.280  3.701   5.706  0.25 10.99 ? 8   C   A "O5'" 1 
ATOM   261 C  "C5'" A C   A 1 8 ? 14.599  3.375   4.599  0.75 11.44 ? 8   C   A "C5'" 1 
ATOM   262 C  "C5'" B C   A 1 8 ? 14.354  3.462   4.813  0.25 11.21 ? 8   C   A "C5'" 1 
ATOM   263 C  "C4'" A C   A 1 8 ? 14.626  4.463   3.558  0.75 11.18 ? 8   C   A "C4'" 1 
ATOM   264 C  "C4'" B C   A 1 8 ? 14.435  4.550   3.770  0.25 11.70 ? 8   C   A "C4'" 1 
ATOM   265 O  "O4'" . C   A 1 8 ? 13.311  4.490   2.893  1.00 11.84 ? 8   C   A "O4'" 1 
ATOM   266 C  "C3'" A C   A 1 8 ? 14.752  5.896   4.033  0.75 10.59 ? 8   C   A "C3'" 1 
ATOM   267 C  "C3'" B C   A 1 8 ? 14.436  5.989   4.235  0.25 12.04 ? 8   C   A "C3'" 1 
ATOM   268 O  "O3'" A C   A 1 8 ? 16.074  6.240   4.491  0.75 13.77 ? 8   C   A "O3'" 1 
ATOM   269 O  "O3'" B C   A 1 8 ? 15.744  6.312   4.634  0.25 14.95 ? 8   C   A "O3'" 1 
ATOM   270 C  "C2'" A C   A 1 8 ? 14.266  6.643   2.808  0.75 12.09 ? 8   C   A "C2'" 1 
ATOM   271 C  "C2'" B C   A 1 8 ? 14.068  6.736   2.983  0.25 11.91 ? 8   C   A "C2'" 1 
ATOM   272 O  "O2'" A C   A 1 8 ? 15.345  6.686   1.866  0.75 14.29 ? 8   C   A "O2'" 1 
ATOM   273 O  "O2'" B C   A 1 8 ? 15.051  6.776   1.986  0.25 14.77 ? 8   C   A "O2'" 1 
ATOM   274 C  "C1'" . C   A 1 8 ? 13.037  5.811   2.387  1.00 11.39 ? 8   C   A "C1'" 1 
ATOM   275 N  N1    . C   A 1 8 ? 11.758  6.261   2.949  1.00 10.80 ? 8   C   A N1    1 
ATOM   276 C  C2    . C   A 1 8 ? 11.171  7.345   2.276  1.00 11.67 ? 8   C   A C2    1 
ATOM   277 O  O2    . C   A 1 8 ? 11.812  7.862   1.356  1.00 11.81 ? 8   C   A O2    1 
ATOM   278 N  N3    . C   A 1 8 ? 9.960   7.780   2.680  1.00 10.80 ? 8   C   A N3    1 
ATOM   279 C  C4    . C   A 1 8 ? 9.301   7.151   3.647  1.00 10.62 ? 8   C   A C4    1 
ATOM   280 N  N4    . C   A 1 8 ? 8.104   7.598   3.990  1.00 11.80 ? 8   C   A N4    1 
ATOM   281 C  C5    . C   A 1 8 ? 9.886   6.052   4.377  1.00 10.67 ? 8   C   A C5    1 
ATOM   282 C  C6    . C   A 1 8 ? 11.074  5.615   3.975  1.00 10.21 ? 8   C   A C6    1 
HETATM 283 C  "C8'" . GPN B 2 1 ? 7.768   13.992  -1.738 1.00 14.23 ? 101 GPN B "C8'" 1 
HETATM 284 C  "C7'" . GPN B 2 1 ? 7.381   13.074  -2.956 1.00 12.30 ? 101 GPN B "C7'" 1 
HETATM 285 O  "O7'" . GPN B 2 1 ? 6.938   11.988  -2.804 1.00 12.36 ? 101 GPN B "O7'" 1 
HETATM 286 C  "C5'" . GPN B 2 1 ? 6.996   12.809  -5.315 1.00 13.98 ? 101 GPN B "C5'" 1 
HETATM 287 C  C     . GPN B 2 1 ? 8.010   11.854  -5.931 1.00 15.05 ? 101 GPN B C     1 
HETATM 288 O  O     . GPN B 2 1 ? 7.663   11.269  -6.962 1.00 15.39 ? 101 GPN B O     1 
HETATM 289 N  "N4'" . GPN B 2 1 ? 7.540   13.588  -4.223 1.00 13.33 ? 101 GPN B "N4'" 1 
HETATM 290 C  "C3'" . GPN B 2 1 ? 8.196   14.895  -4.512 1.00 15.81 ? 101 GPN B "C3'" 1 
HETATM 291 C  "C2'" . GPN B 2 1 ? 7.146   15.978  -4.682 1.00 17.28 ? 101 GPN B "C2'" 1 
HETATM 292 N  N     . GPN B 2 1 ? 7.802   17.241  -5.060 1.00 16.46 ? 101 GPN B N     1 
HETATM 293 N  N9    . GPN B 2 1 ? 7.369   13.251  -0.519 1.00 13.11 ? 101 GPN B N9    1 
HETATM 294 C  C8    . GPN B 2 1 ? 6.170   13.304  0.095  1.00 15.43 ? 101 GPN B C8    1 
HETATM 295 N  N7    . GPN B 2 1 ? 6.022   12.401  1.060  1.00 13.40 ? 101 GPN B N7    1 
HETATM 296 C  C5    . GPN B 2 1 ? 7.220   11.714  0.956  1.00 12.57 ? 101 GPN B C5    1 
HETATM 297 C  C6    . GPN B 2 1 ? 7.708   10.593  1.698  1.00 12.37 ? 101 GPN B C6    1 
HETATM 298 O  O6    . GPN B 2 1 ? 7.063   9.969   2.620  1.00 14.15 ? 101 GPN B O6    1 
HETATM 299 N  N1    . GPN B 2 1 ? 8.950   10.190  1.322  1.00 10.65 ? 101 GPN B N1    1 
HETATM 300 C  C2    . GPN B 2 1 ? 9.698   10.732  0.369  1.00 10.84 ? 101 GPN B C2    1 
HETATM 301 N  N2    . GPN B 2 1 ? 10.855  10.194  0.085  1.00 12.44 ? 101 GPN B N2    1 
HETATM 302 N  N3    . GPN B 2 1 ? 9.282   11.778  -0.391 1.00 11.56 ? 101 GPN B N3    1 
HETATM 303 C  C4    . GPN B 2 1 ? 8.078   12.172  0.015  1.00 11.95 ? 101 GPN B C4    1 
HETATM 304 C  "C8'" . CPN B 2 2 ? 8.537   9.201   -2.645 1.00 11.62 ? 102 CPN B "C8'" 1 
HETATM 305 C  "C7'" . CPN B 2 2 ? 8.473   8.220   -3.819 1.00 11.36 ? 102 CPN B "C7'" 1 
HETATM 306 O  "O7'" . CPN B 2 2 ? 7.684   7.296   -3.820 1.00 11.45 ? 102 CPN B "O7'" 1 
HETATM 307 C  "C5'" . CPN B 2 2 ? 9.341   7.483   -5.913 1.00 11.12 ? 102 CPN B "C5'" 1 
HETATM 308 C  C     . CPN B 2 2 ? 10.250  6.318   -5.600 1.00 10.10 ? 102 CPN B C     1 
HETATM 309 O  O     . CPN B 2 2 ? 11.024  6.318   -4.589 1.00 12.00 ? 102 CPN B O     1 
HETATM 310 N  "N4'" . CPN B 2 2 ? 9.327   8.449   -4.836 1.00 11.62 ? 102 CPN B "N4'" 1 
HETATM 311 C  "C3'" . CPN B 2 2 ? 10.398  9.506   -4.902 1.00 12.14 ? 102 CPN B "C3'" 1 
HETATM 312 C  "C2'" . CPN B 2 2 ? 10.071  10.623  -5.866 1.00 13.31 ? 102 CPN B "C2'" 1 
HETATM 313 N  N     . CPN B 2 2 ? 9.144   11.543  -5.318 1.00 13.31 ? 102 CPN B N     1 
HETATM 314 N  N1    . CPN B 2 2 ? 7.672   8.718   -1.538 1.00 10.64 ? 102 CPN B N1    1 
HETATM 315 C  C2    . CPN B 2 2 ? 8.129   7.594   -0.736 1.00 9.68  ? 102 CPN B C2    1 
HETATM 316 N  N3    . CPN B 2 2 ? 7.293   7.218   0.254  1.00 10.96 ? 102 CPN B N3    1 
HETATM 317 C  C4    . CPN B 2 2 ? 6.116   7.739   0.489  1.00 12.54 ? 102 CPN B C4    1 
HETATM 318 C  C5    . CPN B 2 2 ? 5.615   8.825   -0.366 1.00 12.50 ? 102 CPN B C5    1 
HETATM 319 C  C6    . CPN B 2 2 ? 6.466   9.276   -1.306 1.00 11.10 ? 102 CPN B C6    1 
HETATM 320 O  O2    . CPN B 2 2 ? 9.229   7.174   -0.983 1.00 11.25 ? 102 CPN B O2    1 
HETATM 321 N  N4    . CPN B 2 2 ? 5.375   7.315   1.457  1.00 13.93 ? 102 CPN B N4    1 
HETATM 322 C  "C8'" A TPN B 2 3 ? 9.096   3.553   -3.153 0.75 8.08  ? 103 TPN B "C8'" 1 
HETATM 323 C  "C8'" B TPN B 2 3 ? 8.437   4.094   -3.118 0.25 8.17  ? 103 TPN B "C8'" 1 
HETATM 324 C  "C7'" A TPN B 2 3 ? 8.686   2.788   -4.455 0.75 8.67  ? 103 TPN B "C7'" 1 
HETATM 325 C  "C7'" B TPN B 2 3 ? 8.217   3.011   -4.259 0.25 7.00  ? 103 TPN B "C7'" 1 
HETATM 326 O  "O7'" A TPN B 2 3 ? 7.568   2.294   -4.510 0.75 9.23  ? 103 TPN B "O7'" 1 
HETATM 327 O  "O7'" B TPN B 2 3 ? 7.080   2.584   -4.348 0.25 7.50  ? 103 TPN B "O7'" 1 
HETATM 328 C  "C5'" A TPN B 2 3 ? 9.073   1.808   -6.539 0.75 9.68  ? 103 TPN B "C5'" 1 
HETATM 329 C  "C5'" B TPN B 2 3 ? 8.910   1.941   -6.251 0.25 10.69 ? 103 TPN B "C5'" 1 
HETATM 330 C  C     A TPN B 2 3 ? 9.078   0.395   -6.174 0.75 11.69 ? 103 TPN B C     1 
HETATM 331 C  C     B TPN B 2 3 ? 8.958   0.445   -6.251 0.25 11.50 ? 103 TPN B C     1 
HETATM 332 O  O     A TPN B 2 3 ? 8.564   -0.488  -6.930 0.75 14.10 ? 103 TPN B O     1 
HETATM 333 O  O     B TPN B 2 3 ? 8.629   -0.100  -7.303 0.25 14.22 ? 103 TPN B O     1 
HETATM 334 N  "N4'" A TPN B 2 3 ? 9.590   2.603   -5.385 0.75 8.22  ? 103 TPN B "N4'" 1 
HETATM 335 N  "N4'" B TPN B 2 3 ? 9.241   2.727   -5.070 0.25 8.72  ? 103 TPN B "N4'" 1 
HETATM 336 C  "C3'" A TPN B 2 3 ? 10.966  3.101   -5.367 0.75 9.29  ? 103 TPN B "C3'" 1 
HETATM 337 C  "C3'" B TPN B 2 3 ? 10.567  3.281   -4.979 0.25 8.64  ? 103 TPN B "C3'" 1 
HETATM 338 C  "C2'" A TPN B 2 3 ? 11.132  4.195   -6.459 0.75 10.57 ? 103 TPN B "C2'" 1 
HETATM 339 C  "C2'" B TPN B 2 3 ? 11.029  4.090   -6.197 0.25 11.19 ? 103 TPN B "C2'" 1 
HETATM 340 N  N     A TPN B 2 3 ? 10.175  5.284   -6.428 0.75 9.73  ? 103 TPN B N     1 
HETATM 341 N  N     B TPN B 2 3 ? 10.190  5.204   -6.317 0.25 8.80  ? 103 TPN B N     1 
HETATM 342 N  N1    A TPN B 2 3 ? 7.975   3.648   -2.239 0.75 9.02  ? 103 TPN B N1    1 
HETATM 343 N  N1    B TPN B 2 3 ? 7.308   4.071   -2.239 0.25 9.98  ? 103 TPN B N1    1 
HETATM 344 C  C6    A TPN B 2 3 ? 7.020   4.629   -2.263 0.75 9.41  ? 103 TPN B C6    1 
HETATM 345 C  C6    B TPN B 2 3 ? 6.335   5.015   -2.336 0.25 10.92 ? 103 TPN B C6    1 
HETATM 346 C  C2    A TPN B 2 3 ? 7.875   2.675   -1.218 0.75 8.17  ? 103 TPN B C2    1 
HETATM 347 C  C2    B TPN B 2 3 ? 7.209   3.062   -1.228 0.25 10.47 ? 103 TPN B C2    1 
HETATM 348 O  O2    A TPN B 2 3 ? 8.694   1.781   -1.204 0.75 8.86  ? 103 TPN B O2    1 
HETATM 349 O  O2    B TPN B 2 3 ? 7.992   2.197   -1.100 0.25 10.32 ? 103 TPN B O2    1 
HETATM 350 N  N3    A TPN B 2 3 ? 6.847   2.809   -0.385 0.75 8.94  ? 103 TPN B N3    1 
HETATM 351 N  N3    B TPN B 2 3 ? 6.071   3.130   -0.457 0.25 8.32  ? 103 TPN B N3    1 
HETATM 352 C  C4    A TPN B 2 3 ? 5.865   3.767   -0.372 0.75 8.71  ? 103 TPN B C4    1 
HETATM 353 C  C4    B TPN B 2 3 ? 5.080   4.078   -0.540 0.25 10.74 ? 103 TPN B C4    1 
HETATM 354 O  O4    A TPN B 2 3 ? 4.996   3.752   0.427  0.75 9.49  ? 103 TPN B O4    1 
HETATM 355 O  O4    B TPN B 2 3 ? 4.061   3.991   0.234  0.25 11.85 ? 103 TPN B O4    1 
HETATM 356 C  C5    A TPN B 2 3 ? 5.951   4.643   -1.491 0.75 9.38  ? 103 TPN B C5    1 
HETATM 357 C  C5    B TPN B 2 3 ? 5.203   5.020   -1.672 0.25 11.02 ? 103 TPN B C5    1 
HETATM 358 C  C5M   A TPN B 2 3 ? 4.920   5.717   -1.573 0.75 9.89  ? 103 TPN B C5M   1 
HETATM 359 C  C5M   B TPN B 2 3 ? 4.134   6.064   -1.823 0.25 12.65 ? 103 TPN B C5M   1 
HETATM 360 C  "C8'" A GPN B 2 4 ? 6.909   -0.219  -2.876 0.75 9.98  ? 104 GPN B "C8'" 1 
HETATM 361 C  "C8'" B GPN B 2 4 ? 6.672   -0.436  -2.919 0.25 7.87  ? 104 GPN B "C8'" 1 
HETATM 362 C  "C7'" A GPN B 2 4 ? 6.587   -1.415  -3.716 0.75 9.60  ? 104 GPN B "C7'" 1 
HETATM 363 C  "C7'" B GPN B 2 4 ? 6.269   -1.468  -3.988 0.25 10.72 ? 104 GPN B "C7'" 1 
HETATM 364 O  "O7'" A GPN B 2 4 ? 5.377   -1.637  -4.025 0.75 10.12 ? 104 GPN B "O7'" 1 
HETATM 365 O  "O7'" B GPN B 2 4 ? 5.060   -1.542  -4.344 0.25 12.60 ? 104 GPN B "O7'" 1 
HETATM 366 C  "C5'" A GPN B 2 4 ? 7.174   -3.335  -5.039 0.75 11.20 ? 104 GPN B "C5'" 1 
HETATM 367 C  "C5'" B GPN B 2 4 ? 6.598   -3.054  -5.689 0.25 13.02 ? 104 GPN B "C5'" 1 
HETATM 368 C  C     A GPN B 2 4 ? 6.692   -4.524  -4.245 0.75 9.21  ? 104 GPN B C     1 
HETATM 369 C  C     B GPN B 2 4 ? 5.946   -4.374  -5.300 0.25 14.82 ? 104 GPN B C     1 
HETATM 370 O  O     A GPN B 2 4 ? 6.914   -4.634  -3.062 0.75 9.97  ? 104 GPN B O     1 
HETATM 371 O  O     B GPN B 2 4 ? 5.483   -5.134  -6.129 0.25 21.36 ? 104 GPN B O     1 
HETATM 372 N  "N4'" A GPN B 2 4 ? 7.549   -2.222  -4.145 0.75 10.81 ? 104 GPN B "N4'" 1 
HETATM 373 N  "N4'" B GPN B 2 4 ? 7.189   -2.216  -4.595 0.25 11.04 ? 104 GPN B "N4'" 1 
HETATM 374 C  "C3'" A GPN B 2 4 ? 8.952   -2.085  -3.720 0.75 10.66 ? 104 GPN B "C3'" 1 
HETATM 375 C  "C3'" B GPN B 2 4 ? 8.581   -2.360  -4.222 0.25 11.13 ? 104 GPN B "C3'" 1 
HETATM 376 C  "C2'" A GPN B 2 4 ? 9.822   -1.424  -4.723 0.75 11.63 ? 104 GPN B "C2'" 1 
HETATM 377 C  "C2'" B GPN B 2 4 ? 9.428   -1.837  -5.364 0.25 13.49 ? 104 GPN B "C2'" 1 
HETATM 378 N  N     A GPN B 2 4 ? 9.595   0.033   -4.987 0.75 10.79 ? 104 GPN B N     1 
HETATM 379 N  N     B GPN B 2 4 ? 9.412   -0.337  -5.277 0.25 10.30 ? 104 GPN B N     1 
HETATM 380 N  N9    A GPN B 2 4 ? 5.773   0.439   -2.316 0.75 8.58  ? 104 GPN B N9    1 
HETATM 381 N  N9    B GPN B 2 4 ? 5.498   0.051   -2.296 0.25 7.20  ? 104 GPN B N9    1 
HETATM 382 C  C8    A GPN B 2 4 ? 5.130   1.619   -2.729 0.75 7.64  ? 104 GPN B C8    1 
HETATM 383 C  C8    B GPN B 2 4 ? 4.770   1.148   -2.735 0.25 6.36  ? 104 GPN B C8    1 
HETATM 384 N  N7    A GPN B 2 4 ? 4.054   1.862   -2.008 0.75 6.78  ? 104 GPN B N7    1 
HETATM 385 N  N7    B GPN B 2 4 ? 3.667   1.353   -2.052 0.25 7.86  ? 104 GPN B N7    1 
HETATM 386 C  C5    A GPN B 2 4 ? 3.975   0.820   -1.090 0.75 6.35  ? 104 GPN B C5    1 
HETATM 387 C  C5    B GPN B 2 4 ? 3.658   0.272   -1.058 0.25 7.11  ? 104 GPN B C5    1 
HETATM 388 C  C6    A GPN B 2 4 ? 2.994   0.540   -0.117 0.75 6.50  ? 104 GPN B C6    1 
HETATM 389 C  C6    B GPN B 2 4 ? 2.647   -0.010  -0.109 0.25 7.81  ? 104 GPN B C6    1 
HETATM 390 O  O6    A GPN B 2 4 ? 2.006   1.170   0.199  0.75 7.27  ? 104 GPN B O6    1 
HETATM 391 O  O6    B GPN B 2 4 ? 1.623   0.579   0.222  0.25 9.35  ? 104 GPN B O6    1 
HETATM 392 N  N1    A GPN B 2 4 ? 3.259   -0.682  0.559  0.75 7.30  ? 104 GPN B N1    1 
HETATM 393 N  N1    B GPN B 2 4 ? 2.944   -1.183  0.602  0.25 7.14  ? 104 GPN B N1    1 
HETATM 394 C  C2    A GPN B 2 4 ? 4.272   -1.499  0.238  0.75 7.62  ? 104 GPN B C2    1 
HETATM 395 C  C2    B GPN B 2 4 ? 4.031   -1.936  0.321  0.25 8.02  ? 104 GPN B C2    1 
HETATM 396 N  N2    A GPN B 2 4 ? 4.397   -2.652  0.990  0.75 8.75  ? 104 GPN B N2    1 
HETATM 397 N  N2    B GPN B 2 4 ? 4.226   -3.061  1.036  0.25 9.00  ? 104 GPN B N2    1 
HETATM 398 N  N3    A GPN B 2 4 ? 5.211   -1.265  -0.648 0.75 7.52  ? 104 GPN B N3    1 
HETATM 399 N  N3    B GPN B 2 4 ? 4.977   -1.681  -0.587 0.25 8.00  ? 104 GPN B N3    1 
HETATM 400 C  C4    A GPN B 2 4 ? 4.976   -0.083  -1.308 0.75 7.26  ? 104 GPN B C4    1 
HETATM 401 C  C4    B GPN B 2 4 ? 4.717   -0.529  -1.259 0.25 7.73  ? 104 GPN B C4    1 
HETATM 402 C  "C8'" A CPN B 2 5 ? 3.316   -4.047  -2.613 0.75 10.28 ? 105 CPN B "C8'" 1 
HETATM 403 C  "C8'" B CPN B 2 5 ? 3.013   -3.611  -2.388 0.25 8.69  ? 105 CPN B "C8'" 1 
HETATM 404 C  "C7'" A CPN B 2 5 ? 2.645   -5.070  -3.570 0.75 10.91 ? 105 CPN B "C7'" 1 
HETATM 405 C  "C7'" B CPN B 2 5 ? 2.468   -4.712  -3.293 0.25 12.42 ? 105 CPN B "C7'" 1 
HETATM 406 O  "O7'" A CPN B 2 5 ? 1.509   -4.837  -4.056 0.75 13.04 ? 105 CPN B "O7'" 1 
HETATM 407 O  "O7'" B CPN B 2 5 ? 1.388   -4.522  -3.860 0.25 11.63 ? 105 CPN B "O7'" 1 
HETATM 408 C  "C5'" A CPN B 2 5 ? 2.570   -7.022  -4.878 0.75 13.13 ? 105 CPN B "C5'" 1 
HETATM 409 C  "C5'" B CPN B 2 5 ? 2.745   -6.894  -4.317 0.25 15.74 ? 105 CPN B "C5'" 1 
HETATM 410 C  C     A CPN B 2 5 ? 1.476   -7.921  -4.384 0.75 13.87 ? 105 CPN B C     1 
HETATM 411 C  C     B CPN B 2 5 ? 1.682   -7.812  -3.675 0.25 15.16 ? 105 CPN B C     1 
HETATM 412 O  O     A CPN B 2 5 ? 0.900   -8.619  -5.162 0.75 15.98 ? 105 CPN B O     1 
HETATM 413 O  O     B CPN B 2 5 ? 1.095   -8.698  -4.295 0.25 18.19 ? 105 CPN B O     1 
HETATM 414 N  "N4'" A CPN B 2 5 ? 3.262   -6.172  -3.902 0.75 11.40 ? 105 CPN B "N4'" 1 
HETATM 415 N  "N4'" B CPN B 2 5 ? 3.201   -5.852  -3.434 0.25 14.67 ? 105 CPN B "N4'" 1 
HETATM 416 C  "C3'" A CPN B 2 5 ? 4.540   -6.672  -3.389 0.75 10.46 ? 105 CPN B "C3'" 1 
HETATM 417 C  "C3'" B CPN B 2 5 ? 4.489   -6.118  -2.691 0.25 12.98 ? 105 CPN B "C3'" 1 
HETATM 418 C  "C2'" A CPN B 2 5 ? 5.693   -6.738  -4.393 0.75 10.91 ? 105 CPN B "C2'" 1 
HETATM 419 C  "C2'" B CPN B 2 5 ? 5.637   -6.158  -3.708 0.25 13.60 ? 105 CPN B "C2'" 1 
HETATM 420 N  N     A CPN B 2 5 ? 5.946   -5.393  -4.909 0.75 11.53 ? 105 CPN B N     1 
HETATM 421 N  N     B CPN B 2 5 ? 6.132   -4.781  -4.050 0.25 11.82 ? 105 CPN B N     1 
HETATM 422 N  N1    A CPN B 2 5 ? 2.290   -3.015  -2.330 0.75 10.32 ? 105 CPN B N1    1 
HETATM 423 N  N1    B CPN B 2 5 ? 2.047   -2.568  -2.114 0.25 9.55  ? 105 CPN B N1    1 
HETATM 424 C  C2    A CPN B 2 5 ? 1.325   -3.179  -1.373 0.75 9.53  ? 105 CPN B C2    1 
HETATM 425 C  C2    B CPN B 2 5 ? 1.060   -2.788  -1.153 0.25 9.66  ? 105 CPN B C2    1 
HETATM 426 N  N3    A CPN B 2 5 ? 0.400   -2.233  -1.169 0.75 10.27 ? 105 CPN B N3    1 
HETATM 427 N  N3    B CPN B 2 5 ? 0.155   -1.824  -0.904 0.25 9.09  ? 105 CPN B N3    1 
HETATM 428 C  C4    A CPN B 2 5 ? 0.335   -1.110  -1.986 0.75 8.92  ? 105 CPN B C4    1 
HETATM 429 C  C4    B CPN B 2 5 ? 0.117   -0.640  -1.693 0.25 9.44  ? 105 CPN B C4    1 
HETATM 430 C  C5    A CPN B 2 5 ? 1.264   -0.976  -3.006 0.75 10.31 ? 105 CPN B C5    1 
HETATM 431 C  C5    B CPN B 2 5 ? 1.120   -0.367  -2.674 0.25 10.25 ? 105 CPN B C5    1 
HETATM 432 C  C6    A CPN B 2 5 ? 2.262   -1.906  -3.175 0.75 9.42  ? 105 CPN B C6    1 
HETATM 433 C  C6    B CPN B 2 5 ? 1.981   -1.363  -2.903 0.25 9.89  ? 105 CPN B C6    1 
HETATM 434 O  O2    A CPN B 2 5 ? 1.363   -4.222  -0.707 0.75 10.30 ? 105 CPN B O2    1 
HETATM 435 O  O2    B CPN B 2 5 ? 1.061   -3.881  -0.505 0.25 12.27 ? 105 CPN B O2    1 
HETATM 436 N  N4    A CPN B 2 5 ? -0.645  -0.258  -1.787 0.75 9.73  ? 105 CPN B N4    1 
HETATM 437 N  N4    B CPN B 2 5 ? -0.783  0.258   -1.375 0.25 9.65  ? 105 CPN B N4    1 
HETATM 438 C  "C8'" A TPN B 2 6 ? -1.485  -5.644  -2.088 0.75 12.82 ? 106 TPN B "C8'" 1 
HETATM 439 C  "C8'" B TPN B 2 6 ? -1.168  -5.750  -2.094 0.25 12.40 ? 106 TPN B "C8'" 1 
HETATM 440 C  "C7'" A TPN B 2 6 ? -2.071  -6.669  -3.081 0.75 12.28 ? 106 TPN B "C7'" 1 
HETATM 441 C  "C7'" B TPN B 2 6 ? -1.990  -6.904  -2.724 0.25 13.34 ? 106 TPN B "C7'" 1 
HETATM 442 O  "O7'" A TPN B 2 6 ? -2.877  -6.316  -3.888 0.75 11.55 ? 106 TPN B "O7'" 1 
HETATM 443 O  "O7'" B TPN B 2 6 ? -2.952  -6.771  -3.506 0.25 13.76 ? 106 TPN B "O7'" 1 
HETATM 444 C  "C5'" A TPN B 2 6 ? -2.336  -8.889  -3.901 0.75 13.80 ? 106 TPN B "C5'" 1 
HETATM 445 C  "C5'" B TPN B 2 6 ? -2.350  -9.220  -2.894 0.25 14.74 ? 106 TPN B "C5'" 1 
HETATM 446 C  C     A TPN B 2 6 ? -3.765  -9.372  -3.536 0.75 12.50 ? 106 TPN B C     1 
HETATM 447 C  C     B TPN B 2 6 ? -3.661  -9.349  -2.176 0.25 15.07 ? 106 TPN B C     1 
HETATM 448 O  O     A TPN B 2 6 ? -4.336  -10.085 -4.269 0.75 15.94 ? 106 TPN B O     1 
HETATM 449 O  O     B TPN B 2 6 ? -3.867  -9.051  -0.986 0.25 16.63 ? 106 TPN B O     1 
HETATM 450 N  "N4'" A TPN B 2 6 ? -1.713  -7.962  -2.982 0.75 12.22 ? 106 TPN B "N4'" 1 
HETATM 451 N  "N4'" B TPN B 2 6 ? -1.636  -8.132  -2.324 0.25 15.30 ? 106 TPN B "N4'" 1 
HETATM 452 C  "C3'" A TPN B 2 6 ? -0.828  -8.554  -2.002 0.75 14.90 ? 106 TPN B "C3'" 1 
HETATM 453 C  "C3'" B TPN B 2 6 ? -0.705  -8.412  -1.320 0.25 15.12 ? 106 TPN B "C3'" 1 
HETATM 454 C  "C2'" A TPN B 2 6 ? 0.471   -9.086  -2.511 0.75 16.52 ? 106 TPN B "C2'" 1 
HETATM 455 C  "C2'" B TPN B 2 6 ? 0.614   -8.927  -1.846 0.25 13.92 ? 106 TPN B "C2'" 1 
HETATM 456 N  N     A TPN B 2 6 ? 1.348   -8.045  -3.067 0.75 13.63 ? 106 TPN B N     1 
HETATM 457 N  N     B TPN B 2 6 ? 1.519   -7.839  -2.357 0.25 14.93 ? 106 TPN B N     1 
HETATM 458 N  N1    A TPN B 2 6 ? -2.078  -4.355  -2.334 0.75 12.53 ? 106 TPN B N1    1 
HETATM 459 N  N1    B TPN B 2 6 ? -1.861  -4.478  -2.283 0.25 10.27 ? 106 TPN B N1    1 
HETATM 460 C  C6    A TPN B 2 6 ? -1.570  -3.468  -3.318 0.75 12.04 ? 106 TPN B C6    1 
HETATM 461 C  C6    B TPN B 2 6 ? -1.523  -3.703  -3.392 0.25 12.39 ? 106 TPN B C6    1 
HETATM 462 C  C2    A TPN B 2 6 ? -3.150  -4.018  -1.602 0.75 11.01 ? 106 TPN B C2    1 
HETATM 463 C  C2    B TPN B 2 6 ? -2.919  -4.113  -1.515 0.25 11.10 ? 106 TPN B C2    1 
HETATM 464 O  O2    A TPN B 2 6 ? -3.635  -4.817  -0.820 0.75 10.43 ? 106 TPN B O2    1 
HETATM 465 O  O2    B TPN B 2 6 ? -3.390  -4.774  -0.649 0.25 11.95 ? 106 TPN B O2    1 
HETATM 466 N  N3    A TPN B 2 6 ? -3.671  -2.727  -1.848 0.75 12.20 ? 106 TPN B N3    1 
HETATM 467 N  N3    B TPN B 2 6 ? -3.519  -2.890  -1.750 0.25 9.96  ? 106 TPN B N3    1 
HETATM 468 C  C4    A TPN B 2 6 ? -3.160  -1.826  -2.792 0.75 12.76 ? 106 TPN B C4    1 
HETATM 469 C  C4    B TPN B 2 6 ? -3.196  -2.021  -2.767 0.25 10.53 ? 106 TPN B C4    1 
HETATM 470 O  O4    A TPN B 2 6 ? -3.669  -0.749  -2.932 0.75 13.28 ? 106 TPN B O4    1 
HETATM 471 O  O4    B TPN B 2 6 ? -3.828  -0.967  -2.850 0.25 10.78 ? 106 TPN B O4    1 
HETATM 472 C  C5    A TPN B 2 6 ? -2.067  -2.290  -3.636 0.75 13.20 ? 106 TPN B C5    1 
HETATM 473 C  C5    B TPN B 2 6 ? -2.080  -2.489  -3.642 0.25 11.58 ? 106 TPN B C5    1 
HETATM 474 C  C5M   A TPN B 2 6 ? -1.525  -1.382  -4.728 0.75 15.04 ? 106 TPN B C5M   1 
HETATM 475 C  C5M   B TPN B 2 6 ? -1.690  -1.652  -4.845 0.25 13.48 ? 106 TPN B C5M   1 
HETATM 476 C  "C8'" A GPN B 2 7 ? -5.995  -6.002  -2.671 0.75 9.24  ? 107 GPN B "C8'" 1 
HETATM 477 C  "C8'" B GPN B 2 7 ? -5.964  -6.437  -2.894 0.25 10.07 ? 107 GPN B "C8'" 1 
HETATM 478 C  "C7'" A GPN B 2 7 ? -6.774  -6.980  -3.527 0.75 10.06 ? 107 GPN B "C7'" 1 
HETATM 479 C  "C7'" B GPN B 2 7 ? -7.037  -7.243  -3.609 0.25 11.06 ? 107 GPN B "C7'" 1 
HETATM 480 O  "O7'" A GPN B 2 7 ? -7.166  -6.619  -4.679 0.75 10.08 ? 107 GPN B "O7'" 1 
HETATM 481 O  "O7'" B GPN B 2 7 ? -7.593  -6.718  -4.599 0.25 11.99 ? 107 GPN B "O7'" 1 
HETATM 482 C  "C5'" A GPN B 2 7 ? -7.725  -9.087  -4.002 0.75 13.81 ? 107 GPN B "C5'" 1 
HETATM 483 C  "C5'" B GPN B 2 7 ? -8.272  -9.206  -4.043 0.25 12.61 ? 107 GPN B "C5'" 1 
HETATM 484 C  C     A GPN B 2 7 ? -9.198  -9.064  -4.028 0.75 11.33 ? 107 GPN B C     1 
HETATM 485 C  C     B GPN B 2 7 ? -9.706  -8.847  -3.817 0.25 11.31 ? 107 GPN B C     1 
HETATM 486 O  O     A GPN B 2 7 ? -9.860  -9.738  -4.904 0.75 11.43 ? 107 GPN B O     1 
HETATM 487 O  O     B GPN B 2 7 ? -10.565 -9.329  -4.647 0.25 13.75 ? 107 GPN B O     1 
HETATM 488 N  "N4'" A GPN B 2 7 ? -7.058  -8.179  -3.081 0.75 10.71 ? 107 GPN B "N4'" 1 
HETATM 489 N  "N4'" B GPN B 2 7 ? -7.364  -8.452  -3.207 0.25 11.78 ? 107 GPN B "N4'" 1 
HETATM 490 C  "C3'" A GPN B 2 7 ? -6.648  -8.650  -1.745 0.75 10.61 ? 107 GPN B "C3'" 1 
HETATM 491 C  "C3'" B GPN B 2 7 ? -6.756  -9.124  -2.064 0.25 14.58 ? 107 GPN B "C3'" 1 
HETATM 492 C  "C2'" A GPN B 2 7 ? -5.511  -9.653  -1.812 0.75 12.58 ? 107 GPN B "C2'" 1 
HETATM 493 C  "C2'" B GPN B 2 7 ? -5.910  -10.365 -2.287 0.25 16.47 ? 107 GPN B "C2'" 1 
HETATM 494 N  N     A GPN B 2 7 ? -4.305  -9.090  -2.347 0.75 11.37 ? 107 GPN B N     1 
HETATM 495 N  N     B GPN B 2 7 ? -4.638  -9.923  -2.871 0.25 16.23 ? 107 GPN B N     1 
HETATM 496 N  N9    A GPN B 2 7 ? -6.072  -4.636  -3.241 0.75 9.40  ? 107 GPN B N9    1 
HETATM 497 N  N9    B GPN B 2 7 ? -5.918  -5.068  -3.478 0.25 8.50  ? 107 GPN B N9    1 
HETATM 498 C  C8    A GPN B 2 7 ? -5.256  -4.113  -4.235 0.75 10.01 ? 107 GPN B C8    1 
HETATM 499 C  C8    B GPN B 2 7 ? -5.057  -4.588  -4.419 0.25 8.26  ? 107 GPN B C8    1 
HETATM 500 N  N7    A GPN B 2 7 ? -5.577  -2.851  -4.472 0.75 8.64  ? 107 GPN B N7    1 
HETATM 501 N  N7    B GPN B 2 7 ? -5.292  -3.341  -4.721 0.25 8.48  ? 107 GPN B N7    1 
HETATM 502 C  C5    A GPN B 2 7 ? -6.670  -2.586  -3.673 0.75 8.82  ? 107 GPN B C5    1 
HETATM 503 C  C5    B GPN B 2 7 ? -6.369  -2.966  -3.900 0.25 7.78  ? 107 GPN B C5    1 
HETATM 504 C  C6    A GPN B 2 7 ? -7.412  -1.430  -3.489 0.75 8.33  ? 107 GPN B C6    1 
HETATM 505 C  C6    B GPN B 2 7 ? -7.028  -1.756  -3.725 0.25 8.75  ? 107 GPN B C6    1 
HETATM 506 O  O6    A GPN B 2 7 ? -7.284  -0.350  -4.096 0.75 9.79  ? 107 GPN B O6    1 
HETATM 507 O  O6    B GPN B 2 7 ? -6.869  -0.636  -4.321 0.25 10.24 ? 107 GPN B O6    1 
HETATM 508 N  N1    A GPN B 2 7 ? -8.437  -1.577  -2.583 0.75 7.91  ? 107 GPN B N1    1 
HETATM 509 N  N1    B GPN B 2 7 ? -8.069  -1.812  -2.807 0.25 9.37  ? 107 GPN B N1    1 
HETATM 510 C  C2    A GPN B 2 7 ? -8.706  -2.729  -1.838 0.75 8.70  ? 107 GPN B C2    1 
HETATM 511 C  C2    B GPN B 2 7 ? -8.402  -2.959  -2.098 0.25 8.75  ? 107 GPN B C2    1 
HETATM 512 N  N2    A GPN B 2 7 ? -9.731  -2.710  -1.006 0.75 10.31 ? 107 GPN B N2    1 
HETATM 513 N  N2    B GPN B 2 7 ? -9.413  -2.899  -1.280 0.25 9.48  ? 107 GPN B N2    1 
HETATM 514 N  N3    A GPN B 2 7 ? -7.979  -3.810  -1.994 0.75 8.53  ? 107 GPN B N3    1 
HETATM 515 N  N3    B GPN B 2 7 ? -7.752  -4.106  -2.232 0.25 7.89  ? 107 GPN B N3    1 
HETATM 516 C  C4    A GPN B 2 7 ? -6.974  -3.700  -2.878 0.75 8.94  ? 107 GPN B C4    1 
HETATM 517 C  C4    B GPN B 2 7 ? -6.759  -4.033  -3.113 0.25 7.81  ? 107 GPN B C4    1 
HETATM 518 C  "C8'" A CPN B 2 8 ? -10.061 -5.088  -4.588 0.75 8.90  ? 108 CPN B "C8'" 1 
HETATM 519 C  "C8'" B CPN B 2 8 ? -10.248 -4.689  -4.292 0.25 7.18  ? 108 CPN B "C8'" 1 
HETATM 520 C  "C7'" A CPN B 2 8 ? -11.235 -5.761  -5.279 0.75 7.82  ? 108 CPN B "C7'" 1 
HETATM 521 C  "C7'" B CPN B 2 8 ? -11.399 -5.381  -4.970 0.25 7.33  ? 108 CPN B "C7'" 1 
HETATM 522 O  "O7'" A CPN B 2 8 ? -11.473 -5.436  -6.457 0.75 7.99  ? 108 CPN B "O7'" 1 
HETATM 523 O  "O7'" B CPN B 2 8 ? -11.681 -5.068  -6.170 0.25 7.78  ? 108 CPN B "O7'" 1 
HETATM 524 C  "C5'" A CPN B 2 8 ? -12.947 -7.374  -5.419 0.75 10.72 ? 108 CPN B "C5'" 1 
HETATM 525 C  "C5'" B CPN B 2 8 ? -13.211 -6.941  -5.056 0.25 10.23 ? 108 CPN B "C5'" 1 
HETATM 526 C  C     A CPN B 2 8 ? -14.205 -6.564  -5.561 0.75 11.47 ? 108 CPN B C     1 
HETATM 527 C  C     B CPN B 2 8 ? -14.435 -6.074  -5.249 0.25 11.96 ? 108 CPN B C     1 
HETATM 528 O  O     A CPN B 2 8 ? -14.449 -5.560  -4.839 0.75 13.41 ? 108 CPN B O     1 
HETATM 529 O  O     B CPN B 2 8 ? -14.493 -4.989  -4.681 0.25 11.09 ? 108 CPN B O     1 
HETATM 530 O  OXT   A CPN B 2 8 ? -14.974 -6.965  -6.467 0.75 17.97 ? 108 CPN B OXT   1 
HETATM 531 O  OXT   B CPN B 2 8 ? -15.377 -6.396  -6.066 0.25 20.47 ? 108 CPN B OXT   1 
HETATM 532 N  "N4'" A CPN B 2 8 ? -11.935 -6.668  -4.661 0.75 7.84  ? 108 CPN B "N4'" 1 
HETATM 533 N  "N4'" B CPN B 2 8 ? -12.137 -6.229  -4.329 0.25 8.68  ? 108 CPN B "N4'" 1 
HETATM 534 C  "C3'" A CPN B 2 8 ? -11.862 -7.040  -3.245 0.75 9.33  ? 108 CPN B "C3'" 1 
HETATM 535 C  "C3'" B CPN B 2 8 ? -11.961 -6.478  -2.892 0.25 10.41 ? 108 CPN B "C3'" 1 
HETATM 536 C  "C2'" A CPN B 2 8 ? -11.245 -8.398  -2.935 0.75 10.65 ? 108 CPN B "C2'" 1 
HETATM 537 C  "C2'" B CPN B 2 8 ? -11.471 -7.889  -2.623 0.25 10.70 ? 108 CPN B "C2'" 1 
HETATM 538 N  N     A CPN B 2 8 ? -9.814  -8.331  -3.108 0.75 10.37 ? 108 CPN B N     1 
HETATM 539 N  N     B CPN B 2 8 ? -10.011 -7.981  -2.838 0.25 12.99 ? 108 CPN B N     1 
HETATM 540 N  N1    A CPN B 2 8 ? -9.514  -4.007  -5.409 0.75 7.88  ? 108 CPN B N1    1 
HETATM 541 N  N1    B CPN B 2 8 ? -9.754  -3.593  -5.110 0.25 8.41  ? 108 CPN B N1    1 
HETATM 542 C  C2    A CPN B 2 8 ? -10.132 -2.747  -5.235 0.75 9.68  ? 108 CPN B C2    1 
HETATM 543 C  C2    B CPN B 2 8 ? -10.364 -2.323  -4.941 0.25 7.81  ? 108 CPN B C2    1 
HETATM 544 N  N3    A CPN B 2 8 ? -9.671  -1.721  -6.022 0.75 9.77  ? 108 CPN B N3    1 
HETATM 545 N  N3    B CPN B 2 8 ? -9.939  -1.319  -5.717 0.25 8.65  ? 108 CPN B N3    1 
HETATM 546 C  C4    A CPN B 2 8 ? -8.654  -1.932  -6.862 0.75 8.45  ? 108 CPN B C4    1 
HETATM 547 C  C4    B CPN B 2 8 ? -8.957  -1.536  -6.572 0.25 8.59  ? 108 CPN B C4    1 
HETATM 548 C  C5    A CPN B 2 8 ? -8.124  -3.227  -7.076 0.75 9.41  ? 108 CPN B C5    1 
HETATM 549 C  C5    B CPN B 2 8 ? -8.375  -2.805  -6.808 0.25 8.59  ? 108 CPN B C5    1 
HETATM 550 C  C6    A CPN B 2 8 ? -8.562  -4.259  -6.313 0.75 9.29  ? 108 CPN B C6    1 
HETATM 551 C  C6    B CPN B 2 8 ? -8.764  -3.861  -6.019 0.25 8.40  ? 108 CPN B C6    1 
HETATM 552 O  O2    A CPN B 2 8 ? -11.094 -2.583  -4.514 0.75 9.12  ? 108 CPN B O2    1 
HETATM 553 O  O2    B CPN B 2 8 ? -11.292 -2.164  -4.172 0.25 10.41 ? 108 CPN B O2    1 
HETATM 554 N  N4    A CPN B 2 8 ? -8.166  -0.836  -7.521 0.75 10.35 ? 108 CPN B N4    1 
HETATM 555 N  N4    B CPN B 2 8 ? -8.520  -0.446  -7.250 0.25 10.72 ? 108 CPN B N4    1 
HETATM 556 CL CL    . CL  C 3 . ? -0.271  -7.636  2.402  1.00 46.29 ? 101 CL  A CL    1 
HETATM 557 CL CL    . CL  D 3 . ? 2.350   8.714   1.860  1.00 47.56 ? 201 CL  B CL    1 
HETATM 558 O  O     A HOH E 4 . ? 10.842  -4.241  9.077  0.75 19.84 ? 201 HOH A O     1 
HETATM 559 O  O     B HOH E 4 . ? 11.687  -4.015  8.233  0.25 16.17 ? 201 HOH A O     1 
HETATM 560 O  O     . HOH E 4 . ? 4.102   5.058   4.225  1.00 39.08 ? 202 HOH A O     1 
HETATM 561 O  O     . HOH E 4 . ? 13.243  1.891   1.034  0.51 28.14 ? 203 HOH A O     1 
HETATM 562 O  O     . HOH E 4 . ? 7.850   2.348   8.477  0.50 29.25 ? 204 HOH A O     1 
HETATM 563 O  O     . HOH E 4 . ? -16.429 7.319   -1.632 1.00 35.36 ? 205 HOH A O     1 
HETATM 564 O  O     . HOH E 4 . ? 2.296   2.538   4.203  1.00 29.03 ? 206 HOH A O     1 
HETATM 565 O  O     . HOH E 4 . ? 5.113   2.482   6.137  1.00 30.99 ? 207 HOH A O     1 
HETATM 566 O  O     . HOH E 4 . ? 11.109  -0.344  11.256 1.00 23.34 ? 208 HOH A O     1 
HETATM 567 O  O     . HOH E 4 . ? 11.181  2.268   10.061 1.00 30.69 ? 209 HOH A O     1 
HETATM 568 O  O     . HOH E 4 . ? 9.608   3.780   6.765  1.00 22.78 ? 210 HOH A O     1 
HETATM 569 O  O     . HOH E 4 . ? -0.680  -4.762  11.801 1.00 24.86 ? 211 HOH A O     1 
HETATM 570 O  O     . HOH E 4 . ? -6.665  3.192   -6.024 0.80 31.36 ? 212 HOH A O     1 
HETATM 571 O  O     A HOH E 4 . ? 4.836   -6.605  4.275  0.75 27.54 ? 213 HOH A O     1 
HETATM 572 O  O     B HOH E 4 . ? 3.826   -5.824  3.244  0.25 17.67 ? 213 HOH A O     1 
HETATM 573 O  O     . HOH E 4 . ? -10.785 3.279   8.127  0.50 30.32 ? 214 HOH A O     1 
HETATM 574 O  O     A HOH E 4 . ? 11.468  -4.151  6.478  0.75 17.14 ? 215 HOH A O     1 
HETATM 575 O  O     B HOH E 4 . ? 10.302  -5.243  6.673  0.25 14.24 ? 215 HOH A O     1 
HETATM 576 O  O     A HOH E 4 . ? 17.195  8.483   2.534  0.75 29.65 ? 216 HOH A O     1 
HETATM 577 O  O     B HOH E 4 . ? 16.521  9.321   1.799  0.25 26.06 ? 216 HOH A O     1 
HETATM 578 O  O     . HOH E 4 . ? -2.712  -0.012  6.342  1.00 24.95 ? 217 HOH A O     1 
HETATM 579 O  O     B HOH E 4 . ? -12.873 -2.219  1.810  0.60 23.36 ? 218 HOH A O     1 
HETATM 580 O  O     . HOH E 4 . ? -4.692  1.668   6.082  1.00 27.86 ? 219 HOH A O     1 
HETATM 581 O  O     . HOH E 4 . ? -6.145  1.006   10.422 0.64 19.44 ? 220 HOH A O     1 
HETATM 582 O  O     . HOH E 4 . ? -2.377  -1.663  12.352 0.60 26.30 ? 221 HOH A O     1 
HETATM 583 O  O     . HOH E 4 . ? -4.772  1.731   2.970  1.00 27.58 ? 222 HOH A O     1 
HETATM 584 O  O     . HOH E 4 . ? -3.693  0.341   10.250 0.80 29.23 ? 223 HOH A O     1 
HETATM 585 O  O     . HOH E 4 . ? -3.251  2.142   0.200  1.00 24.66 ? 224 HOH A O     1 
HETATM 586 O  O     A HOH E 4 . ? 13.544  -1.845  3.647  0.46 14.82 ? 225 HOH A O     1 
HETATM 587 O  O     . HOH E 4 . ? 17.155  3.631   7.352  1.00 19.68 ? 226 HOH A O     1 
HETATM 588 O  O     A HOH E 4 . ? 5.363   0.140   7.739  0.55 27.09 ? 227 HOH A O     1 
HETATM 589 O  O     . HOH E 4 . ? -7.164  4.629   -3.595 0.60 24.95 ? 228 HOH A O     1 
HETATM 590 O  O     . HOH E 4 . ? -7.258  2.451   4.322  1.00 34.31 ? 229 HOH A O     1 
HETATM 591 O  O     . HOH E 4 . ? 6.541   6.550   6.055  1.00 31.19 ? 230 HOH A O     1 
HETATM 592 O  O     . HOH E 4 . ? -9.094  5.168   1.350  0.55 26.55 ? 231 HOH A O     1 
HETATM 593 O  O     . HOH E 4 . ? 1.898   -3.549  11.989 0.40 21.74 ? 232 HOH A O     1 
HETATM 594 O  O     . HOH E 4 . ? 6.193   -2.590  11.479 0.50 29.06 ? 233 HOH A O     1 
HETATM 595 O  O     A HOH E 4 . ? 2.146   -0.612  5.850  0.25 13.56 ? 234 HOH A O     1 
HETATM 596 O  O     B HOH E 4 . ? 2.157   0.672   5.898  0.75 30.20 ? 234 HOH A O     1 
HETATM 597 O  O     . HOH E 4 . ? -7.831  3.460   7.459  1.00 43.46 ? 235 HOH A O     1 
HETATM 598 O  O     . HOH E 4 . ? -6.930  3.178   0.478  1.00 32.75 ? 236 HOH A O     1 
HETATM 599 O  O     A HOH E 4 . ? 3.200   -7.342  8.318  0.75 26.02 ? 237 HOH A O     1 
HETATM 600 O  O     B HOH E 4 . ? 2.735   -7.981  7.352  0.25 25.61 ? 237 HOH A O     1 
HETATM 601 O  O     A HOH E 4 . ? -2.177  -6.670  4.040  0.75 20.54 ? 238 HOH A O     1 
HETATM 602 O  O     B HOH E 4 . ? -2.095  -7.419  5.182  0.25 16.55 ? 238 HOH A O     1 
HETATM 603 O  O     . HOH E 4 . ? -1.749  2.343   3.431  1.00 25.41 ? 239 HOH A O     1 
HETATM 604 O  O     . HOH E 4 . ? -9.662  -2.358  9.741  0.82 23.24 ? 240 HOH A O     1 
HETATM 605 O  O     . HOH E 4 . ? -10.199 1.121   9.376  0.50 19.28 ? 241 HOH A O     1 
HETATM 606 O  O     A HOH E 4 . ? -8.309  -5.988  5.248  0.50 12.89 ? 242 HOH A O     1 
HETATM 607 O  O     B HOH E 4 . ? -8.763  -5.434  4.046  0.50 13.38 ? 242 HOH A O     1 
HETATM 608 O  O     A HOH E 4 . ? -8.481  -5.157  2.921  0.50 20.22 ? 243 HOH A O     1 
HETATM 609 O  O     B HOH E 4 . ? -7.947  -5.445  1.609  0.50 16.27 ? 243 HOH A O     1 
HETATM 610 O  O     . HOH E 4 . ? -8.607  5.689   -8.096 1.00 33.28 ? 244 HOH A O     1 
HETATM 611 O  O     A HOH E 4 . ? 12.494  3.815   -0.620 0.75 27.33 ? 245 HOH A O     1 
HETATM 612 O  O     B HOH E 4 . ? 13.008  4.268   -1.506 0.25 25.27 ? 245 HOH A O     1 
HETATM 613 O  O     . HOH E 4 . ? -8.921  6.282   -2.597 1.00 47.84 ? 246 HOH A O     1 
HETATM 614 O  O     . HOH E 4 . ? -15.858 10.096  -3.765 0.50 33.41 ? 247 HOH A O     1 
HETATM 615 O  O     . HOH E 4 . ? 18.099  8.586   5.579  1.00 27.60 ? 248 HOH A O     1 
HETATM 616 O  O     . HOH E 4 . ? 17.933  6.339   7.335  1.00 23.04 ? 249 HOH A O     1 
HETATM 617 O  O     . HOH E 4 . ? -4.688  -6.686  2.175  0.50 34.11 ? 250 HOH A O     1 
HETATM 618 O  O     . HOH E 4 . ? -5.287  3.706   -1.813 1.00 43.11 ? 251 HOH A O     1 
HETATM 619 O  O     . HOH E 4 . ? 7.450   -6.254  9.793  0.45 26.52 ? 252 HOH A O     1 
HETATM 620 O  O     B HOH E 4 . ? -8.181  -6.860  6.177  0.50 14.51 ? 253 HOH A O     1 
HETATM 621 O  O     . HOH E 4 . ? -4.354  -8.161  3.506  0.50 29.71 ? 254 HOH A O     1 
HETATM 622 O  O     . HOH E 4 . ? -1.416  3.748   1.279  1.00 38.09 ? 255 HOH A O     1 
HETATM 623 O  O     . HOH E 4 . ? -0.146  1.566   6.255  1.00 33.47 ? 256 HOH A O     1 
HETATM 624 O  O     . HOH E 4 . ? -12.573 -0.116  8.902  0.50 29.70 ? 257 HOH A O     1 
HETATM 625 O  O     . HOH E 4 . ? 12.913  2.282   -2.428 1.00 31.25 ? 258 HOH A O     1 
HETATM 626 O  O     . HOH F 4 . ? 2.319   -6.634  -0.496 1.00 17.04 ? 301 HOH B O     1 
HETATM 627 O  O     B HOH F 4 . ? 2.616   5.206   1.804  0.35 25.57 ? 302 HOH B O     1 
HETATM 628 O  O     . HOH F 4 . ? 10.534  0.903   -2.632 1.00 27.09 ? 303 HOH B O     1 
HETATM 629 O  O     . HOH F 4 . ? -13.156 -3.711  -2.991 1.00 15.15 ? 304 HOH B O     1 
HETATM 630 O  O     . HOH F 4 . ? -4.765  0.625   -5.154 1.00 22.42 ? 305 HOH B O     1 
HETATM 631 O  O     . HOH F 4 . ? 6.265   -0.684  -8.232 1.00 34.90 ? 306 HOH B O     1 
HETATM 632 O  O     A HOH F 4 . ? 7.342   -3.079  -0.918 0.75 10.47 ? 307 HOH B O     1 
HETATM 633 O  O     B HOH F 4 . ? 6.787   -3.579  -1.509 0.25 14.49 ? 307 HOH B O     1 
HETATM 634 O  O     . HOH F 4 . ? -8.931  -6.333  -1.013 1.00 13.37 ? 308 HOH B O     1 
HETATM 635 O  O     . HOH F 4 . ? 4.910   10.625  4.105  1.00 30.43 ? 309 HOH B O     1 
HETATM 636 O  O     . HOH F 4 . ? -10.483 -9.178  -7.472 1.00 34.20 ? 310 HOH B O     1 
HETATM 637 O  O     . HOH F 4 . ? 11.688  7.425   -2.136 1.00 14.72 ? 311 HOH B O     1 
HETATM 638 O  O     . HOH F 4 . ? -14.129 -8.617  -8.485 0.49 26.46 ? 312 HOH B O     1 
HETATM 639 O  O     . HOH F 4 . ? -16.907 -4.521  -3.443 1.00 39.74 ? 313 HOH B O     1 
HETATM 640 O  O     A HOH F 4 . ? 12.714  10.165  -1.967 0.50 15.97 ? 314 HOH B O     1 
HETATM 641 O  O     B HOH F 4 . ? 13.051  10.422  -2.679 0.50 17.15 ? 314 HOH B O     1 
HETATM 642 O  O     A HOH F 4 . ? -4.534  -1.723  -6.778 0.75 26.85 ? 315 HOH B O     1 
HETATM 643 O  O     B HOH F 4 . ? -4.086  -3.179  -7.050 0.25 16.96 ? 315 HOH B O     1 
HETATM 644 O  O     A HOH F 4 . ? -3.390  -7.450  0.015  0.54 17.20 ? 316 HOH B O     1 
HETATM 645 O  O     A HOH F 4 . ? 8.345   10.980  -9.647 0.50 30.65 ? 317 HOH B O     1 
HETATM 646 O  O     B HOH F 4 . ? 9.938   11.381  -8.989 0.50 27.89 ? 317 HOH B O     1 
HETATM 647 O  O     . HOH F 4 . ? 10.377  12.408  -2.949 1.00 13.50 ? 318 HOH B O     1 
HETATM 648 O  O     A HOH F 4 . ? 2.213   4.190   0.274  0.75 21.99 ? 319 HOH B O     1 
HETATM 649 O  O     B HOH F 4 . ? 1.129   3.257   -0.275 0.25 19.48 ? 319 HOH B O     1 
HETATM 650 O  O     . HOH F 4 . ? 5.412   18.742  -5.081 0.50 27.99 ? 320 HOH B O     1 
HETATM 651 O  O     A HOH F 4 . ? 1.968   3.602   -2.798 0.75 12.61 ? 321 HOH B O     1 
HETATM 652 O  O     B HOH F 4 . ? 1.837   2.840   -3.460 0.25 16.34 ? 321 HOH B O     1 
HETATM 653 O  O     . HOH F 4 . ? 8.605   16.473  -7.680 0.70 31.10 ? 322 HOH B O     1 
HETATM 654 O  O     . HOH F 4 . ? 1.026   -3.470  -6.517 0.65 31.01 ? 323 HOH B O     1 
HETATM 655 O  O     A HOH F 4 . ? 3.951   -0.012  -5.897 0.75 26.20 ? 324 HOH B O     1 
HETATM 656 O  O     B HOH F 4 . ? 3.318   1.072   -5.644 0.25 16.07 ? 324 HOH B O     1 
HETATM 657 O  O     . HOH F 4 . ? 13.810  5.483   -4.397 0.50 30.89 ? 325 HOH B O     1 
HETATM 658 O  O     . HOH F 4 . ? -0.637  2.090   -3.667 1.00 21.08 ? 326 HOH B O     1 
HETATM 659 O  O     . HOH F 4 . ? 3.217   11.753  1.714  1.00 27.77 ? 327 HOH B O     1 
HETATM 660 O  O     A HOH F 4 . ? 6.018   -5.113  1.707  0.55 16.69 ? 328 HOH B O     1 
HETATM 661 O  O     B HOH F 4 . ? 6.737   -5.871  0.980  0.44 19.15 ? 328 HOH B O     1 
HETATM 662 O  O     A HOH F 4 . ? 4.775   -4.970  -7.692 0.54 32.92 ? 329 HOH B O     1 
HETATM 663 O  O     . HOH F 4 . ? -3.384  -11.964 -0.119 1.00 39.64 ? 330 HOH B O     1 
HETATM 664 O  O     . HOH F 4 . ? 10.502  -2.284  -8.582 0.50 22.31 ? 331 HOH B O     1 
HETATM 665 O  O     . HOH F 4 . ? 10.785  -0.219  -0.024 1.00 32.96 ? 332 HOH B O     1 
HETATM 666 O  O     A HOH F 4 . ? -17.775 -5.616  -6.872 0.50 33.24 ? 333 HOH B O     1 
HETATM 667 O  O     B HOH F 4 . ? -18.822 -4.438  -5.510 0.50 33.11 ? 333 HOH B O     1 
HETATM 668 O  O     . HOH F 4 . ? -8.306  -11.971 -6.668 0.80 34.54 ? 334 HOH B O     1 
HETATM 669 O  O     . HOH F 4 . ? -8.542  -7.136  -7.710 0.50 31.58 ? 335 HOH B O     1 
HETATM 670 O  O     . HOH F 4 . ? 4.144   -9.945  -4.309 1.00 32.74 ? 336 HOH B O     1 
HETATM 671 O  O     . HOH F 4 . ? 7.815   14.432  -8.312 0.70 29.16 ? 337 HOH B O     1 
HETATM 672 O  O     . HOH F 4 . ? 13.102  -0.398  -5.199 1.00 28.22 ? 338 HOH B O     1 
HETATM 673 O  O     . HOH F 4 . ? 6.779   -3.580  -9.064 0.50 22.35 ? 339 HOH B O     1 
HETATM 674 O  O     . HOH F 4 . ? 10.688  13.496  -8.035 1.00 30.96 ? 340 HOH B O     1 
HETATM 675 O  O     . HOH F 4 . ? 12.319  -1.043  -7.643 1.00 28.58 ? 341 HOH B O     1 
HETATM 676 O  O     . HOH F 4 . ? -11.955 -7.981  -9.258 1.00 24.32 ? 342 HOH B O     1 
HETATM 677 O  O     . HOH F 4 . ? 0.846   -11.628 0.338  0.50 34.04 ? 343 HOH B O     1 
HETATM 678 O  O     . HOH F 4 . ? -3.110  0.941   -7.281 1.00 23.35 ? 344 HOH B O     1 
HETATM 679 O  O     . HOH F 4 . ? 0.734   -0.650  -7.073 1.00 38.73 ? 345 HOH B O     1 
HETATM 680 O  O     . HOH F 4 . ? -3.338  -13.785 2.018  0.50 28.02 ? 346 HOH B O     1 
HETATM 681 O  O     . HOH F 4 . ? -7.681  -13.657 -8.409 1.00 46.03 ? 347 HOH B O     1 
# 
loop_
_atom_site_anisotrop.id 
_atom_site_anisotrop.type_symbol 
_atom_site_anisotrop.pdbx_label_atom_id 
_atom_site_anisotrop.pdbx_label_alt_id 
_atom_site_anisotrop.pdbx_label_comp_id 
_atom_site_anisotrop.pdbx_label_asym_id 
_atom_site_anisotrop.pdbx_label_seq_id 
_atom_site_anisotrop.pdbx_PDB_ins_code 
_atom_site_anisotrop.U[1][1] 
_atom_site_anisotrop.U[2][2] 
_atom_site_anisotrop.U[3][3] 
_atom_site_anisotrop.U[1][2] 
_atom_site_anisotrop.U[1][3] 
_atom_site_anisotrop.U[2][3] 
_atom_site_anisotrop.pdbx_auth_seq_id 
_atom_site_anisotrop.pdbx_auth_comp_id 
_atom_site_anisotrop.pdbx_auth_asym_id 
_atom_site_anisotrop.pdbx_auth_atom_id 
1   O  "O5'" A G   A 1 ? 0.7477 0.6116 0.3044 -0.0342 0.0570  0.2592  1   G   A "O5'" 
2   O  "O5'" B G   A 1 ? 0.5348 0.1733 0.2128 -0.0519 -0.0646 -0.0177 1   G   A "O5'" 
3   C  "C5'" A G   A 1 ? 0.6816 0.1150 0.2309 -0.0696 -0.0683 -0.0834 1   G   A "C5'" 
4   C  "C5'" B G   A 1 ? 0.3993 0.0799 0.3217 0.0366  -0.1071 -0.0242 1   G   A "C5'" 
5   C  "C4'" A G   A 1 ? 0.3802 0.1817 0.0906 0.0679  -0.0721 0.0011  1   G   A "C4'" 
6   C  "C4'" B G   A 1 ? 0.3546 0.1720 0.1862 0.0090  0.0644  -0.0545 1   G   A "C4'" 
7   O  "O4'" A G   A 1 ? 0.3469 0.1935 0.1411 0.0497  -0.1182 0.0048  1   G   A "O4'" 
8   O  "O4'" B G   A 1 ? 0.3160 0.1551 0.2069 0.0767  -0.0788 -0.0454 1   G   A "O4'" 
9   C  "C3'" A G   A 1 ? 0.4006 0.1443 0.1375 0.0471  -0.1849 -0.0274 1   G   A "C3'" 
10  C  "C3'" B G   A 1 ? 0.4318 0.2196 0.2878 0.0501  -0.1056 -0.0453 1   G   A "C3'" 
11  O  "O3'" A G   A 1 ? 0.4698 0.2654 0.1425 0.0585  -0.1353 0.0704  1   G   A "O3'" 
12  O  "O3'" B G   A 1 ? 0.2533 0.1429 0.3592 0.0263  -0.1314 -0.0314 1   G   A "O3'" 
13  C  "C2'" A G   A 1 ? 0.3561 0.2086 0.1540 -0.0119 -0.0634 0.0225  1   G   A "C2'" 
14  C  "C2'" B G   A 1 ? 0.2769 0.2171 0.2290 0.0430  -0.0674 0.0281  1   G   A "C2'" 
15  O  "O2'" A G   A 1 ? 0.3085 0.3428 0.3019 0.0482  -0.0762 0.0320  1   G   A "O2'" 
16  O  "O2'" B G   A 1 ? 0.2634 0.1472 0.1291 0.0131  -0.0009 -0.0213 1   G   A "O2'" 
17  C  "C1'" A G   A 1 ? 0.3557 0.1396 0.1400 -0.0123 -0.0329 -0.0025 1   G   A "C1'" 
18  C  "C1'" B G   A 1 ? 0.2208 0.1473 0.2347 0.0566  -0.0355 0.0234  1   G   A "C1'" 
19  N  N9    A G   A 1 ? 0.3271 0.1762 0.1675 -0.0569 -0.0522 -0.0285 1   G   A N9    
20  N  N9    B G   A 1 ? 0.1659 0.1401 0.2921 0.0374  -0.0279 0.0437  1   G   A N9    
21  C  C8    A G   A 1 ? 0.3729 0.2269 0.2578 -0.0837 0.0135  -0.1107 1   G   A C8    
22  C  C8    B G   A 1 ? 0.2038 0.1219 0.3003 0.0145  -0.0404 0.0244  1   G   A C8    
23  N  N7    A G   A 1 ? 0.4357 0.1676 0.2905 0.0149  -0.0128 0.1128  1   G   A N7    
24  N  N7    B G   A 1 ? 0.1688 0.1821 0.3762 -0.0076 -0.0039 -0.0040 1   G   A N7    
25  C  C5    A G   A 1 ? 0.3223 0.1671 0.2210 -0.0664 -0.0251 0.0288  1   G   A C5    
26  C  C5    B G   A 1 ? 0.1463 0.1634 0.2926 -0.0227 -0.0604 -0.0262 1   G   A C5    
27  C  C6    A G   A 1 ? 0.2301 0.1807 0.1342 -0.0654 -0.0964 0.0358  1   G   A C6    
28  C  C6    B G   A 1 ? 0.1757 0.1762 0.1994 0.0171  -0.0727 0.0152  1   G   A C6    
29  O  O6    A G   A 1 ? 0.2007 0.2924 0.2139 -0.0709 -0.1362 0.1496  1   G   A O6    
30  O  O6    B G   A 1 ? 0.1742 0.1535 0.3174 0.0041  -0.0299 -0.0485 1   G   A O6    
31  N  N1    A G   A 1 ? 0.2482 0.1509 0.0666 -0.0187 -0.0653 0.0556  1   G   A N1    
32  N  N1    B G   A 1 ? 0.1299 0.1613 0.2574 0.0131  -0.0663 -0.0100 1   G   A N1    
33  C  C2    A G   A 1 ? 0.2846 0.1748 0.0947 -0.0123 -0.0452 0.0176  1   G   A C2    
34  C  C2    B G   A 1 ? 0.1673 0.1196 0.1512 0.0212  -0.0917 0.0489  1   G   A C2    
35  N  N2    A G   A 1 ? 0.2164 0.1793 0.0433 -0.0110 -0.0549 -0.0150 1   G   A N2    
36  N  N2    B G   A 1 ? 0.1598 0.1363 0.1949 0.0393  -0.0660 0.0707  1   G   A N2    
37  N  N3    A G   A 1 ? 0.3183 0.1742 0.0923 -0.0077 -0.0467 0.0060  1   G   A N3    
38  N  N3    B G   A 1 ? 0.1711 0.1467 0.2292 0.0286  -0.0843 0.0392  1   G   A N3    
39  C  C4    A G   A 1 ? 0.3350 0.2046 0.1215 -0.0348 -0.0236 -0.0400 1   G   A C4    
40  C  C4    B G   A 1 ? 0.2127 0.1476 0.2027 0.0472  -0.0813 0.0498  1   G   A C4    
41  P  P     A C   A 2 ? 0.2671 0.2548 0.1949 0.0536  -0.0948 -0.0264 2   C   A P     
42  P  P     B C   A 2 ? 0.5059 0.3248 0.2278 0.0386  -0.0430 -0.0927 2   C   A P     
43  O  OP1   A C   A 2 ? 0.3899 0.3938 0.1592 0.0332  -0.1065 -0.0833 2   C   A OP1   
44  O  OP1   B C   A 2 ? 0.4914 0.3391 0.4235 0.0704  -0.0483 -0.1747 2   C   A OP1   
45  O  OP2   A C   A 2 ? 0.2155 0.2925 0.2567 0.0497  -0.1131 -0.0694 2   C   A OP2   
46  O  OP2   B C   A 2 ? 0.4198 0.3762 0.2981 0.0038  -0.0171 -0.0684 2   C   A OP2   
47  O  "O5'" A C   A 2 ? 0.2864 0.1862 0.3583 0.0900  -0.0572 -0.0070 2   C   A "O5'" 
48  O  "O5'" B C   A 2 ? 0.4686 0.3193 0.1263 -0.0800 -0.0469 -0.0589 2   C   A "O5'" 
49  C  "C5'" A C   A 2 ? 0.3343 0.2028 0.1818 0.1002  -0.0632 0.0565  2   C   A "C5'" 
50  C  "C5'" B C   A 2 ? 0.4170 0.2485 0.2347 0.0421  -0.0275 -0.0495 2   C   A "C5'" 
51  C  "C4'" A C   A 2 ? 0.3929 0.2048 0.1348 0.1064  -0.0846 -0.0017 2   C   A "C4'" 
52  C  "C4'" B C   A 2 ? 0.3466 0.2224 0.1241 -0.0034 -0.0992 0.0096  2   C   A "C4'" 
53  O  "O4'" A C   A 2 ? 0.3546 0.2440 0.0953 0.1855  -0.0534 0.0333  2   C   A "O4'" 
54  O  "O4'" B C   A 2 ? 0.2211 0.2163 0.1757 0.0219  -0.0557 0.0097  2   C   A "O4'" 
55  C  "C3'" A C   A 2 ? 0.3901 0.2407 0.0983 0.1530  -0.0736 -0.0140 2   C   A "C3'" 
56  C  "C3'" B C   A 2 ? 0.3361 0.2174 0.0907 -0.0102 -0.0915 0.0054  2   C   A "C3'" 
57  O  "O3'" A C   A 2 ? 0.3919 0.2012 0.1236 0.1111  -0.0169 0.0180  2   C   A "O3'" 
58  O  "O3'" B C   A 2 ? 0.4572 0.2384 0.1265 0.0459  -0.0823 0.0462  2   C   A "O3'" 
59  C  "C2'" A C   A 2 ? 0.3783 0.2866 0.0838 0.0976  -0.0361 -0.0081 2   C   A "C2'" 
60  C  "C2'" B C   A 2 ? 0.2365 0.2663 0.1154 0.0821  -0.1129 0.0223  2   C   A "C2'" 
61  O  "O2'" A C   A 2 ? 0.3924 0.3664 0.2392 0.1441  0.1017  0.0795  2   C   A "O2'" 
62  O  "O2'" B C   A 2 ? 0.2699 0.2874 0.0998 0.1144  -0.0666 0.0772  2   C   A "O2'" 
63  C  "C1'" A C   A 2 ? 0.3243 0.1737 0.1137 0.1095  -0.0332 0.0372  2   C   A "C1'" 
64  C  "C1'" B C   A 2 ? 0.2659 0.2251 0.1197 0.0305  -0.0136 0.0391  2   C   A "C1'" 
65  N  N1    A C   A 2 ? 0.2798 0.1924 0.1251 0.0759  -0.0810 0.0744  2   C   A N1    
66  N  N1    B C   A 2 ? 0.2111 0.2363 0.1794 0.0473  -0.0301 -0.0053 2   C   A N1    
67  C  C2    A C   A 2 ? 0.2207 0.1892 0.1017 0.0607  -0.0910 0.0419  2   C   A C2    
68  C  C2    B C   A 2 ? 0.2140 0.1541 0.1068 0.0009  -0.0606 0.0325  2   C   A C2    
69  O  O2    A C   A 2 ? 0.2616 0.1853 0.0995 0.0583  -0.0197 -0.0050 2   C   A O2    
70  O  O2    B C   A 2 ? 0.1838 0.1685 0.1551 0.0125  -0.0649 0.0922  2   C   A O2    
71  N  N3    A C   A 2 ? 0.2246 0.1456 0.1673 0.0159  -0.0588 0.0271  2   C   A N3    
72  N  N3    B C   A 2 ? 0.1768 0.2132 0.0859 -0.0228 -0.0774 0.0738  2   C   A N3    
73  C  C4    A C   A 2 ? 0.2160 0.1553 0.1826 -0.0008 -0.0672 0.0223  2   C   A C4    
74  C  C4    B C   A 2 ? 0.2196 0.1864 0.1386 -0.0371 -0.1016 0.0117  2   C   A C4    
75  N  N4    A C   A 2 ? 0.2110 0.2142 0.1292 -0.0011 -0.0689 0.0338  2   C   A N4    
76  N  N4    B C   A 2 ? 0.2370 0.1355 0.1795 -0.0276 -0.0582 0.1137  2   C   A N4    
77  C  C5    A C   A 2 ? 0.2606 0.1366 0.2141 0.0456  -0.0668 0.0397  2   C   A C5    
78  C  C5    B C   A 2 ? 0.2328 0.2117 0.1133 0.0277  -0.0690 0.0557  2   C   A C5    
79  C  C6    A C   A 2 ? 0.2535 0.1898 0.1825 0.0253  -0.0855 0.0713  2   C   A C6    
80  C  C6    B C   A 2 ? 0.2529 0.1864 0.1271 0.0319  -0.0421 -0.0479 2   C   A C6    
81  P  P     A A   A 3 ? 0.3856 0.2163 0.1152 0.0595  -0.0659 0.0269  3   A   A P     
82  P  P     B A   A 3 ? 0.4454 0.2790 0.1552 0.1248  -0.0873 0.0203  3   A   A P     
83  O  OP1   A A   A 3 ? 0.3944 0.2924 0.0612 0.0010  -0.1039 -0.0153 3   A   A OP1   
84  O  OP1   B A   A 3 ? 0.4823 0.2856 0.1763 0.1222  -0.0842 0.0347  3   A   A OP1   
85  O  OP2   A A   A 3 ? 0.4321 0.2747 0.1693 -0.0498 -0.0769 0.0716  3   A   A OP2   
86  O  OP2   B A   A 3 ? 0.4473 0.1674 0.3412 0.0256  -0.2361 -0.0715 3   A   A OP2   
87  O  "O5'" A A   A 3 ? 0.3340 0.2225 0.1636 0.0489  0.0015  -0.0066 3   A   A "O5'" 
88  O  "O5'" B A   A 3 ? 0.4376 0.1974 0.1727 0.0811  -0.0441 0.0480  3   A   A "O5'" 
89  C  "C5'" A A   A 3 ? 0.2874 0.2059 0.1029 0.0561  0.0184  -0.0015 3   A   A "C5'" 
90  C  "C5'" B A   A 3 ? 0.3009 0.3033 0.2006 0.1181  0.0713  0.1493  3   A   A "C5'" 
91  C  "C4'" A A   A 3 ? 0.2127 0.2505 0.0979 0.0772  -0.0601 -0.0241 3   A   A "C4'" 
92  C  "C4'" B A   A 3 ? 0.2744 0.2251 0.2073 0.0875  -0.0149 0.0436  3   A   A "C4'" 
93  O  "O4'" A A   A 3 ? 0.2510 0.3257 0.0883 0.0304  0.0023  -0.0299 3   A   A "O4'" 
94  O  "O4'" B A   A 3 ? 0.1753 0.2715 0.2097 0.0553  -0.1214 -0.0316 3   A   A "O4'" 
95  C  "C3'" A A   A 3 ? 0.2346 0.2139 0.0683 0.0180  -0.0489 -0.0589 3   A   A "C3'" 
96  C  "C3'" B A   A 3 ? 0.3101 0.1275 0.2052 0.0851  -0.1197 0.0616  3   A   A "C3'" 
97  O  "O3'" A A   A 3 ? 0.2644 0.1740 0.1157 0.0551  -0.1255 -0.0255 3   A   A "O3'" 
98  O  "O3'" B A   A 3 ? 0.2970 0.2330 0.1272 0.0085  0.0446  0.0513  3   A   A "O3'" 
99  C  "C2'" A A   A 3 ? 0.2208 0.2288 0.1210 -0.0185 -0.0732 -0.0793 3   A   A "C2'" 
100 C  "C2'" B A   A 3 ? 0.2333 0.2042 0.1270 0.0263  -0.0511 0.0655  3   A   A "C2'" 
101 O  "O2'" A A   A 3 ? 0.1481 0.1910 0.1873 0.0042  -0.0143 -0.1080 3   A   A "O2'" 
102 O  "O2'" B A   A 3 ? 0.2828 0.3213 0.1358 -0.0408 -0.0918 0.1560  3   A   A "O2'" 
103 C  "C1'" . A   A 3 ? 0.2110 0.2362 0.1347 0.0556  -0.0617 -0.0029 3   A   A "C1'" 
104 N  N9    . A   A 3 ? 0.1937 0.1913 0.1192 0.0406  -0.0579 0.0179  3   A   A N9    
105 C  C8    . A   A 3 ? 0.2289 0.2367 0.1129 0.0670  -0.0838 0.0113  3   A   A C8    
106 N  N7    . A   A 3 ? 0.2694 0.1814 0.0982 0.0347  -0.0604 0.0305  3   A   A N7    
107 C  C5    . A   A 3 ? 0.2024 0.1851 0.0996 0.0138  -0.0972 0.0094  3   A   A C5    
108 C  C6    . A   A 3 ? 0.1638 0.2224 0.1073 0.0000  -0.0777 0.0024  3   A   A C6    
109 N  N6    . A   A 3 ? 0.1995 0.1802 0.1206 0.0038  -0.0904 0.0220  3   A   A N6    
110 N  N1    . A   A 3 ? 0.1731 0.2034 0.0972 0.0114  -0.0656 0.0064  3   A   A N1    
111 C  C2    . A   A 3 ? 0.1771 0.1950 0.1268 -0.0079 -0.0819 -0.0116 3   A   A C2    
112 N  N3    . A   A 3 ? 0.1903 0.1982 0.0826 0.0196  -0.0764 -0.0026 3   A   A N3    
113 C  C4    . A   A 3 ? 0.1706 0.2181 0.1050 0.0324  -0.0625 -0.0063 3   A   A C4    
114 P  P     . G   A 4 ? 0.3200 0.1940 0.1168 0.0108  -0.0384 0.0253  4   G   A P     
115 O  OP1   . G   A 4 ? 0.3934 0.2273 0.1105 0.0195  -0.0815 0.0016  4   G   A OP1   
116 O  OP2   . G   A 4 ? 0.3913 0.1998 0.1559 0.0012  -0.0359 0.0397  4   G   A OP2   
117 O  "O5'" . G   A 4 ? 0.2200 0.2138 0.1416 -0.0165 -0.0348 0.0323  4   G   A "O5'" 
118 C  "C5'" . G   A 4 ? 0.1887 0.2114 0.1248 0.0057  -0.0029 0.0812  4   G   A "C5'" 
119 C  "C4'" . G   A 4 ? 0.1567 0.2560 0.0875 -0.0179 -0.0265 0.0501  4   G   A "C4'" 
120 O  "O4'" . G   A 4 ? 0.1668 0.2375 0.1030 -0.0077 -0.0306 0.0403  4   G   A "O4'" 
121 C  "C3'" . G   A 4 ? 0.1549 0.1733 0.0828 0.0148  -0.0419 0.0485  4   G   A "C3'" 
122 O  "O3'" . G   A 4 ? 0.1656 0.1951 0.0839 0.0058  -0.0398 0.0527  4   G   A "O3'" 
123 C  "C2'" . G   A 4 ? 0.1523 0.1773 0.1003 -0.0039 -0.0404 0.0601  4   G   A "C2'" 
124 O  "O2'" . G   A 4 ? 0.2068 0.1951 0.1161 0.0094  -0.0178 0.0759  4   G   A "O2'" 
125 C  "C1'" . G   A 4 ? 0.1823 0.2089 0.0892 -0.0344 -0.0202 0.0479  4   G   A "C1'" 
126 N  N9    . G   A 4 ? 0.1623 0.1716 0.0977 -0.0012 -0.0301 0.0373  4   G   A N9    
127 C  C8    . G   A 4 ? 0.1711 0.2241 0.0749 -0.0014 -0.0264 0.0242  4   G   A C8    
128 N  N7    . G   A 4 ? 0.1700 0.1851 0.0795 -0.0027 -0.0362 0.0253  4   G   A N7    
129 C  C5    . G   A 4 ? 0.1457 0.1864 0.0722 0.0013  -0.0593 0.0516  4   G   A C5    
130 C  C6    . G   A 4 ? 0.1717 0.1653 0.0531 -0.0252 -0.0470 0.0300  4   G   A C6    
131 O  O6    . G   A 4 ? 0.1766 0.1734 0.0819 -0.0129 -0.0524 0.0372  4   G   A O6    
132 N  N1    . G   A 4 ? 0.1714 0.1530 0.0816 -0.0206 -0.0496 0.0275  4   G   A N1    
133 C  C2    . G   A 4 ? 0.1569 0.1616 0.0910 -0.0128 -0.0263 0.0087  4   G   A C2    
134 N  N2    . G   A 4 ? 0.1646 0.1647 0.1098 -0.0028 -0.0345 0.0595  4   G   A N2    
135 N  N3    . G   A 4 ? 0.1685 0.1630 0.0742 -0.0136 -0.0379 0.0349  4   G   A N3    
136 C  C4    . G   A 4 ? 0.1521 0.1779 0.0877 0.0054  -0.0430 0.0218  4   G   A C4    
137 P  P     . C   A 5 ? 0.1640 0.2281 0.1106 0.0032  -0.0362 0.0385  5   C   A P     
138 O  OP1   . C   A 5 ? 0.1799 0.2987 0.1008 -0.0060 -0.0467 0.0476  5   C   A OP1   
139 O  OP2   . C   A 5 ? 0.1878 0.2145 0.1829 0.0095  -0.0397 0.0083  5   C   A OP2   
140 O  "O5'" . C   A 5 ? 0.1670 0.2173 0.1534 -0.0108 -0.0256 0.0673  5   C   A "O5'" 
141 C  "C5'" . C   A 5 ? 0.1730 0.2287 0.2032 0.0173  0.0213  0.0767  5   C   A "C5'" 
142 C  "C4'" . C   A 5 ? 0.1727 0.2051 0.1751 0.0162  -0.0202 0.0592  5   C   A "C4'" 
143 O  "O4'" A C   A 5 ? 0.2031 0.2292 0.1559 -0.0038 0.0020  0.0434  5   C   A "O4'" 
144 O  "O4'" B C   A 5 ? 0.1665 0.2510 0.1396 -0.0544 -0.0181 0.0850  5   C   A "O4'" 
145 C  "C3'" A C   A 5 ? 0.2347 0.1826 0.1218 -0.0173 0.0042  0.0400  5   C   A "C3'" 
146 C  "C3'" B C   A 5 ? 0.1707 0.2787 0.0994 0.0010  -0.0076 0.0083  5   C   A "C3'" 
147 O  "O3'" A C   A 5 ? 0.2069 0.2632 0.1362 -0.0110 -0.0030 0.0295  5   C   A "O3'" 
148 O  "O3'" B C   A 5 ? 0.2020 0.2264 0.0894 -0.0311 -0.0152 0.0489  5   C   A "O3'" 
149 C  "C2'" A C   A 5 ? 0.1990 0.2414 0.1303 -0.0243 -0.0074 0.0126  5   C   A "C2'" 
150 C  "C2'" B C   A 5 ? 0.1811 0.1673 0.1067 -0.0205 -0.0058 0.0201  5   C   A "C2'" 
151 O  "O2'" A C   A 5 ? 0.1900 0.2326 0.1514 -0.0249 0.0121  0.0731  5   C   A "O2'" 
152 O  "O2'" B C   A 5 ? 0.1679 0.1989 0.2580 -0.0128 0.0192  -0.0100 5   C   A "O2'" 
153 C  "C1'" A C   A 5 ? 0.1913 0.2249 0.1458 -0.0386 -0.0102 0.0321  5   C   A "C1'" 
154 C  "C1'" B C   A 5 ? 0.1436 0.2137 0.1855 -0.0586 0.0010  0.0185  5   C   A "C1'" 
155 N  N1    . C   A 5 ? 0.1555 0.2067 0.1309 -0.0371 0.0079  -0.0051 5   C   A N1    
156 C  C2    . C   A 5 ? 0.1184 0.1870 0.1129 -0.0302 -0.0323 -0.0040 5   C   A C2    
157 O  O2    . C   A 5 ? 0.1625 0.2090 0.1042 -0.0201 -0.0195 0.0253  5   C   A O2    
158 N  N3    . C   A 5 ? 0.1500 0.1747 0.0972 -0.0103 -0.0360 0.0156  5   C   A N3    
159 C  C4    . C   A 5 ? 0.1354 0.2210 0.1099 -0.0122 -0.0250 -0.0251 5   C   A C4    
160 N  N4    . C   A 5 ? 0.1403 0.2006 0.1167 0.0067  -0.0235 -0.0191 5   C   A N4    
161 C  C5    . C   A 5 ? 0.1625 0.1985 0.1306 -0.0003 -0.0021 -0.0244 5   C   A C5    
162 C  C6    . C   A 5 ? 0.1225 0.2135 0.1686 -0.0392 -0.0164 -0.0212 5   C   A C6    
163 P  P     A A   A 6 ? 0.2249 0.2397 0.1449 0.0209  -0.0407 0.0162  6   A   A P     
164 P  P     B A   A 6 ? 0.1607 0.1730 0.1215 0.0243  -0.0550 0.0506  6   A   A P     
165 O  OP1   A A   A 6 ? 0.2223 0.2913 0.1957 0.0037  0.0049  0.1101  6   A   A OP1   
166 O  OP1   B A   A 6 ? 0.2017 0.2184 0.0926 0.0408  -0.0029 0.0795  6   A   A OP1   
167 O  OP2   A A   A 6 ? 0.2774 0.2193 0.3582 0.0292  -0.0530 -0.0087 6   A   A OP2   
168 O  OP2   B A   A 6 ? 0.2377 0.2081 0.1266 0.0517  -0.0599 0.0562  6   A   A OP2   
169 O  "O5'" A A   A 6 ? 0.1386 0.2052 0.1618 0.0224  -0.0598 0.0299  6   A   A "O5'" 
170 O  "O5'" B A   A 6 ? 0.1817 0.1932 0.1253 0.0286  -0.0348 0.0701  6   A   A "O5'" 
171 C  "C5'" A A   A 6 ? 0.1467 0.1697 0.1441 0.0317  -0.0487 0.0467  6   A   A "C5'" 
172 C  "C5'" B A   A 6 ? 0.1675 0.2401 0.1084 0.0577  -0.0238 0.0894  6   A   A "C5'" 
173 C  "C4'" A A   A 6 ? 0.1281 0.1506 0.1320 0.0155  -0.0865 0.0515  6   A   A "C4'" 
174 C  "C4'" B A   A 6 ? 0.1601 0.2573 0.0867 -0.0369 -0.0603 0.1040  6   A   A "C4'" 
175 O  "O4'" A A   A 6 ? 0.1605 0.1367 0.1032 0.0046  -0.0599 0.0459  6   A   A "O4'" 
176 O  "O4'" B A   A 6 ? 0.1521 0.2000 0.1062 -0.0307 -0.0722 0.0991  6   A   A "O4'" 
177 C  "C3'" A A   A 6 ? 0.1086 0.1336 0.1359 0.0330  -0.0716 0.0400  6   A   A "C3'" 
178 C  "C3'" B A   A 6 ? 0.1544 0.2481 0.0758 0.0000  -0.0783 0.0258  6   A   A "C3'" 
179 O  "O3'" A A   A 6 ? 0.1391 0.1992 0.1202 0.0245  -0.0738 0.0410  6   A   A "O3'" 
180 O  "O3'" B A   A 6 ? 0.1598 0.2645 0.0611 0.0114  -0.0687 0.0075  6   A   A "O3'" 
181 C  "C2'" A A   A 6 ? 0.1178 0.1633 0.1560 0.0299  -0.0451 0.0202  6   A   A "C2'" 
182 C  "C2'" B A   A 6 ? 0.1181 0.1845 0.0973 0.0201  -0.0412 0.0672  6   A   A "C2'" 
183 O  "O2'" A A   A 6 ? 0.1340 0.1757 0.1586 0.0408  -0.0279 -0.0363 6   A   A "O2'" 
184 O  "O2'" B A   A 6 ? 0.1316 0.1890 0.0778 0.0128  -0.0395 0.0425  6   A   A "O2'" 
185 C  "C1'" A A   A 6 ? 0.1418 0.0975 0.1385 0.0065  -0.0327 0.0018  6   A   A "C1'" 
186 C  "C1'" B A   A 6 ? 0.1452 0.1271 0.1072 -0.0107 -0.0230 0.0508  6   A   A "C1'" 
187 N  N9    A A   A 6 ? 0.1449 0.1179 0.0882 0.0153  -0.0600 0.0035  6   A   A N9    
188 N  N9    B A   A 6 ? 0.1475 0.1734 0.0744 0.0063  -0.0318 0.0578  6   A   A N9    
189 C  C8    A A   A 6 ? 0.1421 0.1573 0.0871 0.0090  -0.0546 0.0239  6   A   A C8    
190 C  C8    B A   A 6 ? 0.1421 0.1802 0.1017 0.0029  -0.0308 0.0592  6   A   A C8    
191 N  N7    A A   A 6 ? 0.1299 0.1315 0.1146 0.0033  -0.0250 0.0118  6   A   A N7    
192 N  N7    B A   A 6 ? 0.1140 0.1839 0.0698 0.0006  -0.0457 0.0517  6   A   A N7    
193 C  C5    A A   A 6 ? 0.1041 0.0999 0.0758 0.0171  -0.0398 0.0121  6   A   A C5    
194 C  C5    B A   A 6 ? 0.1204 0.1143 0.0642 0.0051  -0.0553 0.0117  6   A   A C5    
195 C  C6    A A   A 6 ? 0.1459 0.1190 0.0634 0.0577  -0.0174 0.0213  6   A   A C6    
196 C  C6    B A   A 6 ? 0.1308 0.1310 0.0664 0.0029  -0.0634 0.0160  6   A   A C6    
197 N  N6    A A   A 6 ? 0.1566 0.1056 0.0666 0.0489  -0.0270 0.0302  6   A   A N6    
198 N  N6    B A   A 6 ? 0.1738 0.1330 0.0621 0.0359  -0.0607 0.0130  6   A   A N6    
199 N  N1    A A   A 6 ? 0.1354 0.0929 0.0581 0.0274  -0.0226 0.0014  6   A   A N1    
200 N  N1    B A   A 6 ? 0.1688 0.1109 0.0467 0.0083  -0.0404 0.0147  6   A   A N1    
201 C  C2    A A   A 6 ? 0.1048 0.1233 0.1046 0.0274  -0.0112 0.0100  6   A   A C2    
202 C  C2    B A   A 6 ? 0.1910 0.1077 0.0524 0.0099  -0.0394 0.0061  6   A   A C2    
203 N  N3    A A   A 6 ? 0.0929 0.1359 0.0983 0.0180  -0.0376 0.0143  6   A   A N3    
204 N  N3    B A   A 6 ? 0.1346 0.1190 0.0602 0.0127  -0.0233 0.0206  6   A   A N3    
205 C  C4    A A   A 6 ? 0.0996 0.1205 0.1009 0.0319  -0.0429 0.0205  6   A   A C4    
206 C  C4    B A   A 6 ? 0.1491 0.1399 0.0308 0.0174  -0.0188 0.0144  6   A   A C4    
207 P  P     A G   A 7 ? 0.1351 0.2319 0.0962 -0.0008 -0.0398 0.0052  7   G   A P     
208 P  P     B G   A 7 ? 0.1617 0.2866 0.1216 0.0545  -0.0963 -0.0542 7   G   A P     
209 O  OP1   A G   A 7 ? 0.1382 0.3488 0.1160 -0.0481 -0.1003 0.0208  7   G   A OP1   
210 O  OP1   B G   A 7 ? 0.2226 0.2371 0.1153 0.0771  -0.1046 -0.0264 7   G   A OP1   
211 O  OP2   A G   A 7 ? 0.1773 0.2016 0.1568 -0.0098 -0.0325 -0.0301 7   G   A OP2   
212 O  OP2   B G   A 7 ? 0.2591 0.2847 0.1552 0.0975  -0.0978 -0.0577 7   G   A OP2   
213 O  "O5'" A G   A 7 ? 0.1895 0.1639 0.1062 -0.0073 -0.0376 -0.0196 7   G   A "O5'" 
214 O  "O5'" B G   A 7 ? 0.1809 0.1112 0.1791 0.0317  -0.0942 -0.0262 7   G   A "O5'" 
215 C  "C5'" A G   A 7 ? 0.1460 0.1801 0.1425 0.0152  -0.0621 0.0161  7   G   A "C5'" 
216 C  "C5'" B G   A 7 ? 0.1503 0.1113 0.1141 0.0379  -0.0744 0.0199  7   G   A "C5'" 
217 C  "C4'" A G   A 7 ? 0.1240 0.1529 0.1190 -0.0101 -0.0540 0.0452  7   G   A "C4'" 
218 C  "C4'" B G   A 7 ? 0.1543 0.1447 0.1376 0.0372  -0.0988 0.0345  7   G   A "C4'" 
219 O  "O4'" A G   A 7 ? 0.1821 0.1336 0.1154 -0.0090 -0.0700 0.0272  7   G   A "O4'" 
220 O  "O4'" B G   A 7 ? 0.1694 0.1062 0.1508 0.0114  -0.1161 0.0070  7   G   A "O4'" 
221 C  "C3'" A G   A 7 ? 0.1857 0.1364 0.0942 -0.0027 -0.0985 0.0322  7   G   A "C3'" 
222 C  "C3'" B G   A 7 ? 0.1930 0.1615 0.1103 0.0074  -0.1107 0.0352  7   G   A "C3'" 
223 O  "O3'" A G   A 7 ? 0.1659 0.1337 0.1354 -0.0112 -0.0775 0.0414  7   G   A "O3'" 
224 O  "O3'" B G   A 7 ? 0.2541 0.1462 0.1153 0.0142  -0.1373 0.0218  7   G   A "O3'" 
225 C  "C2'" A G   A 7 ? 0.1603 0.1303 0.0986 0.0021  -0.0809 0.0216  7   G   A "C2'" 
226 C  "C2'" B G   A 7 ? 0.1607 0.1126 0.1156 -0.0198 -0.0589 0.0310  7   G   A "C2'" 
227 O  "O2'" A G   A 7 ? 0.1474 0.1473 0.1255 0.0236  -0.0934 0.0103  7   G   A "O2'" 
228 O  "O2'" B G   A 7 ? 0.1270 0.1582 0.2501 0.0157  -0.0758 0.0009  7   G   A "O2'" 
229 C  "C1'" A G   A 7 ? 0.1783 0.1175 0.1156 -0.0139 -0.0330 0.0073  7   G   A "C1'" 
230 C  "C1'" B G   A 7 ? 0.1715 0.1173 0.1446 0.0194  -0.1277 0.0095  7   G   A "C1'" 
231 N  N9    A G   A 7 ? 0.1274 0.1381 0.0906 -0.0277 -0.0703 0.0431  7   G   A N9    
232 N  N9    B G   A 7 ? 0.1269 0.1156 0.1373 0.0042  -0.0730 0.0055  7   G   A N9    
233 C  C8    A G   A 7 ? 0.1185 0.1530 0.1596 -0.0427 -0.0177 -0.0163 7   G   A C8    
234 C  C8    B G   A 7 ? 0.1178 0.1314 0.0907 0.0107  -0.0635 0.0405  7   G   A C8    
235 N  N7    A G   A 7 ? 0.1328 0.1897 0.0695 -0.0166 -0.0317 0.0223  7   G   A N7    
236 N  N7    B G   A 7 ? 0.1370 0.1114 0.1374 0.0194  -0.0442 -0.0080 7   G   A N7    
237 C  C5    A G   A 7 ? 0.1638 0.0906 0.1210 -0.0349 -0.0001 -0.0102 7   G   A C5    
238 C  C5    B G   A 7 ? 0.1115 0.1652 0.1013 0.0309  -0.0754 0.0085  7   G   A C5    
239 C  C6    A G   A 7 ? 0.1175 0.1694 0.0463 -0.0030 -0.0223 -0.0046 7   G   A C6    
240 C  C6    B G   A 7 ? 0.1062 0.1310 0.1226 0.0224  -0.0328 0.0164  7   G   A C6    
241 O  O6    A G   A 7 ? 0.1382 0.1822 0.0980 0.0052  -0.0158 0.0008  7   G   A O6    
242 O  O6    B G   A 7 ? 0.1238 0.1814 0.1054 0.0462  -0.0534 0.0577  7   G   A O6    
243 N  N1    A G   A 7 ? 0.1135 0.1868 0.0506 -0.0077 -0.0398 0.0099  7   G   A N1    
244 N  N1    B G   A 7 ? 0.1302 0.1215 0.0838 0.0233  -0.0393 0.0120  7   G   A N1    
245 C  C2    A G   A 7 ? 0.1350 0.1475 0.0693 0.0046  -0.0146 0.0171  7   G   A C2    
246 C  C2    B G   A 7 ? 0.1257 0.1117 0.1059 0.0053  -0.0252 0.0111  7   G   A C2    
247 N  N2    A G   A 7 ? 0.1402 0.1481 0.0571 -0.0174 -0.0370 0.0017  7   G   A N2    
248 N  N2    B G   A 7 ? 0.1184 0.1292 0.1462 0.0217  -0.0176 0.0444  7   G   A N2    
249 N  N3    A G   A 7 ? 0.1381 0.1201 0.0851 -0.0179 -0.0321 0.0202  7   G   A N3    
250 N  N3    B G   A 7 ? 0.1410 0.1396 0.1033 0.0130  -0.0934 0.0068  7   G   A N3    
251 C  C4    A G   A 7 ? 0.1274 0.1208 0.0826 -0.0086 -0.0394 0.0307  7   G   A C4    
252 C  C4    B G   A 7 ? 0.0849 0.1374 0.1372 0.0166  -0.0782 0.0101  7   G   A C4    
253 P  P     A C   A 8 ? 0.1633 0.1260 0.1128 0.0077  -0.0720 0.0337  8   C   A P     
254 P  P     B C   A 8 ? 0.1893 0.1684 0.0985 -0.0023 -0.0983 0.0466  8   C   A P     
255 O  OP1   A C   A 8 ? 0.1621 0.1357 0.1024 0.0222  -0.0729 0.0349  8   C   A OP1   
256 O  OP1   B C   A 8 ? 0.1920 0.1886 0.1008 -0.0104 -0.1094 0.0314  8   C   A OP1   
257 O  OP2   A C   A 8 ? 0.1570 0.1494 0.1351 0.0174  -0.0511 0.0482  8   C   A OP2   
258 O  OP2   B C   A 8 ? 0.2776 0.1899 0.1140 -0.0008 -0.0697 0.0460  8   C   A OP2   
259 O  "O5'" A C   A 8 ? 0.1405 0.1192 0.1158 0.0239  -0.0463 0.0256  8   C   A "O5'" 
260 O  "O5'" B C   A 8 ? 0.1518 0.1722 0.0933 0.0061  -0.0809 0.0450  8   C   A "O5'" 
261 C  "C5'" A C   A 8 ? 0.1502 0.1383 0.1462 0.0229  -0.0609 0.0185  8   C   A "C5'" 
262 C  "C5'" B C   A 8 ? 0.1604 0.1399 0.1253 0.0224  -0.0985 0.0396  8   C   A "C5'" 
263 C  "C4'" A C   A 8 ? 0.1656 0.1535 0.1055 -0.0093 -0.0371 -0.0136 8   C   A "C4'" 
264 C  "C4'" B C   A 8 ? 0.1437 0.1573 0.1433 0.0420  -0.0660 0.0519  8   C   A "C4'" 
265 O  "O4'" . C   A 8 ? 0.1935 0.1593 0.0967 0.0110  -0.0705 0.0121  8   C   A "O4'" 
266 C  "C3'" A C   A 8 ? 0.1467 0.1396 0.1159 0.0229  -0.0485 -0.0122 8   C   A "C3'" 
267 C  "C3'" B C   A 8 ? 0.1788 0.1606 0.1178 -0.0166 -0.0293 0.0301  8   C   A "C3'" 
268 O  "O3'" A C   A 8 ? 0.1896 0.1576 0.1759 -0.0168 -0.0878 0.0370  8   C   A "O3'" 
269 O  "O3'" B C   A 8 ? 0.1830 0.2491 0.1357 -0.0268 -0.0268 -0.0135 8   C   A "O3'" 
270 C  "C2'" A C   A 8 ? 0.1655 0.1618 0.1320 0.0177  -0.0259 0.0300  8   C   A "C2'" 
271 C  "C2'" B C   A 8 ? 0.1870 0.1572 0.1079 -0.0025 -0.0515 0.0085  8   C   A "C2'" 
272 O  "O2'" A C   A 8 ? 0.2309 0.1963 0.1157 0.0082  0.0127  0.0536  8   C   A "O2'" 
273 O  "O2'" B C   A 8 ? 0.1847 0.2273 0.1488 -0.0175 -0.0289 0.0101  8   C   A "O2'" 
274 C  "C1'" . C   A 8 ? 0.2054 0.1448 0.0822 -0.0117 -0.0517 0.0399  8   C   A "C1'" 
275 N  N1    . C   A 8 ? 0.1764 0.1540 0.0797 0.0073  -0.0646 0.0238  8   C   A N1    
276 C  C2    . C   A 8 ? 0.2018 0.1549 0.0866 0.0030  -0.0328 0.0327  8   C   A C2    
277 O  O2    . C   A 8 ? 0.1721 0.1656 0.1110 0.0092  -0.0207 0.0436  8   C   A O2    
278 N  N3    . C   A 8 ? 0.1596 0.1740 0.0766 -0.0003 -0.0473 0.0217  8   C   A N3    
279 C  C4    . C   A 8 ? 0.1403 0.1678 0.0953 -0.0101 -0.0458 0.0307  8   C   A C4    
280 N  N4    . C   A 8 ? 0.1807 0.1900 0.0776 0.0012  -0.0567 0.0457  8   C   A N4    
281 C  C5    . C   A 8 ? 0.1817 0.1541 0.0692 -0.0134 -0.0621 0.0354  8   C   A C5    
282 C  C6    . C   A 8 ? 0.1694 0.1328 0.0856 -0.0074 -0.0704 0.0116  8   C   A C6    
283 C  "C8'" . GPN B 1 ? 0.3142 0.1321 0.0941 0.0286  -0.0705 0.0287  101 GPN B "C8'" 
284 C  "C7'" . GPN B 1 ? 0.2491 0.1310 0.0872 -0.0039 -0.0472 0.0212  101 GPN B "C7'" 
285 O  "O7'" . GPN B 1 ? 0.2174 0.1418 0.1101 0.0068  -0.0583 0.0265  101 GPN B "O7'" 
286 C  "C5'" . GPN B 1 ? 0.2780 0.1656 0.0875 -0.0133 -0.0919 0.0474  101 GPN B "C5'" 
287 C  C     . GPN B 1 ? 0.2561 0.2102 0.1055 -0.0250 -0.1083 0.0097  101 GPN B C     
288 O  O     . GPN B 1 ? 0.2783 0.1898 0.1166 -0.0330 -0.0623 0.0073  101 GPN B O     
289 N  "N4'" . GPN B 1 ? 0.2613 0.1597 0.0853 0.0090  -0.0626 0.0204  101 GPN B "N4'" 
290 C  "C3'" . GPN B 1 ? 0.3571 0.1331 0.1104 0.0166  -0.1357 0.0145  101 GPN B "C3'" 
291 C  "C2'" . GPN B 1 ? 0.2708 0.1804 0.2054 -0.0198 -0.0947 0.0539  101 GPN B "C2'" 
292 N  N     . GPN B 1 ? 0.2692 0.1723 0.1839 -0.0310 -0.0959 0.0298  101 GPN B N     
293 N  N9    . GPN B 1 ? 0.2354 0.1611 0.1013 0.0187  -0.0619 0.0208  101 GPN B N9    
294 C  C8    . GPN B 1 ? 0.3006 0.1773 0.1080 0.0475  -0.0579 0.0177  101 GPN B C8    
295 N  N7    . GPN B 1 ? 0.2326 0.1922 0.0842 0.0361  -0.0311 0.0290  101 GPN B N7    
296 C  C5    . GPN B 1 ? 0.1966 0.1995 0.0813 0.0382  -0.0607 0.0074  101 GPN B C5    
297 C  C6    . GPN B 1 ? 0.2038 0.1770 0.0891 0.0020  -0.0667 0.0174  101 GPN B C6    
298 O  O6    . GPN B 1 ? 0.1952 0.2471 0.0954 0.0139  -0.0438 0.0390  101 GPN B O6    
299 N  N1    . GPN B 1 ? 0.1873 0.1458 0.0714 -0.0040 -0.0401 0.0033  101 GPN B N1    
300 C  C2    . GPN B 1 ? 0.2029 0.1428 0.0659 0.0009  -0.0552 0.0009  101 GPN B C2    
301 N  N2    . GPN B 1 ? 0.2241 0.1490 0.0995 0.0090  -0.0588 0.0329  101 GPN B N2    
302 N  N3    . GPN B 1 ? 0.2298 0.1334 0.0759 -0.0086 -0.0633 0.0131  101 GPN B N3    
303 C  C4    . GPN B 1 ? 0.2268 0.1612 0.0660 0.0361  -0.0764 0.0086  101 GPN B C4    
304 C  "C8'" . CPN B 2 ? 0.1981 0.1316 0.1117 -0.0234 -0.0371 0.0059  102 CPN B "C8'" 
305 C  "C7'" . CPN B 2 ? 0.2252 0.1138 0.0925 -0.0076 -0.0512 0.0284  102 CPN B "C7'" 
306 O  "O7'" . CPN B 2 ? 0.2414 0.1224 0.0709 -0.0025 -0.0603 0.0378  102 CPN B "O7'" 
307 C  "C5'" . CPN B 2 ? 0.1821 0.1243 0.1162 0.0035  -0.0528 0.0143  102 CPN B "C5'" 
308 C  C     . CPN B 2 ? 0.1711 0.1304 0.0822 -0.0214 -0.0419 0.0260  102 CPN B C     
309 O  O     . CPN B 2 ? 0.1991 0.1648 0.0921 -0.0087 -0.0736 0.0122  102 CPN B O     
310 N  "N4'" . CPN B 2 ? 0.2029 0.1405 0.0978 -0.0091 -0.0500 0.0144  102 CPN B "N4'" 
311 C  "C3'" . CPN B 2 ? 0.2049 0.1442 0.1119 0.0000  -0.0424 0.0107  102 CPN B "C3'" 
312 C  "C2'" . CPN B 2 ? 0.2374 0.1421 0.1262 0.0062  -0.0198 0.0389  102 CPN B "C2'" 
313 N  N     . CPN B 2 ? 0.2517 0.1497 0.1041 0.0047  -0.0485 0.0286  102 CPN B N     
314 N  N1    . CPN B 2 ? 0.1766 0.1197 0.1078 0.0088  -0.0402 0.0124  102 CPN B N1    
315 C  C2    . CPN B 2 ? 0.1536 0.1378 0.0761 -0.0063 -0.0531 0.0127  102 CPN B C2    
316 N  N3    . CPN B 2 ? 0.1878 0.1418 0.0866 0.0074  -0.0313 0.0107  102 CPN B N3    
317 C  C4    . CPN B 2 ? 0.1862 0.1767 0.1135 0.0206  -0.0357 0.0357  102 CPN B C4    
318 C  C5    . CPN B 2 ? 0.2021 0.1671 0.1057 0.0103  -0.0481 0.0284  102 CPN B C5    
319 C  C6    . CPN B 2 ? 0.2133 0.1105 0.0978 0.0185  -0.0539 0.0229  102 CPN B C6    
320 O  O2    . CPN B 2 ? 0.1691 0.1472 0.1108 0.0064  -0.0494 0.0114  102 CPN B O2    
321 N  N4    . CPN B 2 ? 0.1990 0.2037 0.1263 0.0163  -0.0346 0.0735  102 CPN B N4    
322 C  "C8'" A TPN B 3 ? 0.1296 0.1182 0.0590 0.0361  -0.0445 0.0191  103 TPN B "C8'" 
323 C  "C8'" B TPN B 3 ? 0.1143 0.1237 0.0722 -0.0019 -0.0454 0.0177  103 TPN B "C8'" 
324 C  "C7'" A TPN B 3 ? 0.1097 0.1498 0.0696 0.0235  -0.0577 0.0079  103 TPN B "C7'" 
325 C  "C7'" B TPN B 3 ? 0.1253 0.0873 0.0530 0.0139  -0.0205 0.0348  103 TPN B "C7'" 
326 O  "O7'" A TPN B 3 ? 0.1293 0.1355 0.0859 0.0035  -0.0272 0.0191  103 TPN B "O7'" 
327 O  "O7'" B TPN B 3 ? 0.1092 0.1237 0.0520 0.0182  -0.0282 0.0198  103 TPN B "O7'" 
328 C  "C5'" A TPN B 3 ? 0.1780 0.1314 0.0582 -0.0079 -0.0135 0.0032  103 TPN B "C5'" 
329 C  "C5'" B TPN B 3 ? 0.1473 0.1695 0.0892 0.0010  -0.0495 0.0270  103 TPN B "C5'" 
330 C  C     A TPN B 3 ? 0.1547 0.1426 0.1467 -0.0076 0.0007  0.0373  103 TPN B C     
331 C  C     B TPN B 3 ? 0.1206 0.1636 0.1525 -0.0048 -0.0479 0.0391  103 TPN B C     
332 O  O     A TPN B 3 ? 0.1441 0.1886 0.2030 0.0105  0.0048  -0.0040 103 TPN B O     
333 O  O     B TPN B 3 ? 0.2541 0.1046 0.1813 -0.0377 -0.0432 0.0231  103 TPN B O     
334 N  "N4'" A TPN B 3 ? 0.1349 0.1148 0.0623 -0.0048 -0.0360 0.0303  103 TPN B "N4'" 
335 N  "N4'" B TPN B 3 ? 0.1063 0.1697 0.0552 0.0214  -0.0364 0.0338  103 TPN B "N4'" 
336 C  "C3'" A TPN B 3 ? 0.1264 0.1548 0.0715 0.0072  -0.0300 0.0418  103 TPN B "C3'" 
337 C  "C3'" B TPN B 3 ? 0.1420 0.1259 0.0604 0.0011  -0.0315 0.0360  103 TPN B "C3'" 
338 C  "C2'" A TPN B 3 ? 0.1705 0.1415 0.0896 -0.0030 -0.0262 0.0364  103 TPN B "C2'" 
339 C  "C2'" B TPN B 3 ? 0.2386 0.1173 0.0692 0.0070  -0.0409 0.0552  103 TPN B "C2'" 
340 N  N     A TPN B 3 ? 0.1833 0.0930 0.0933 -0.0040 -0.0182 0.0445  103 TPN B N     
341 N  N     B TPN B 3 ? 0.1543 0.1391 0.0409 0.0025  -0.0412 0.0159  103 TPN B N     
342 N  N1    A TPN B 3 ? 0.1313 0.1313 0.0800 -0.0121 -0.0238 0.0272  103 TPN B N1    
343 N  N1    B TPN B 3 ? 0.1744 0.1356 0.0691 0.0033  -0.0216 -0.0104 103 TPN B N1    
344 C  C6    A TPN B 3 ? 0.1610 0.1227 0.0737 0.0051  -0.0373 0.0125  103 TPN B C6    
345 C  C6    B TPN B 3 ? 0.1394 0.1764 0.0990 -0.0034 -0.0597 0.0077  103 TPN B C6    
346 C  C2    A TPN B 3 ? 0.1127 0.1338 0.0638 0.0003  -0.0346 0.0231  103 TPN B C2    
347 C  C2    B TPN B 3 ? 0.1860 0.1385 0.0732 0.0139  -0.0085 -0.0268 103 TPN B C2    
348 O  O2    A TPN B 3 ? 0.1208 0.1625 0.0532 0.0155  -0.0494 0.0098  103 TPN B O2    
349 O  O2    B TPN B 3 ? 0.1867 0.1673 0.0381 -0.0021 -0.0386 0.0230  103 TPN B O2    
350 N  N3    A TPN B 3 ? 0.1141 0.1436 0.0816 0.0067  -0.0234 0.0078  103 TPN B N3    
351 N  N3    B TPN B 3 ? 0.1630 0.1082 0.0445 -0.0039 -0.0255 -0.0178 103 TPN B N3    
352 C  C4    A TPN B 3 ? 0.1294 0.1164 0.0848 0.0021  -0.0138 0.0231  103 TPN B C4    
353 C  C4    B TPN B 3 ? 0.2176 0.1497 0.0408 0.0422  0.0005  -0.0173 103 TPN B C4    
354 O  O4    A TPN B 3 ? 0.1450 0.1473 0.0682 0.0337  -0.0213 0.0277  103 TPN B O4    
355 O  O4    B TPN B 3 ? 0.1736 0.1862 0.0900 0.0466  -0.0219 -0.0114 103 TPN B O4    
356 C  C5    A TPN B 3 ? 0.1439 0.1128 0.0997 0.0143  -0.0479 0.0255  103 TPN B C5    
357 C  C5    B TPN B 3 ? 0.1797 0.1419 0.0968 0.0209  -0.0403 0.0172  103 TPN B C5    
358 C  C5M   A TPN B 3 ? 0.1871 0.1150 0.0735 0.0380  -0.0578 0.0117  103 TPN B C5M   
359 C  C5M   B TPN B 3 ? 0.1873 0.1382 0.1550 0.0173  -0.0461 0.0336  103 TPN B C5M   
360 C  "C8'" A GPN B 4 ? 0.1117 0.1380 0.1294 -0.0244 -0.0445 0.0009  104 GPN B "C8'" 
361 C  "C8'" B GPN B 4 ? 0.1185 0.0923 0.0879 -0.0229 -0.0367 0.0503  104 GPN B "C8'" 
362 C  "C7'" A GPN B 4 ? 0.1087 0.1402 0.1157 -0.0051 -0.0355 0.0220  104 GPN B "C7'" 
363 C  "C7'" B GPN B 4 ? 0.1378 0.1696 0.0999 -0.0147 -0.0262 0.0267  104 GPN B "C7'" 
364 O  "O7'" A GPN B 4 ? 0.1200 0.2040 0.0604 -0.0270 -0.0237 0.0128  104 GPN B "O7'" 
365 O  "O7'" B GPN B 4 ? 0.1332 0.2033 0.1421 -0.0190 -0.0551 -0.0324 104 GPN B "O7'" 
366 C  "C5'" A GPN B 4 ? 0.1237 0.1447 0.1570 0.0072  -0.0177 0.0247  104 GPN B "C5'" 
367 C  "C5'" B GPN B 4 ? 0.2252 0.1876 0.0819 -0.0052 -0.0172 0.0001  104 GPN B "C5'" 
368 C  C     A GPN B 4 ? 0.0886 0.1441 0.1171 -0.0195 0.0012  0.0046  104 GPN B C     
369 C  C     B GPN B 4 ? 0.1682 0.1827 0.2122 -0.0071 -0.0234 -0.0129 104 GPN B C     
370 O  O     A GPN B 4 ? 0.1202 0.1152 0.1434 -0.0167 -0.0076 0.0081  104 GPN B O     
371 O  O     B GPN B 4 ? 0.2639 0.2414 0.3062 -0.0297 -0.0125 -0.0994 104 GPN B O     
372 N  "N4'" A GPN B 4 ? 0.1325 0.1113 0.1666 0.0142  -0.0338 0.0185  104 GPN B "N4'" 
373 N  "N4'" B GPN B 4 ? 0.1375 0.1943 0.0875 -0.0028 -0.0206 0.0219  104 GPN B "N4'" 
374 C  "C3'" A GPN B 4 ? 0.1131 0.1164 0.1753 0.0182  -0.0276 0.0583  104 GPN B "C3'" 
375 C  "C3'" B GPN B 4 ? 0.1394 0.1600 0.1235 0.0077  -0.0099 -0.0197 104 GPN B "C3'" 
376 C  "C2'" A GPN B 4 ? 0.1493 0.1057 0.1867 0.0122  -0.0047 0.0657  104 GPN B "C2'" 
377 C  "C2'" B GPN B 4 ? 0.1530 0.1465 0.2128 0.0190  0.0272  0.0193  104 GPN B "C2'" 
378 N  N     A GPN B 4 ? 0.1518 0.0934 0.1646 0.0174  -0.0339 0.0321  104 GPN B N     
379 N  N     B GPN B 4 ? 0.1280 0.1382 0.1252 -0.0207 0.0036  0.0506  104 GPN B N     
380 N  N9    A GPN B 4 ? 0.0935 0.1064 0.1259 -0.0102 -0.0450 0.0144  104 GPN B N9    
381 N  N9    B GPN B 4 ? 0.1056 0.0853 0.0823 -0.0221 -0.0562 0.0203  104 GPN B N9    
382 C  C8    A GPN B 4 ? 0.1119 0.0848 0.0937 -0.0239 -0.0298 -0.0114 104 GPN B C8    
383 C  C8    B GPN B 4 ? 0.1015 0.0767 0.0631 -0.0278 -0.0482 0.0002  104 GPN B C8    
384 N  N7    A GPN B 4 ? 0.1260 0.0704 0.0612 -0.0204 -0.0356 0.0148  104 GPN B N7    
385 N  N7    B GPN B 4 ? 0.1008 0.1063 0.0915 -0.0437 -0.0448 0.0361  104 GPN B N7    
386 C  C5    A GPN B 4 ? 0.1164 0.0652 0.0594 -0.0278 -0.0263 0.0142  104 GPN B C5    
387 C  C5    B GPN B 4 ? 0.0934 0.1059 0.0707 -0.0345 -0.0539 0.0145  104 GPN B C5    
388 C  C6    A GPN B 4 ? 0.0927 0.0888 0.0654 -0.0261 -0.0366 0.0235  104 GPN B C6    
389 C  C6    B GPN B 4 ? 0.1050 0.0888 0.1030 -0.0241 -0.0569 0.0286  104 GPN B C6    
390 O  O6    A GPN B 4 ? 0.1049 0.1141 0.0571 -0.0082 -0.0384 0.0254  104 GPN B O6    
391 O  O6    B GPN B 4 ? 0.1132 0.1426 0.0994 -0.0054 -0.0416 0.0324  104 GPN B O6    
392 N  N1    A GPN B 4 ? 0.0926 0.0971 0.0877 -0.0170 -0.0272 0.0350  104 GPN B N1    
393 N  N1    B GPN B 4 ? 0.0871 0.0836 0.1005 -0.0029 -0.0662 0.0187  104 GPN B N1    
394 C  C2    A GPN B 4 ? 0.1037 0.0990 0.0867 -0.0113 -0.0557 0.0290  104 GPN B C2    
395 C  C2    B GPN B 4 ? 0.0728 0.1024 0.1295 -0.0242 -0.0661 0.0058  104 GPN B C2    
396 N  N2    A GPN B 4 ? 0.1165 0.1211 0.0949 0.0013  -0.0231 0.0489  104 GPN B N2    
397 N  N2    B GPN B 4 ? 0.1334 0.1118 0.0965 -0.0032 -0.0346 0.0188  104 GPN B N2    
398 N  N3    A GPN B 4 ? 0.0990 0.1018 0.0847 -0.0027 -0.0434 0.0264  104 GPN B N3    
399 N  N3    B GPN B 4 ? 0.1026 0.0939 0.1074 -0.0351 -0.0555 0.0171  104 GPN B N3    
400 C  C4    A GPN B 4 ? 0.0622 0.1011 0.1122 -0.0122 -0.0564 0.0248  104 GPN B C4    
401 C  C4    B GPN B 4 ? 0.1120 0.0824 0.0992 -0.0376 -0.0468 0.0074  104 GPN B C4    
402 C  "C8'" A CPN B 5 ? 0.1088 0.1478 0.1339 0.0188  -0.0549 0.0044  105 CPN B "C8'" 
403 C  "C8'" B CPN B 5 ? 0.0845 0.1888 0.0569 -0.0021 -0.0084 0.0349  105 CPN B "C8'" 
404 C  "C7'" A CPN B 5 ? 0.1301 0.2050 0.0795 -0.0081 -0.0296 -0.0048 105 CPN B "C7'" 
405 C  "C7'" B CPN B 5 ? 0.1569 0.1894 0.1256 -0.0048 -0.0269 0.0160  105 CPN B "C7'" 
406 O  "O7'" A CPN B 5 ? 0.1325 0.2324 0.1304 0.0167  -0.0640 -0.0277 105 CPN B "O7'" 
407 O  "O7'" B CPN B 5 ? 0.1367 0.2251 0.0801 -0.0034 -0.0149 -0.0123 105 CPN B "O7'" 
408 C  "C5'" A CPN B 5 ? 0.1540 0.2060 0.1385 -0.0092 -0.0504 -0.0242 105 CPN B "C5'" 
409 C  "C5'" B CPN B 5 ? 0.2031 0.1697 0.2250 0.0140  0.0006  -0.0030 105 CPN B "C5'" 
410 C  C     A CPN B 5 ? 0.1987 0.1672 0.1607 -0.0205 -0.0347 -0.0360 105 CPN B C     
411 C  C     B CPN B 5 ? 0.1439 0.2053 0.2266 -0.0081 -0.0480 0.0181  105 CPN B C     
412 O  O     A CPN B 5 ? 0.2208 0.1943 0.1920 0.0117  -0.0873 -0.0515 105 CPN B O     
413 O  O     B CPN B 5 ? 0.2451 0.2112 0.2346 0.0034  -0.0517 -0.0265 105 CPN B O     
414 N  "N4'" A CPN B 5 ? 0.1276 0.1770 0.1285 -0.0286 -0.0276 -0.0180 105 CPN B "N4'" 
415 N  "N4'" B CPN B 5 ? 0.1826 0.1677 0.2070 0.0066  -0.0318 0.0080  105 CPN B "N4'" 
416 C  "C3'" A CPN B 5 ? 0.1426 0.1093 0.1455 -0.0149 -0.0132 -0.0524 105 CPN B "C3'" 
417 C  "C3'" B CPN B 5 ? 0.1309 0.1194 0.2426 0.0026  0.0172  -0.0188 105 CPN B "C3'" 
418 C  "C2'" A CPN B 5 ? 0.1654 0.1268 0.1222 0.0103  0.0007  -0.0206 105 CPN B "C2'" 
419 C  "C2'" B CPN B 5 ? 0.1097 0.1407 0.2661 0.0439  0.0045  0.0112  105 CPN B "C2'" 
420 N  N     A CPN B 5 ? 0.1549 0.1343 0.1490 -0.0183 -0.0088 -0.0036 105 CPN B N     
421 N  N     B CPN B 5 ? 0.0739 0.1785 0.1964 -0.0270 -0.0119 0.0078  105 CPN B N     
422 N  N1    A CPN B 5 ? 0.1042 0.1561 0.1318 0.0263  -0.0331 0.0160  105 CPN B N1    
423 N  N1    B CPN B 5 ? 0.0977 0.1820 0.0828 0.0137  -0.0401 -0.0041 105 CPN B N1    
424 C  C2    A CPN B 5 ? 0.1191 0.1293 0.1134 -0.0012 -0.0457 0.0009  105 CPN B C2    
425 C  C2    B CPN B 5 ? 0.1157 0.1609 0.0905 -0.0013 -0.0416 0.0149  105 CPN B C2    
426 N  N3    A CPN B 5 ? 0.1354 0.1417 0.1127 0.0185  -0.0492 -0.0080 105 CPN B N3    
427 N  N3    B CPN B 5 ? 0.1220 0.1612 0.0621 0.0040  -0.0533 0.0131  105 CPN B N3    
428 C  C4    A CPN B 5 ? 0.0991 0.1455 0.0942 0.0041  -0.0707 -0.0157 105 CPN B C4    
429 C  C4    B CPN B 5 ? 0.1311 0.1720 0.0555 0.0302  -0.0437 0.0227  105 CPN B C4    
430 C  C5    A CPN B 5 ? 0.1134 0.1667 0.1116 0.0290  -0.0303 0.0252  105 CPN B C5    
431 C  C5    B CPN B 5 ? 0.0973 0.1155 0.1766 -0.0199 -0.0065 -0.0083 105 CPN B C5    
432 C  C6    A CPN B 5 ? 0.1140 0.1359 0.1082 -0.0004 -0.0353 -0.0029 105 CPN B C6    
433 C  C6    B CPN B 5 ? 0.1045 0.1904 0.0806 0.0120  -0.0162 0.0059  105 CPN B C6    
434 O  O2    A CPN B 5 ? 0.1333 0.1759 0.0822 0.0045  -0.0417 0.0340  105 CPN B O2    
435 O  O2    B CPN B 5 ? 0.1820 0.1499 0.1340 0.0099  -0.0331 0.0285  105 CPN B O2    
436 N  N4    A CPN B 5 ? 0.1208 0.1220 0.1267 0.0094  -0.0126 0.0091  105 CPN B N4    
437 N  N4    B CPN B 5 ? 0.1532 0.1230 0.0903 0.0037  -0.0588 -0.0120 105 CPN B N4    
438 C  "C8'" A TPN B 6 ? 0.1549 0.1709 0.1612 0.0218  -0.0538 0.0069  106 TPN B "C8'" 
439 C  "C8'" B TPN B 6 ? 0.1050 0.2165 0.1496 -0.0158 -0.0064 0.0601  106 TPN B "C8'" 
440 C  "C7'" A TPN B 6 ? 0.1268 0.1661 0.1736 0.0104  -0.0450 0.0148  106 TPN B "C7'" 
441 C  "C7'" B TPN B 6 ? 0.0927 0.2212 0.1927 -0.0041 -0.0135 0.0529  106 TPN B "C7'" 
442 O  "O7'" A TPN B 6 ? 0.1019 0.1669 0.1700 0.0009  -0.0483 0.0030  106 TPN B "O7'" 
443 O  "O7'" B TPN B 6 ? 0.1202 0.2001 0.2024 0.0294  -0.0432 0.0141  106 TPN B "O7'" 
444 C  "C5'" A TPN B 6 ? 0.1861 0.1885 0.1497 -0.0345 -0.0247 0.0169  106 TPN B "C5'" 
445 C  "C5'" B TPN B 6 ? 0.1872 0.1720 0.2007 0.0387  0.0364  0.0351  106 TPN B "C5'" 
446 C  C     A TPN B 6 ? 0.1573 0.1277 0.1900 -0.0027 -0.0552 0.0122  106 TPN B C     
447 C  C     B TPN B 6 ? 0.1288 0.1753 0.2683 0.0577  0.0110  0.0518  106 TPN B C     
448 O  O     A TPN B 6 ? 0.1493 0.1767 0.2793 -0.0315 -0.0832 0.0216  106 TPN B O     
449 O  O     B TPN B 6 ? 0.1238 0.2098 0.2980 0.0297  0.0199  0.0433  106 TPN B O     
450 N  "N4'" A TPN B 6 ? 0.1469 0.1579 0.1591 -0.0056 -0.0355 0.0317  106 TPN B "N4'" 
451 N  "N4'" B TPN B 6 ? 0.1607 0.2213 0.1991 0.0370  -0.0126 0.0321  106 TPN B "N4'" 
452 C  "C3'" A TPN B 6 ? 0.1049 0.2288 0.2325 0.0206  -0.0669 0.0400  106 TPN B "C3'" 
453 C  "C3'" B TPN B 6 ? 0.1516 0.1598 0.2631 0.0153  -0.0320 0.0796  106 TPN B "C3'" 
454 C  "C2'" A TPN B 6 ? 0.1722 0.2230 0.2323 0.0188  -0.0437 -0.0268 106 TPN B "C2'" 
455 C  "C2'" B TPN B 6 ? 0.1871 0.1836 0.1581 0.0011  -0.0099 0.0606  106 TPN B "C2'" 
456 N  N     A TPN B 6 ? 0.1834 0.1834 0.1510 0.0016  -0.0289 -0.0253 106 TPN B N     
457 N  N     B TPN B 6 ? 0.1522 0.1830 0.2320 -0.0160 -0.0003 0.0604  106 TPN B N     
458 N  N1    A TPN B 6 ? 0.1539 0.1583 0.1637 0.0072  -0.0556 0.0293  106 TPN B N1    
459 N  N1    B TPN B 6 ? 0.0870 0.1886 0.1144 -0.0454 -0.0731 0.0359  106 TPN B N1    
460 C  C6    A TPN B 6 ? 0.1479 0.1561 0.1532 -0.0360 -0.0565 -0.0247 106 TPN B C6    
461 C  C6    B TPN B 6 ? 0.1097 0.2163 0.1448 0.0201  -0.0608 0.0770  106 TPN B C6    
462 C  C2    A TPN B 6 ? 0.1702 0.1608 0.0872 -0.0251 -0.0599 0.0158  106 TPN B C2    
463 C  C2    B TPN B 6 ? 0.1201 0.1462 0.1553 -0.0039 -0.0762 0.0521  106 TPN B C2    
464 O  O2    A TPN B 6 ? 0.1274 0.1753 0.0935 0.0175  -0.0428 0.0275  106 TPN B O2    
465 O  O2    B TPN B 6 ? 0.1498 0.1642 0.1397 -0.0239 -0.0769 0.0250  106 TPN B O2    
466 N  N3    A TPN B 6 ? 0.1321 0.1779 0.1535 -0.0235 -0.0545 -0.0060 106 TPN B N3    
467 N  N3    B TPN B 6 ? 0.1704 0.1378 0.0699 -0.0126 -0.0737 0.0347  106 TPN B N3    
468 C  C4    A TPN B 6 ? 0.1460 0.1320 0.2066 -0.0342 -0.0751 -0.0009 106 TPN B C4    
469 C  C4    B TPN B 6 ? 0.1524 0.1325 0.1152 -0.0022 -0.0794 0.0672  106 TPN B C4    
470 O  O4    A TPN B 6 ? 0.1752 0.1576 0.1717 -0.0356 -0.0657 0.0287  106 TPN B O4    
471 O  O4    B TPN B 6 ? 0.1497 0.1672 0.0926 0.0107  -0.0744 0.0504  106 TPN B O4    
472 C  C5    A TPN B 6 ? 0.1385 0.1937 0.1690 -0.0232 -0.0599 0.0307  106 TPN B C5    
473 C  C5    B TPN B 6 ? 0.0898 0.2021 0.1480 0.0035  -0.0742 0.0770  106 TPN B C5    
474 C  C5M   A TPN B 6 ? 0.1449 0.2047 0.2219 -0.0531 -0.0665 0.0520  106 TPN B C5M   
475 C  C5M   B TPN B 6 ? 0.1548 0.2149 0.1425 -0.0098 -0.0434 0.0697  106 TPN B C5M   
476 C  "C8'" A GPN B 7 ? 0.1382 0.1445 0.0682 0.0084  -0.0210 0.0164  107 GPN B "C8'" 
477 C  "C8'" B GPN B 7 ? 0.1238 0.1149 0.1438 -0.0118 -0.0299 -0.0129 107 GPN B "C8'" 
478 C  "C7'" A GPN B 7 ? 0.1489 0.1203 0.1129 0.0161  -0.0530 0.0338  107 GPN B "C7'" 
479 C  "C7'" B GPN B 7 ? 0.1266 0.1196 0.1738 -0.0132 -0.0559 0.0180  107 GPN B "C7'" 
480 O  "O7'" A GPN B 7 ? 0.1193 0.1627 0.1006 -0.0192 -0.0597 0.0309  107 GPN B "O7'" 
481 O  "O7'" B GPN B 7 ? 0.1588 0.1551 0.1417 -0.0074 -0.0431 0.0257  107 GPN B "O7'" 
482 C  "C5'" A GPN B 7 ? 0.1510 0.1411 0.2323 -0.0475 -0.0086 0.0279  107 GPN B "C5'" 
483 C  "C5'" B GPN B 7 ? 0.1311 0.1500 0.1979 -0.0096 -0.0505 0.0468  107 GPN B "C5'" 
484 C  C     A GPN B 7 ? 0.1394 0.1294 0.1616 -0.0223 -0.0115 0.0336  107 GPN B C     
485 C  C     B GPN B 7 ? 0.1677 0.0760 0.1859 0.0136  -0.0802 0.0678  107 GPN B C     
486 O  O     A GPN B 7 ? 0.1769 0.1556 0.1014 0.0003  -0.0370 0.0419  107 GPN B O     
487 O  O     B GPN B 7 ? 0.1748 0.2298 0.1178 -0.0022 -0.0763 0.0606  107 GPN B O     
488 N  "N4'" A GPN B 7 ? 0.1402 0.1242 0.1422 -0.0128 -0.0237 0.0397  107 GPN B "N4'" 
489 N  "N4'" B GPN B 7 ? 0.1574 0.1266 0.1635 0.0117  -0.0646 0.0594  107 GPN B "N4'" 
490 C  "C3'" A GPN B 7 ? 0.1949 0.1103 0.0978 -0.0066 0.0198  0.0311  107 GPN B "C3'" 
491 C  "C3'" B GPN B 7 ? 0.1363 0.1461 0.2714 0.0437  -0.1005 0.0869  107 GPN B "C3'" 
492 C  "C2'" A GPN B 7 ? 0.1554 0.1095 0.2126 0.0061  -0.0309 0.0392  107 GPN B "C2'" 
493 C  "C2'" B GPN B 7 ? 0.1901 0.1167 0.3189 0.0174  -0.0587 0.0527  107 GPN B "C2'" 
494 N  N     A GPN B 7 ? 0.1371 0.1242 0.1707 0.0287  -0.0430 0.0566  107 GPN B N     
495 N  N     B GPN B 7 ? 0.2335 0.1138 0.2691 0.0241  -0.0213 0.0347  107 GPN B N     
496 N  N9    A GPN B 7 ? 0.1452 0.1379 0.0737 0.0089  -0.0324 0.0015  107 GPN B N9    
497 N  N9    B GPN B 7 ? 0.0912 0.1332 0.0985 0.0108  -0.0561 0.0027  107 GPN B N9    
498 C  C8    A GPN B 7 ? 0.1657 0.1295 0.0847 -0.0059 -0.0165 -0.0419 107 GPN B C8    
499 C  C8    B GPN B 7 ? 0.1228 0.1163 0.0744 -0.0141 -0.0329 -0.0140 107 GPN B C8    
500 N  N7    A GPN B 7 ? 0.1238 0.1637 0.0407 0.0200  -0.0379 0.0027  107 GPN B N7    
501 N  N7    B GPN B 7 ? 0.0947 0.1118 0.1154 -0.0078 -0.0341 -0.0078 107 GPN B N7    
502 C  C5    A GPN B 7 ? 0.1146 0.1413 0.0792 0.0189  -0.0322 0.0095  107 GPN B C5    
503 C  C5    B GPN B 7 ? 0.0882 0.1153 0.0918 -0.0096 -0.0414 -0.0131 107 GPN B C5    
504 C  C6    A GPN B 7 ? 0.0637 0.1584 0.0940 0.0093  -0.0228 0.0284  107 GPN B C6    
505 C  C6    B GPN B 7 ? 0.1428 0.1397 0.0496 0.0231  -0.0200 -0.0249 107 GPN B C6    
506 O  O6    A GPN B 7 ? 0.1184 0.1521 0.1012 -0.0296 -0.0430 0.0539  107 GPN B O6    
507 O  O6    B GPN B 7 ? 0.1072 0.1875 0.0941 0.0337  -0.0281 0.0488  107 GPN B O6    
508 N  N1    A GPN B 7 ? 0.0991 0.1546 0.0466 0.0062  -0.0262 0.0216  107 GPN B N1    
509 N  N1    B GPN B 7 ? 0.1238 0.1406 0.0912 0.0308  -0.0077 -0.0021 107 GPN B N1    
510 C  C2    A GPN B 7 ? 0.1154 0.1458 0.0690 0.0057  -0.0335 0.0334  107 GPN B C2    
511 C  C2    B GPN B 7 ? 0.1212 0.1186 0.0926 -0.0013 -0.0280 -0.0269 107 GPN B C2    
512 N  N2    A GPN B 7 ? 0.1600 0.1632 0.0686 0.0345  -0.0173 0.0428  107 GPN B N2    
513 N  N2    B GPN B 7 ? 0.1259 0.1301 0.1043 0.0194  -0.0202 0.0092  107 GPN B N2    
514 N  N3    A GPN B 7 ? 0.1432 0.1394 0.0414 -0.0093 -0.0304 0.0032  107 GPN B N3    
515 N  N3    B GPN B 7 ? 0.0984 0.1386 0.0624 0.0073  -0.0492 0.0029  107 GPN B N3    
516 C  C4    A GPN B 7 ? 0.1273 0.1310 0.0810 0.0141  -0.0201 0.0051  107 GPN B C4    
517 C  C4    B GPN B 7 ? 0.1386 0.1067 0.0513 0.0061  -0.0259 -0.0180 107 GPN B C4    
518 C  "C8'" A CPN B 8 ? 0.1205 0.1259 0.0915 -0.0005 -0.0141 0.0274  108 CPN B "C8'" 
519 C  "C8'" B CPN B 8 ? 0.0810 0.1339 0.0577 0.0291  -0.0349 0.0130  108 CPN B "C8'" 
520 C  "C7'" A CPN B 8 ? 0.1587 0.0814 0.0568 0.0177  -0.0163 0.0135  108 CPN B "C7'" 
521 C  "C7'" B CPN B 8 ? 0.0956 0.0966 0.0861 0.0428  -0.0364 0.0213  108 CPN B "C7'" 
522 O  "O7'" A CPN B 8 ? 0.1445 0.1169 0.0420 0.0219  -0.0262 -0.0011 108 CPN B "O7'" 
523 O  "O7'" B CPN B 8 ? 0.1221 0.1150 0.0585 0.0376  -0.0273 0.0098  108 CPN B "O7'" 
524 C  "C5'" A CPN B 8 ? 0.1378 0.1301 0.1393 -0.0129 -0.0325 0.0200  108 CPN B "C5'" 
525 C  "C5'" B CPN B 8 ? 0.1356 0.1817 0.0714 -0.0028 -0.0156 0.0112  108 CPN B "C5'" 
526 C  C     A CPN B 8 ? 0.1197 0.1515 0.1645 -0.0410 -0.0510 0.0386  108 CPN B C     
527 C  C     B CPN B 8 ? 0.1628 0.2124 0.0791 0.0134  -0.0245 0.0557  108 CPN B C     
528 O  O     A CPN B 8 ? 0.1717 0.1540 0.1837 0.0160  -0.0082 0.0680  108 CPN B O     
529 O  O     B CPN B 8 ? 0.1312 0.1871 0.1029 0.0329  -0.0387 0.0729  108 CPN B O     
530 O  OXT   A CPN B 8 ? 0.1639 0.2841 0.2347 0.0121  -0.1344 0.0095  108 CPN B OXT   
531 O  OXT   B CPN B 8 ? 0.2544 0.3471 0.1760 -0.0904 -0.0295 -0.0595 108 CPN B OXT   
532 N  "N4'" A CPN B 8 ? 0.1584 0.0713 0.0680 0.0122  -0.0236 0.0308  108 CPN B "N4'" 
533 N  "N4'" B CPN B 8 ? 0.1052 0.1340 0.0903 0.0241  -0.0381 0.0370  108 CPN B "N4'" 
534 C  "C3'" A CPN B 8 ? 0.1323 0.1214 0.1006 -0.0038 -0.0421 0.0765  108 CPN B "C3'" 
535 C  "C3'" B CPN B 8 ? 0.2035 0.1231 0.0690 0.0135  0.0227  0.0432  108 CPN B "C3'" 
536 C  "C2'" A CPN B 8 ? 0.1754 0.1125 0.1167 0.0303  -0.0209 0.0518  108 CPN B "C2'" 
537 C  "C2'" B CPN B 8 ? 0.1756 0.1584 0.0724 0.0294  -0.0297 0.0643  108 CPN B "C2'" 
538 N  N     A CPN B 8 ? 0.1467 0.1072 0.1401 0.0208  -0.0547 0.0247  108 CPN B N     
539 N  N     B CPN B 8 ? 0.1617 0.1306 0.2010 0.0140  0.0183  0.0859  108 CPN B N     
540 N  N1    A CPN B 8 ? 0.0888 0.1437 0.0668 0.0082  -0.0425 0.0336  108 CPN B N1    
541 N  N1    B CPN B 8 ? 0.1152 0.1038 0.1003 0.0225  -0.0250 -0.0020 108 CPN B N1    
542 C  C2    A CPN B 8 ? 0.1533 0.1543 0.0602 -0.0028 -0.0390 -0.0208 108 CPN B C2    
543 C  C2    B CPN B 8 ? 0.0760 0.1095 0.1113 0.0300  -0.0247 0.0191  108 CPN B C2    
544 N  N3    A CPN B 8 ? 0.1435 0.1564 0.0714 -0.0086 -0.0383 0.0087  108 CPN B N3    
545 N  N3    B CPN B 8 ? 0.1022 0.1100 0.1162 0.0195  -0.0287 0.0322  108 CPN B N3    
546 C  C4    A CPN B 8 ? 0.1227 0.1283 0.0700 0.0032  -0.0497 0.0143  108 CPN B C4    
547 C  C4    B CPN B 8 ? 0.0974 0.1381 0.0908 -0.0052 -0.0488 0.0204  108 CPN B C4    
548 C  C5    A CPN B 8 ? 0.1417 0.1466 0.0692 0.0012  -0.0497 0.0308  108 CPN B C5    
549 C  C5    B CPN B 8 ? 0.1338 0.1345 0.0581 0.0092  -0.0464 -0.0086 108 CPN B C5    
550 C  C6    A CPN B 8 ? 0.1043 0.1648 0.0839 -0.0116 -0.0194 0.0329  108 CPN B C6    
551 C  C6    B CPN B 8 ? 0.0866 0.1354 0.0972 0.0445  -0.0334 0.0179  108 CPN B C6    
552 O  O2    A CPN B 8 ? 0.1734 0.1103 0.0627 -0.0004 -0.0183 -0.0009 108 CPN B O2    
553 O  O2    B CPN B 8 ? 0.1312 0.1457 0.1186 0.0506  -0.0050 0.0050  108 CPN B O2    
554 N  N4    A CPN B 8 ? 0.1664 0.1555 0.0714 -0.0005 -0.0443 0.0292  108 CPN B N4    
555 N  N4    B CPN B 8 ? 0.1165 0.1635 0.1271 0.0203  -0.0420 0.0634  108 CPN B N4    
556 CL CL    . CL  C . ? 0.5982 0.5473 0.6131 -0.0987 0.0457  0.1706  101 CL  A CL    
557 CL CL    . CL  D . ? 0.7501 0.4860 0.5709 0.0457  -0.0376 0.1291  201 CL  B CL    
558 O  O     A HOH E . ? 0.1989 0.4064 0.1483 0.0556  -0.0736 0.0188  201 HOH A O     
559 O  O     B HOH E . ? 0.1731 0.2539 0.1871 0.0646  -0.0857 0.0015  201 HOH A O     
560 O  O     . HOH E . ? 0.4281 0.4979 0.5586 0.0428  0.2439  0.0433  202 HOH A O     
561 O  O     . HOH E . ? 0.7287 0.1963 0.1440 -0.0658 0.1191  -0.0059 203 HOH A O     
562 O  O     . HOH E . ? 0.3033 0.3680 0.4400 -0.0585 0.0365  -0.1887 204 HOH A O     
563 O  O     . HOH E . ? 0.3389 0.3012 0.7033 0.0329  0.1080  -0.1232 205 HOH A O     
564 O  O     . HOH E . ? 0.3334 0.4336 0.3358 -0.0450 0.0319  -0.1196 206 HOH A O     
565 O  O     . HOH E . ? 0.5693 0.3601 0.2479 0.0714  -0.0067 0.0345  207 HOH A O     
566 O  O     . HOH E . ? 0.2729 0.3925 0.2214 0.0305  -0.0169 -0.1099 208 HOH A O     
567 O  O     . HOH E . ? 0.6680 0.3051 0.1929 -0.0515 0.0867  0.0166  209 HOH A O     
568 O  O     . HOH E . ? 0.3579 0.2642 0.2432 0.0564  -0.1443 -0.0278 210 HOH A O     
569 O  O     . HOH E . ? 0.4184 0.3456 0.1804 0.0727  -0.0703 0.0729  211 HOH A O     
570 O  O     . HOH E . ? 0.2815 0.5579 0.3518 -0.0781 0.0122  0.0048  212 HOH A O     
571 O  O     A HOH E . ? 0.2646 0.3815 0.4003 -0.0271 0.1620  0.1124  213 HOH A O     
572 O  O     B HOH E . ? 0.2702 0.2618 0.1393 -0.0241 0.0822  0.0055  213 HOH A O     
573 O  O     . HOH E . ? 0.6503 0.3593 0.1422 0.1318  -0.1228 -0.0209 214 HOH A O     
574 O  O     A HOH E . ? 0.1929 0.2640 0.1942 0.0897  -0.0331 0.0419  215 HOH A O     
575 O  O     B HOH E . ? 0.1766 0.1970 0.1674 -0.0069 -0.0366 0.0813  215 HOH A O     
576 O  O     A HOH E . ? 0.2105 0.3536 0.5621 -0.0421 0.0698  0.1475  216 HOH A O     
577 O  O     B HOH E . ? 0.5427 0.2214 0.2258 0.0490  -0.1037 -0.0236 216 HOH A O     
578 O  O     . HOH E . ? 0.4825 0.2940 0.1714 -0.0275 0.0804  0.0249  217 HOH A O     
579 O  O     B HOH E . ? 0.3318 0.2673 0.2885 -0.0611 -0.1475 0.1720  218 HOH A O     
580 O  O     . HOH E . ? 0.3594 0.3043 0.3948 -0.0076 -0.0257 0.0874  219 HOH A O     
581 O  O     . HOH E . ? 0.2969 0.2803 0.1613 -0.0304 -0.0493 -0.0169 220 HOH A O     
582 O  O     . HOH E . ? 0.3605 0.3288 0.3101 -0.1248 0.0487  -0.0937 221 HOH A O     
583 O  O     . HOH E . ? 0.4785 0.2214 0.3478 0.0131  0.1378  0.0385  222 HOH A O     
584 O  O     . HOH E . ? 0.3735 0.3405 0.3964 -0.0044 0.0485  -0.0925 223 HOH A O     
585 O  O     . HOH E . ? 0.3811 0.2252 0.3305 -0.0010 -0.0351 0.0285  224 HOH A O     
586 O  O     A HOH E . ? 0.2440 0.2440 0.0749 0.1183  -0.0239 0.0724  225 HOH A O     
587 O  O     . HOH E . ? 0.2712 0.2259 0.2507 -0.0163 -0.0878 -0.0090 226 HOH A O     
588 O  O     A HOH E . ? 0.6485 0.1987 0.1818 0.0705  -0.1947 0.0132  227 HOH A O     
589 O  O     . HOH E . ? 0.3983 0.2251 0.3243 -0.1097 0.0710  -0.0455 228 HOH A O     
590 O  O     . HOH E . ? 0.7079 0.3432 0.2526 -0.0100 0.0918  0.0482  229 HOH A O     
591 O  O     . HOH E . ? 0.4726 0.5518 0.1604 -0.2250 -0.0201 0.1077  230 HOH A O     
592 O  O     . HOH E . ? 0.3337 0.3793 0.2957 0.1597  -0.1803 -0.1125 231 HOH A O     
593 O  O     . HOH E . ? 0.2752 0.3670 0.1836 -0.0461 -0.0405 0.1146  232 HOH A O     
594 O  O     . HOH E . ? 0.2150 0.7272 0.1619 0.1161  -0.0570 -0.0560 233 HOH A O     
595 O  O     A HOH E . ? 0.1662 0.2118 0.1371 0.0211  -0.0149 0.0143  234 HOH A O     
596 O  O     B HOH E . ? 0.2390 0.5301 0.3782 -0.1100 -0.0410 -0.1693 234 HOH A O     
597 O  O     . HOH E . ? 0.7017 0.4173 0.5321 -0.0413 -0.0422 -0.0719 235 HOH A O     
598 O  O     . HOH E . ? 0.6212 0.2954 0.3276 -0.1073 -0.1927 0.1012  236 HOH A O     
599 O  O     A HOH E . ? 0.4573 0.3896 0.1416 -0.0804 0.0122  0.0057  237 HOH A O     
600 O  O     B HOH E . ? 0.5304 0.3071 0.1354 -0.0418 0.0468  0.0196  237 HOH A O     
601 O  O     A HOH E . ? 0.3079 0.2896 0.1827 0.0111  0.0740  0.0630  238 HOH A O     
602 O  O     B HOH E . ? 0.1970 0.2093 0.2226 -0.0083 0.0626  0.0222  238 HOH A O     
603 O  O     . HOH E . ? 0.3451 0.3517 0.2687 0.0696  0.0294  -0.0451 239 HOH A O     
604 O  O     . HOH E . ? 0.3933 0.3536 0.1360 -0.0823 0.0382  0.0040  240 HOH A O     
605 O  O     . HOH E . ? 0.3361 0.2290 0.1674 -0.0137 0.0335  0.0024  241 HOH A O     
606 O  O     A HOH E . ? 0.2078 0.1472 0.1346 0.0164  -0.0107 0.0907  242 HOH A O     
607 O  O     B HOH E . ? 0.1838 0.1526 0.1717 0.0011  0.0136  0.0303  242 HOH A O     
608 O  O     A HOH E . ? 0.2666 0.3092 0.1922 0.0671  0.1099  0.0929  243 HOH A O     
609 O  O     B HOH E . ? 0.2737 0.1731 0.1714 -0.0344 -0.0941 0.0160  243 HOH A O     
610 O  O     . HOH E . ? 0.6026 0.4369 0.2250 -0.1793 0.1314  -0.0743 244 HOH A O     
611 O  O     A HOH E . ? 0.2911 0.2896 0.4574 0.0715  0.2014  0.0950  245 HOH A O     
612 O  O     B HOH E . ? 0.1926 0.5583 0.2091 0.0478  -0.0842 0.1653  245 HOH A O     
613 O  O     . HOH E . ? 0.6464 0.4714 0.6998 -0.0403 -0.0550 0.0762  246 HOH A O     
614 O  O     . HOH E . ? 0.2435 0.5838 0.4417 0.0461  -0.0136 0.2342  247 HOH A O     
615 O  O     . HOH E . ? 0.4529 0.3824 0.2131 0.0390  -0.0421 0.0104  248 HOH A O     
616 O  O     . HOH E . ? 0.3659 0.2418 0.2676 0.0441  -0.0633 -0.0492 249 HOH A O     
617 O  O     . HOH E . ? 0.5840 0.1845 0.5273 0.0253  0.1322  0.0088  250 HOH A O     
618 O  O     . HOH E . ? 0.4941 0.6798 0.4639 -0.1338 -0.0644 -0.0920 251 HOH A O     
619 O  O     . HOH E . ? 0.4839 0.3330 0.1906 0.1804  0.0146  0.1536  252 HOH A O     
620 O  O     B HOH E . ? 0.2312 0.2129 0.1072 0.0472  -0.0442 0.0707  253 HOH A O     
621 O  O     . HOH E . ? 0.2937 0.5355 0.2995 -0.1169 0.1007  -0.1880 254 HOH A O     
622 O  O     . HOH E . ? 0.4022 0.3122 0.7326 -0.0499 -0.0461 0.0903  255 HOH A O     
623 O  O     . HOH E . ? 0.4014 0.4546 0.4156 -0.1004 0.0994  -0.1323 256 HOH A O     
624 O  O     . HOH E . ? 0.5513 0.2524 0.3244 0.2097  -0.0752 -0.0252 257 HOH A O     
625 O  O     . HOH E . ? 0.4402 0.4613 0.2858 -0.0831 -0.2090 0.0575  258 HOH A O     
626 O  O     . HOH F . ? 0.2105 0.2397 0.1971 0.0093  -0.0242 0.0973  301 HOH B O     
627 O  O     B HOH F . ? 0.2282 0.1913 0.5520 -0.0155 0.0854  -0.0549 302 HOH B O     
628 O  O     . HOH F . ? 0.4073 0.3314 0.2904 -0.1521 -0.2563 0.1671  303 HOH B O     
629 O  O     . HOH F . ? 0.2403 0.2260 0.1092 -0.0057 -0.0233 0.0310  304 HOH B O     
630 O  O     . HOH F . ? 0.2798 0.3852 0.1868 -0.0946 -0.0654 0.1079  305 HOH B O     
631 O  O     . HOH F . ? 0.4028 0.4651 0.4582 0.0066  -0.2023 0.0768  306 HOH B O     
632 O  O     A HOH F . ? 0.1296 0.1151 0.1530 -0.0112 -0.0558 0.0054  307 HOH B O     
633 O  O     B HOH F . ? 0.1855 0.1579 0.2069 -0.0202 -0.0085 -0.0168 307 HOH B O     
634 O  O     . HOH F . ? 0.1778 0.1778 0.1523 0.0036  -0.0380 0.0458  308 HOH B O     
635 O  O     . HOH F . ? 0.2761 0.5876 0.2923 0.1679  0.0215  0.2215  309 HOH B O     
636 O  O     . HOH F . ? 0.6075 0.5077 0.1840 0.1948  -0.0271 0.0753  310 HOH B O     
637 O  O     . HOH F . ? 0.2043 0.2284 0.1264 -0.0040 -0.0581 -0.0199 311 HOH B O     
638 O  O     . HOH F . ? 0.5084 0.2729 0.2237 -0.1326 0.0090  -0.0378 312 HOH B O     
639 O  O     . HOH F . ? 0.4742 0.3239 0.7117 0.0164  0.1069  0.0534  313 HOH B O     
640 O  O     A HOH F . ? 0.2353 0.3069 0.0643 -0.0846 -0.0249 0.0051  314 HOH B O     
641 O  O     B HOH F . ? 0.2758 0.1733 0.2024 0.0716  -0.1300 -0.0269 314 HOH B O     
642 O  O     A HOH F . ? 0.1959 0.5899 0.2341 0.0082  -0.0911 0.2595  315 HOH B O     
643 O  O     B HOH F . ? 0.3160 0.2193 0.1090 -0.0415 0.0400  0.0201  315 HOH B O     
644 O  O     A HOH F . ? 0.2390 0.2094 0.2051 -0.0144 0.0446  0.0438  316 HOH B O     
645 O  O     A HOH F . ? 0.7446 0.2725 0.1475 -0.0204 0.0056  0.0142  317 HOH B O     
646 O  O     B HOH F . ? 0.6959 0.2686 0.0949 -0.0684 -0.0856 0.0418  317 HOH B O     
647 O  O     . HOH F . ? 0.2370 0.1799 0.0959 -0.0188 -0.0586 0.0070  318 HOH B O     
648 O  O     A HOH F . ? 0.3854 0.2677 0.1823 0.0731  0.0388  0.0637  319 HOH B O     
649 O  O     B HOH F . ? 0.3175 0.2009 0.2216 0.0212  0.0544  0.0540  319 HOH B O     
650 O  O     . HOH F . ? 0.2197 0.2057 0.6379 0.0079  -0.0316 0.2584  320 HOH B O     
651 O  O     A HOH F . ? 0.1402 0.1624 0.1764 0.0215  -0.0456 0.0335  321 HOH B O     
652 O  O     B HOH F . ? 0.1779 0.3057 0.1370 0.0643  -0.0211 0.1069  321 HOH B O     
653 O  O     . HOH F . ? 0.5453 0.4107 0.2254 0.0300  0.0596  0.1294  322 HOH B O     
654 O  O     . HOH F . ? 0.4212 0.6190 0.1379 0.1830  -0.0476 0.0251  323 HOH B O     
655 O  O     A HOH F . ? 0.2134 0.6503 0.1316 -0.1808 -0.0814 0.1480  324 HOH B O     
656 O  O     B HOH F . ? 0.2664 0.2886 0.0556 -0.1400 0.0103  -0.0142 324 HOH B O     
657 O  O     . HOH F . ? 0.2269 0.5910 0.3555 0.1315  -0.1512 -0.1846 325 HOH B O     
658 O  O     . HOH F . ? 0.3175 0.3005 0.1829 -0.0016 0.0066  0.1300  326 HOH B O     
659 O  O     . HOH F . ? 0.4328 0.3696 0.2525 0.0903  -0.0080 0.0824  327 HOH B O     
660 O  O     A HOH F . ? 0.1039 0.1402 0.3898 0.0452  0.0170  -0.0503 328 HOH B O     
661 O  O     B HOH F . ? 0.1208 0.5296 0.0769 -0.0445 -0.0583 0.0928  328 HOH B O     
662 O  O     A HOH F . ? 0.4286 0.6093 0.2129 -0.1043 -0.0157 0.0467  329 HOH B O     
663 O  O     . HOH F . ? 0.4723 0.3702 0.6637 0.0244  -0.0950 0.1666  330 HOH B O     
664 O  O     . HOH F . ? 0.2324 0.3308 0.2846 0.0324  -0.0244 0.0205  331 HOH B O     
665 O  O     . HOH F . ? 0.3167 0.6453 0.2900 0.0609  -0.0595 0.2296  332 HOH B O     
666 O  O     A HOH F . ? 0.2447 0.6914 0.3267 0.0900  -0.1221 -0.0066 333 HOH B O     
667 O  O     B HOH F . ? 0.4620 0.2370 0.5590 -0.0630 -0.1835 0.1728  333 HOH B O     
668 O  O     . HOH F . ? 0.7180 0.3906 0.2036 0.1240  -0.0151 0.0216  334 HOH B O     
669 O  O     . HOH F . ? 0.6785 0.1943 0.3267 0.0962  -0.0252 0.0104  335 HOH B O     
670 O  O     . HOH F . ? 0.3442 0.3307 0.5688 0.0752  -0.1841 -0.0982 336 HOH B O     
671 O  O     . HOH F . ? 0.6880 0.3281 0.0919 -0.1736 -0.0233 0.0304  337 HOH B O     
672 O  O     . HOH F . ? 0.2374 0.3397 0.4949 -0.0305 0.0099  0.0119  338 HOH B O     
673 O  O     . HOH F . ? 0.3297 0.2628 0.2565 0.0437  -0.0795 0.0872  339 HOH B O     
674 O  O     . HOH F . ? 0.5994 0.3244 0.2522 -0.0466 -0.0869 0.0447  340 HOH B O     
675 O  O     . HOH F . ? 0.4063 0.2825 0.3971 0.1308  0.0615  0.1424  341 HOH B O     
676 O  O     . HOH F . ? 0.4024 0.2707 0.2509 -0.0214 -0.0017 -0.0559 342 HOH B O     
677 O  O     . HOH F . ? 0.4337 0.2879 0.5716 -0.0242 -0.0639 0.2232  343 HOH B O     
678 O  O     . HOH F . ? 0.2463 0.3825 0.2580 -0.0579 -0.0089 0.1002  344 HOH B O     
679 O  O     . HOH F . ? 0.6044 0.5011 0.3662 -0.0115 0.2413  0.0879  345 HOH B O     
680 O  O     . HOH F . ? 0.4142 0.4913 0.1589 0.0220  -0.0904 -0.0508 346 HOH B O     
681 O  O     . HOH F . ? 0.7045 0.7334 0.3107 0.0245  -0.1433 0.0984  347 HOH B O     
# 
